data_9MCC
#
_entry.id   9MCC
#
_cell.length_a   1.00
_cell.length_b   1.00
_cell.length_c   1.00
_cell.angle_alpha   90.00
_cell.angle_beta   90.00
_cell.angle_gamma   90.00
#
_symmetry.space_group_name_H-M   'P 1'
#
loop_
_entity.id
_entity.type
_entity.pdbx_description
1 polymer 'Light-harvesting complex'
2 polymer 'light-harvesting complex'
3 non-polymer 'CHLOROPHYLL A'
4 non-polymer '[(2~{Z},4~{E},6~{E},8~{E},10~{E},12~{E},14~{E})-17-[(4~{S},6~{R})-4-acetyloxy-2,2,6-trimethyl-6-oxidanyl-cyclohexylidene]-6,11,15-trimethyl-2-[(~{E})-2-[(1~{S},4~{S},6~{R})-2,2,6-trimethyl-4-oxidanyl-7-oxabicyclo[4.1.0]heptan-1-yl]ethenyl]heptadeca-2,4,6,8,10,12,14,16-octaenyl] octanoate'
5 non-polymer "(3S,5R,6S,3'S,5'R,6'S)-5,6,5',6'-DIEPOXY-5,6,5',6'- TETRAHYDRO-BETA,BETA-CAROTENE-3,3'-DIOL"
6 water water
#
loop_
_entity_poly.entity_id
_entity_poly.type
_entity_poly.pdbx_seq_one_letter_code
_entity_poly.pdbx_strand_id
1 'polypeptide(L)'
;SDNTRTLPDRENSCPGLLLLLLPIMKTAIALLPFLGAATAFVTPMSKTSMARGRSLQMSFDDEAGAIQWFPPSPGYWDPL
GFVADGDTEKFSKYRAIEIKHGRVAMLGALDYFIKTPSGWHLPGKLGDVDIDSIPVGLGAIKAVPPLGWVQILLFASALE
FLAPQKEDQPPGAVQPATPSFEQPGTLEYQTKEINNGRLAMIALAGLWLGELASGGTDPIVAFKTWVGI
;
A,C
2 'polypeptide(L)'
;MVAKSAALVVMGLSMASAFLAPTPNNRASAQAPMKMAKSAATKEFPFDDQPGGVKWFPSSAPYWDPLGFTNEKTEDEYWR
IAHGEIKNGRLAMLAVTHYFVVGSGLRFPFKFGSVSTADVPLGLGAIKALPWAVWLQIAAFCLVLEVLTENPGFGERVPG
RVPGNLQPDTPSFNAPGDLEIRTKELNNARLAMISIWGLWVGEIASGGVDPFTSFANWLKL
;
B,D
#
loop_
_chem_comp.id
_chem_comp.type
_chem_comp.name
_chem_comp.formula
A1L1F non-polymer '[(2~{Z},4~{E},6~{E},8~{E},10~{E},12~{E},14~{E})-17-[(4~{S},6~{R})-4-acetyloxy-2,2,6-trimethyl-6-oxidanyl-cyclohexylidene]-6,11,15-trimethyl-2-[(~{E})-2-[(1~{S},4~{S},6~{R})-2,2,6-trimethyl-4-oxidanyl-7-oxabicyclo[4.1.0]heptan-1-yl]ethenyl]heptadeca-2,4,6,8,10,12,14,16-octaenyl] octanoate' 'C50 H72 O7'
CLA non-polymer 'CHLOROPHYLL A' 'C55 H72 Mg N4 O5'
XAT non-polymer '(3S,5R,6S,3'S,5'R,6'S)-5,6,5',6'-DIEPOXY-5,6,5',6'- TETRAHYDRO-BETA,BETA-CAROTENE-3,3'-DIOL' 'C40 H56 O4'
#
# COMPACT_ATOMS: atom_id res chain seq x y z
N MET A 58 16.81 -33.04 15.89
CA MET A 58 17.35 -32.06 14.97
C MET A 58 16.24 -31.48 14.09
N SER A 59 15.01 -31.51 14.62
CA SER A 59 13.86 -30.95 13.91
C SER A 59 13.78 -29.44 14.15
N PHE A 60 14.83 -28.75 13.72
CA PHE A 60 14.95 -27.31 13.89
C PHE A 60 14.51 -26.54 12.66
N ASP A 61 14.06 -27.22 11.61
CA ASP A 61 13.56 -26.54 10.43
C ASP A 61 12.18 -25.94 10.66
N ASP A 62 11.36 -26.58 11.50
CA ASP A 62 10.01 -26.10 11.79
C ASP A 62 9.93 -25.29 13.07
N GLU A 63 11.05 -25.02 13.72
CA GLU A 63 11.04 -24.17 14.90
C GLU A 63 10.84 -22.71 14.51
N ALA A 64 10.45 -21.90 15.49
CA ALA A 64 10.25 -20.48 15.25
C ALA A 64 11.58 -19.79 14.99
N GLY A 65 11.56 -18.74 14.16
CA GLY A 65 12.76 -18.00 13.85
C GLY A 65 13.77 -18.75 13.02
N ALA A 66 13.34 -19.85 12.40
CA ALA A 66 14.21 -20.60 11.51
C ALA A 66 14.23 -19.94 10.14
N ILE A 67 15.42 -19.52 9.69
CA ILE A 67 15.57 -18.73 8.48
C ILE A 67 16.19 -19.61 7.40
N GLN A 68 15.47 -19.76 6.29
CA GLN A 68 15.98 -20.41 5.10
C GLN A 68 16.30 -19.30 4.09
N TRP A 69 17.59 -19.01 3.92
CA TRP A 69 17.99 -17.86 3.11
C TRP A 69 17.52 -18.01 1.67
N PHE A 70 17.70 -19.19 1.10
CA PHE A 70 17.38 -19.50 -0.28
C PHE A 70 16.62 -20.81 -0.32
N PRO A 71 15.89 -21.08 -1.40
CA PRO A 71 15.18 -22.35 -1.52
C PRO A 71 16.10 -23.56 -1.38
N PRO A 72 17.34 -23.53 -1.90
CA PRO A 72 18.23 -24.67 -1.66
C PRO A 72 18.92 -24.66 -0.31
N SER A 73 18.71 -23.63 0.51
CA SER A 73 19.39 -23.51 1.79
C SER A 73 18.80 -24.48 2.81
N PRO A 74 19.57 -24.82 3.85
CA PRO A 74 19.02 -25.62 4.94
C PRO A 74 17.87 -24.90 5.62
N GLY A 75 17.02 -25.68 6.30
CA GLY A 75 15.83 -25.14 6.93
C GLY A 75 16.10 -24.10 7.99
N TYR A 76 17.26 -24.16 8.65
CA TYR A 76 17.63 -23.17 9.66
C TYR A 76 19.09 -22.81 9.45
N TRP A 77 19.57 -21.85 10.24
CA TRP A 77 20.91 -21.32 10.05
C TRP A 77 21.78 -21.55 11.27
N ASP A 78 22.86 -22.31 11.12
CA ASP A 78 23.76 -22.63 12.20
C ASP A 78 25.11 -23.06 11.62
N PRO A 79 25.88 -22.12 11.04
CA PRO A 79 27.12 -22.51 10.36
C PRO A 79 28.18 -23.10 11.26
N LEU A 80 28.14 -22.84 12.57
CA LEU A 80 29.13 -23.36 13.50
C LEU A 80 28.73 -24.68 14.13
N GLY A 81 27.56 -25.21 13.78
CA GLY A 81 27.13 -26.49 14.28
C GLY A 81 26.93 -26.56 15.78
N PHE A 82 26.29 -25.54 16.35
CA PHE A 82 26.04 -25.52 17.79
C PHE A 82 24.95 -26.51 18.21
N VAL A 83 24.00 -26.81 17.31
CA VAL A 83 22.94 -27.77 17.61
C VAL A 83 22.92 -28.84 16.53
N ALA A 84 24.09 -29.08 15.91
CA ALA A 84 24.19 -30.04 14.82
C ALA A 84 23.89 -31.46 15.28
N ASP A 85 24.09 -31.78 16.56
CA ASP A 85 23.76 -33.11 17.05
C ASP A 85 22.26 -33.30 17.20
N GLY A 86 21.51 -32.23 17.44
CA GLY A 86 20.08 -32.32 17.66
C GLY A 86 19.75 -32.66 19.10
N ASP A 87 20.38 -31.93 20.03
CA ASP A 87 20.23 -32.23 21.44
C ASP A 87 18.79 -32.04 21.90
N THR A 88 18.11 -31.02 21.37
CA THR A 88 16.71 -30.70 21.67
C THR A 88 16.57 -30.15 23.08
N GLU A 89 17.66 -30.19 23.85
CA GLU A 89 17.74 -29.53 25.15
C GLU A 89 18.75 -28.41 25.16
N LYS A 90 19.88 -28.58 24.45
CA LYS A 90 20.78 -27.46 24.20
C LYS A 90 20.09 -26.41 23.33
N PHE A 91 19.32 -26.85 22.33
CA PHE A 91 18.60 -25.90 21.48
C PHE A 91 17.57 -25.12 22.27
N SER A 92 16.86 -25.79 23.20
CA SER A 92 15.87 -25.08 24.00
C SER A 92 16.53 -24.02 24.88
N LYS A 93 17.69 -24.36 25.47
CA LYS A 93 18.43 -23.37 26.25
C LYS A 93 18.89 -22.21 25.37
N TYR A 94 19.40 -22.51 24.18
CA TYR A 94 19.84 -21.47 23.27
C TYR A 94 18.70 -20.57 22.82
N ARG A 95 17.52 -21.13 22.56
CA ARG A 95 16.35 -20.34 22.21
C ARG A 95 15.84 -19.50 23.35
N ALA A 96 15.87 -20.02 24.58
CA ALA A 96 15.55 -19.18 25.73
C ALA A 96 16.52 -18.02 25.87
N ILE A 97 17.82 -18.28 25.67
CA ILE A 97 18.83 -17.22 25.74
C ILE A 97 18.59 -16.19 24.65
N GLU A 98 18.34 -16.65 23.43
CA GLU A 98 18.11 -15.74 22.31
C GLU A 98 16.86 -14.90 22.54
N ILE A 99 15.80 -15.51 23.05
CA ILE A 99 14.56 -14.78 23.31
C ILE A 99 14.79 -13.73 24.40
N LYS A 100 15.48 -14.10 25.48
CA LYS A 100 15.72 -13.13 26.55
C LYS A 100 16.58 -11.97 26.07
N HIS A 101 17.64 -12.27 25.33
CA HIS A 101 18.49 -11.23 24.75
C HIS A 101 17.68 -10.32 23.84
N GLY A 102 16.81 -10.90 23.02
CA GLY A 102 16.02 -10.10 22.10
C GLY A 102 15.02 -9.20 22.78
N ARG A 103 14.38 -9.70 23.84
CA ARG A 103 13.41 -8.87 24.57
C ARG A 103 14.10 -7.74 25.33
N VAL A 104 15.23 -8.04 25.97
CA VAL A 104 15.99 -6.98 26.64
C VAL A 104 16.44 -5.93 25.64
N ALA A 105 16.92 -6.38 24.47
CA ALA A 105 17.35 -5.43 23.44
C ALA A 105 16.18 -4.66 22.86
N MET A 106 14.98 -5.27 22.80
CA MET A 106 13.81 -4.55 22.32
C MET A 106 13.46 -3.41 23.27
N LEU A 107 13.51 -3.66 24.58
CA LEU A 107 13.28 -2.59 25.54
C LEU A 107 14.36 -1.51 25.44
N GLY A 108 15.62 -1.93 25.25
CA GLY A 108 16.69 -0.95 25.09
C GLY A 108 16.53 -0.09 23.85
N ALA A 109 16.12 -0.69 22.74
CA ALA A 109 15.89 0.06 21.51
C ALA A 109 14.72 1.03 21.67
N LEU A 110 13.67 0.60 22.37
CA LEU A 110 12.57 1.52 22.65
C LEU A 110 13.06 2.70 23.48
N ASP A 111 13.92 2.45 24.46
CA ASP A 111 14.51 3.55 25.23
C ASP A 111 15.28 4.49 24.32
N TYR A 112 16.11 3.94 23.43
CA TYR A 112 16.94 4.76 22.56
C TYR A 112 16.07 5.64 21.66
N PHE A 113 15.03 5.06 21.07
CA PHE A 113 14.28 5.73 20.02
C PHE A 113 13.05 6.47 20.53
N ILE A 114 12.77 6.40 21.83
CA ILE A 114 11.81 7.32 22.43
C ILE A 114 12.47 8.63 22.86
N LYS A 115 13.80 8.67 22.89
CA LYS A 115 14.54 9.85 23.35
C LYS A 115 15.08 10.69 22.22
N THR A 116 15.52 10.08 21.12
CA THR A 116 16.15 10.83 20.05
C THR A 116 15.52 10.48 18.71
N PRO A 117 15.33 11.45 17.80
CA PRO A 117 15.71 12.86 17.94
C PRO A 117 14.65 13.72 18.63
N SER A 118 13.66 13.09 19.24
CA SER A 118 12.54 13.83 19.83
C SER A 118 12.99 14.69 20.99
N GLY A 119 13.96 14.22 21.77
CA GLY A 119 14.39 14.93 22.95
C GLY A 119 13.57 14.67 24.19
N TRP A 120 12.66 13.70 24.16
CA TRP A 120 11.79 13.43 25.29
C TRP A 120 12.57 12.79 26.43
N HIS A 121 12.28 13.26 27.64
CA HIS A 121 12.80 12.63 28.86
C HIS A 121 11.92 13.05 30.02
N LEU A 122 12.00 12.29 31.10
CA LEU A 122 11.20 12.60 32.28
C LEU A 122 11.61 13.95 32.86
N PRO A 123 10.66 14.82 33.18
CA PRO A 123 11.03 16.11 33.77
C PRO A 123 11.54 15.94 35.19
N GLY A 124 12.39 16.88 35.60
CA GLY A 124 12.86 16.91 36.98
C GLY A 124 14.25 16.35 37.17
N LYS A 125 14.49 15.77 38.35
CA LYS A 125 15.80 15.27 38.72
C LYS A 125 15.69 13.82 39.19
N LEU A 126 16.76 13.07 38.99
CA LEU A 126 16.86 11.68 39.44
C LEU A 126 17.90 11.66 40.57
N GLY A 127 17.46 11.93 41.79
CA GLY A 127 18.34 11.94 42.93
C GLY A 127 19.48 12.93 42.83
N ASP A 128 19.14 14.23 42.81
CA ASP A 128 20.10 15.33 42.73
C ASP A 128 20.88 15.33 41.41
N VAL A 129 20.39 14.63 40.40
CA VAL A 129 21.01 14.59 39.08
C VAL A 129 19.98 15.04 38.06
N ASP A 130 20.34 16.05 37.27
CA ASP A 130 19.44 16.56 36.25
C ASP A 130 19.19 15.49 35.18
N ILE A 131 17.91 15.24 34.88
CA ILE A 131 17.56 14.25 33.86
C ILE A 131 17.96 14.75 32.48
N ASP A 132 17.83 16.07 32.23
CA ASP A 132 18.26 16.62 30.97
C ASP A 132 19.77 16.56 30.80
N SER A 133 20.52 16.34 31.88
CA SER A 133 21.95 16.16 31.83
C SER A 133 22.37 14.71 31.58
N ILE A 134 21.41 13.80 31.52
CA ILE A 134 21.68 12.39 31.27
C ILE A 134 21.63 12.15 29.76
N PRO A 135 22.73 11.73 29.14
CA PRO A 135 22.74 11.62 27.67
C PRO A 135 21.97 10.41 27.16
N VAL A 136 22.02 10.21 25.85
CA VAL A 136 21.44 9.04 25.19
C VAL A 136 22.58 8.12 24.79
N GLY A 137 22.59 6.91 25.35
CA GLY A 137 23.64 5.96 25.03
C GLY A 137 24.48 5.55 26.22
N LEU A 138 25.71 5.09 25.95
CA LEU A 138 26.58 4.62 27.01
C LEU A 138 27.01 5.73 27.96
N GLY A 139 27.01 6.98 27.50
CA GLY A 139 27.35 8.10 28.36
C GLY A 139 26.39 8.26 29.53
N ALA A 140 25.21 7.65 29.45
CA ALA A 140 24.25 7.67 30.54
C ALA A 140 24.56 6.64 31.63
N ILE A 141 25.52 5.75 31.39
CA ILE A 141 25.85 4.75 32.40
C ILE A 141 26.42 5.41 33.65
N LYS A 142 27.29 6.39 33.47
CA LYS A 142 27.85 7.12 34.60
C LYS A 142 27.01 8.32 35.01
N ALA A 143 26.26 8.91 34.08
CA ALA A 143 25.39 10.03 34.41
C ALA A 143 24.28 9.62 35.36
N VAL A 144 23.67 8.47 35.11
CA VAL A 144 22.62 7.95 36.00
C VAL A 144 23.23 7.63 37.36
N PRO A 145 22.60 8.00 38.47
CA PRO A 145 23.19 7.72 39.77
C PRO A 145 23.38 6.23 39.97
N PRO A 146 24.43 5.82 40.69
CA PRO A 146 24.63 4.40 40.96
C PRO A 146 23.47 3.76 41.71
N LEU A 147 22.80 4.51 42.59
CA LEU A 147 21.65 3.97 43.30
C LEU A 147 20.51 3.65 42.34
N GLY A 148 20.30 4.50 41.33
CA GLY A 148 19.26 4.21 40.35
C GLY A 148 19.56 2.96 39.55
N TRP A 149 20.82 2.78 39.15
CA TRP A 149 21.20 1.56 38.45
C TRP A 149 21.04 0.35 39.36
N VAL A 150 21.36 0.49 40.64
CA VAL A 150 21.18 -0.61 41.58
C VAL A 150 19.71 -0.97 41.70
N GLN A 151 18.83 0.04 41.77
CA GLN A 151 17.39 -0.22 41.84
C GLN A 151 16.88 -0.91 40.59
N ILE A 152 17.35 -0.47 39.41
CA ILE A 152 16.92 -1.09 38.16
C ILE A 152 17.39 -2.54 38.10
N LEU A 153 18.64 -2.79 38.50
CA LEU A 153 19.16 -4.15 38.52
C LEU A 153 18.39 -5.02 39.50
N LEU A 154 18.03 -4.46 40.65
CA LEU A 154 17.24 -5.20 41.64
C LEU A 154 15.86 -5.53 41.08
N PHE A 155 15.25 -4.59 40.35
CA PHE A 155 13.96 -4.86 39.73
C PHE A 155 14.06 -5.99 38.71
N ALA A 156 15.11 -5.96 37.88
CA ALA A 156 15.28 -7.03 36.89
C ALA A 156 15.56 -8.37 37.57
N SER A 157 16.36 -8.37 38.64
CA SER A 157 16.64 -9.59 39.37
C SER A 157 15.38 -10.15 40.02
N ALA A 158 14.55 -9.28 40.60
CA ALA A 158 13.29 -9.72 41.17
C ALA A 158 12.36 -10.28 40.10
N LEU A 159 12.36 -9.66 38.91
CA LEU A 159 11.57 -10.19 37.80
C LEU A 159 12.05 -11.58 37.41
N GLU A 160 13.37 -11.77 37.35
CA GLU A 160 13.91 -13.09 37.01
C GLU A 160 13.56 -14.13 38.07
N PHE A 161 13.64 -13.75 39.34
CA PHE A 161 13.29 -14.68 40.42
C PHE A 161 11.80 -15.04 40.38
N LEU A 162 10.94 -14.04 40.16
CA LEU A 162 9.49 -14.28 40.20
C LEU A 162 8.99 -14.95 38.93
N ALA A 163 9.68 -14.77 37.81
CA ALA A 163 9.27 -15.36 36.53
C ALA A 163 10.46 -16.09 35.91
N PRO A 164 10.82 -17.24 36.48
CA PRO A 164 11.93 -18.02 35.93
C PRO A 164 11.44 -18.94 34.81
N GLN A 165 12.40 -19.59 34.16
CA GLN A 165 12.10 -20.52 33.07
C GLN A 165 11.88 -21.91 33.65
N LYS A 166 10.69 -22.46 33.43
CA LYS A 166 10.37 -23.82 33.83
C LYS A 166 10.58 -24.77 32.66
N GLU A 167 11.03 -25.99 32.98
CA GLU A 167 11.31 -26.96 31.94
C GLU A 167 10.05 -27.50 31.27
N ASP A 168 8.90 -27.44 31.94
CA ASP A 168 7.66 -27.89 31.34
C ASP A 168 7.13 -26.90 30.31
N GLN A 169 7.43 -25.62 30.47
CA GLN A 169 6.96 -24.58 29.57
C GLN A 169 7.91 -24.41 28.39
N PRO A 170 7.42 -23.90 27.26
CA PRO A 170 8.30 -23.66 26.13
C PRO A 170 9.32 -22.59 26.46
N PRO A 171 10.47 -22.59 25.78
CA PRO A 171 11.48 -21.57 26.05
C PRO A 171 10.95 -20.17 25.78
N GLY A 172 11.22 -19.25 26.71
CA GLY A 172 10.74 -17.89 26.62
C GLY A 172 9.38 -17.66 27.24
N ALA A 173 8.61 -18.72 27.49
CA ALA A 173 7.29 -18.59 28.12
C ALA A 173 7.48 -18.47 29.63
N VAL A 174 8.00 -17.32 30.03
CA VAL A 174 8.35 -17.07 31.43
C VAL A 174 7.31 -16.26 32.18
N GLN A 175 6.41 -15.57 31.48
CA GLN A 175 5.34 -14.83 32.15
C GLN A 175 4.44 -15.81 32.89
N PRO A 176 4.07 -15.52 34.14
CA PRO A 176 3.20 -16.45 34.88
C PRO A 176 1.87 -16.66 34.18
N ALA A 177 1.35 -17.88 34.31
CA ALA A 177 0.15 -18.27 33.58
C ALA A 177 -1.05 -17.45 34.04
N THR A 178 -1.77 -16.86 33.09
CA THR A 178 -2.98 -16.09 33.36
C THR A 178 -3.79 -16.06 32.08
N PRO A 179 -5.12 -16.07 32.18
CA PRO A 179 -5.94 -16.01 30.95
C PRO A 179 -5.69 -14.78 30.10
N SER A 180 -5.30 -13.65 30.72
CA SER A 180 -5.09 -12.43 29.96
C SER A 180 -3.90 -12.55 29.01
N PHE A 181 -2.85 -13.25 29.42
CA PHE A 181 -1.61 -13.34 28.64
C PHE A 181 -1.61 -14.66 27.88
N GLU A 182 -1.58 -14.56 26.55
CA GLU A 182 -1.51 -15.76 25.71
C GLU A 182 -0.13 -16.39 25.79
N GLN A 183 -0.08 -17.71 25.83
CA GLN A 183 1.17 -18.46 25.83
C GLN A 183 0.95 -19.79 25.11
N PRO A 184 1.92 -20.23 24.29
CA PRO A 184 3.14 -19.49 23.95
C PRO A 184 2.97 -18.62 22.72
N GLY A 185 1.74 -18.48 22.25
CA GLY A 185 1.44 -17.77 21.03
C GLY A 185 1.61 -18.65 19.80
N THR A 186 1.13 -18.13 18.68
CA THR A 186 1.26 -18.83 17.42
C THR A 186 2.71 -18.81 16.96
N LEU A 187 3.06 -19.76 16.07
CA LEU A 187 4.42 -19.81 15.55
C LEU A 187 4.74 -18.56 14.75
N GLU A 188 3.74 -17.96 14.10
CA GLU A 188 3.95 -16.69 13.41
C GLU A 188 4.38 -15.60 14.38
N TYR A 189 3.70 -15.50 15.53
CA TYR A 189 4.07 -14.48 16.50
C TYR A 189 5.35 -14.81 17.23
N GLN A 190 5.64 -16.10 17.44
CA GLN A 190 6.94 -16.48 17.99
C GLN A 190 8.07 -16.07 17.06
N THR A 191 7.89 -16.31 15.76
CA THR A 191 8.88 -15.90 14.77
C THR A 191 9.02 -14.39 14.73
N LYS A 192 7.90 -13.67 14.79
CA LYS A 192 7.95 -12.21 14.79
C LYS A 192 8.71 -11.68 16.01
N GLU A 193 8.44 -12.26 17.19
CA GLU A 193 9.14 -11.88 18.40
C GLU A 193 10.64 -12.13 18.26
N ILE A 194 11.00 -13.31 17.77
CA ILE A 194 12.42 -13.67 17.65
C ILE A 194 13.11 -12.76 16.63
N ASN A 195 12.43 -12.43 15.54
CA ASN A 195 13.04 -11.59 14.50
C ASN A 195 13.21 -10.15 14.97
N ASN A 196 12.18 -9.57 15.59
CA ASN A 196 12.32 -8.22 16.12
C ASN A 196 13.36 -8.19 17.23
N GLY A 197 13.47 -9.27 18.01
CA GLY A 197 14.52 -9.34 19.01
C GLY A 197 15.91 -9.41 18.42
N ARG A 198 16.06 -10.16 17.32
CA ARG A 198 17.34 -10.19 16.62
C ARG A 198 17.70 -8.81 16.09
N LEU A 199 16.71 -8.11 15.52
CA LEU A 199 16.96 -6.76 15.02
C LEU A 199 17.36 -5.82 16.14
N ALA A 200 16.68 -5.89 17.29
CA ALA A 200 17.03 -5.01 18.41
C ALA A 200 18.40 -5.38 18.98
N MET A 201 18.72 -6.67 19.01
CA MET A 201 20.04 -7.12 19.45
C MET A 201 21.14 -6.51 18.58
N ILE A 202 21.00 -6.67 17.26
CA ILE A 202 21.96 -6.11 16.32
C ILE A 202 22.02 -4.59 16.47
N ALA A 203 20.85 -3.96 16.63
CA ALA A 203 20.78 -2.51 16.70
C ALA A 203 21.49 -1.97 17.92
N LEU A 204 21.32 -2.59 19.08
CA LEU A 204 21.99 -2.09 20.27
C LEU A 204 23.48 -2.39 20.25
N ALA A 205 23.87 -3.55 19.70
CA ALA A 205 25.30 -3.80 19.51
C ALA A 205 25.93 -2.75 18.62
N GLY A 206 25.25 -2.39 17.52
CA GLY A 206 25.76 -1.37 16.62
C GLY A 206 25.65 0.05 17.14
N LEU A 207 24.72 0.29 18.07
CA LEU A 207 24.69 1.58 18.74
C LEU A 207 25.90 1.74 19.65
N TRP A 208 26.17 0.72 20.47
CA TRP A 208 27.31 0.79 21.38
C TRP A 208 28.62 0.85 20.61
N LEU A 209 28.77 -0.02 19.61
CA LEU A 209 29.94 0.01 18.73
C LEU A 209 29.60 0.96 17.57
N GLY A 210 30.00 2.22 17.71
CA GLY A 210 29.57 3.24 16.79
C GLY A 210 29.31 4.54 17.54
N GLU A 211 28.85 4.43 18.78
CA GLU A 211 28.96 5.56 19.69
C GLU A 211 30.38 5.74 20.19
N LEU A 212 31.10 4.64 20.39
CA LEU A 212 32.51 4.72 20.76
C LEU A 212 33.37 5.11 19.56
N ALA A 213 33.04 4.57 18.38
CA ALA A 213 33.86 4.81 17.20
C ALA A 213 33.73 6.25 16.73
N SER A 214 32.53 6.81 16.77
CA SER A 214 32.31 8.18 16.29
C SER A 214 32.64 9.23 17.34
N GLY A 215 33.01 8.83 18.54
CA GLY A 215 33.31 9.77 19.60
C GLY A 215 32.12 10.29 20.36
N GLY A 216 30.94 9.73 20.15
CA GLY A 216 29.73 10.14 20.82
C GLY A 216 28.69 10.83 19.97
N THR A 217 28.70 10.62 18.66
CA THR A 217 27.71 11.24 17.80
C THR A 217 26.32 10.65 18.07
N ASP A 218 25.31 11.50 17.99
CA ASP A 218 23.94 11.04 18.16
C ASP A 218 23.61 10.04 17.06
N PRO A 219 23.02 8.89 17.39
CA PRO A 219 22.74 7.88 16.35
C PRO A 219 21.83 8.36 15.24
N ILE A 220 20.83 9.19 15.57
CA ILE A 220 19.95 9.72 14.54
C ILE A 220 20.69 10.70 13.65
N VAL A 221 21.51 11.56 14.25
CA VAL A 221 22.32 12.50 13.47
C VAL A 221 23.30 11.74 12.59
N ALA A 222 23.95 10.71 13.13
CA ALA A 222 24.88 9.93 12.35
C ALA A 222 24.20 9.23 11.19
N PHE A 223 23.02 8.66 11.42
CA PHE A 223 22.28 8.00 10.34
C PHE A 223 21.85 9.02 9.28
N LYS A 224 21.39 10.19 9.70
CA LYS A 224 20.96 11.21 8.75
C LYS A 224 22.13 11.67 7.88
N THR A 225 23.30 11.86 8.50
CA THR A 225 24.49 12.20 7.72
C THR A 225 24.88 11.06 6.79
N TRP A 226 24.79 9.82 7.27
CA TRP A 226 25.21 8.67 6.48
C TRP A 226 24.34 8.49 5.24
N VAL A 227 23.03 8.63 5.37
CA VAL A 227 22.13 8.42 4.23
C VAL A 227 21.75 9.71 3.53
N GLY A 228 22.06 10.87 4.11
CA GLY A 228 21.82 12.13 3.42
C GLY A 228 20.43 12.70 3.58
N ILE A 229 19.85 12.63 4.77
CA ILE A 229 18.53 13.21 5.01
C ILE A 229 18.59 14.18 6.18
N GLU B 44 17.63 -31.79 -36.44
CA GLU B 44 16.60 -31.49 -35.47
C GLU B 44 16.83 -30.13 -34.82
N PHE B 45 15.73 -29.45 -34.47
CA PHE B 45 15.77 -28.16 -33.80
C PHE B 45 14.90 -28.28 -32.56
N PRO B 46 15.46 -28.78 -31.44
CA PRO B 46 14.62 -29.10 -30.27
C PRO B 46 13.88 -27.91 -29.69
N PHE B 47 14.43 -26.70 -29.83
CA PHE B 47 13.84 -25.51 -29.21
C PHE B 47 13.02 -24.69 -30.20
N ASP B 48 12.46 -25.34 -31.21
CA ASP B 48 11.64 -24.65 -32.20
C ASP B 48 10.21 -24.42 -31.72
N ASP B 49 9.84 -24.97 -30.57
CA ASP B 49 8.53 -24.75 -29.98
C ASP B 49 8.55 -23.66 -28.92
N GLN B 50 9.67 -22.96 -28.76
CA GLN B 50 9.82 -21.88 -27.80
C GLN B 50 9.67 -20.53 -28.49
N PRO B 51 9.13 -19.54 -27.79
CA PRO B 51 8.98 -18.21 -28.40
C PRO B 51 10.32 -17.52 -28.58
N GLY B 52 10.35 -16.57 -29.52
CA GLY B 52 11.51 -15.75 -29.78
C GLY B 52 12.30 -16.16 -31.00
N GLY B 53 12.02 -17.33 -31.56
CA GLY B 53 12.74 -17.82 -32.72
C GLY B 53 12.58 -16.92 -33.94
N VAL B 54 13.69 -16.31 -34.37
CA VAL B 54 13.68 -15.46 -35.55
C VAL B 54 14.14 -16.27 -36.76
N LYS B 55 13.35 -16.23 -37.82
CA LYS B 55 13.69 -16.94 -39.05
C LYS B 55 13.98 -15.93 -40.16
N TRP B 56 15.26 -15.69 -40.42
CA TRP B 56 15.64 -14.63 -41.36
C TRP B 56 15.13 -14.89 -42.76
N PHE B 57 15.28 -16.12 -43.24
CA PHE B 57 14.91 -16.51 -44.60
C PHE B 57 14.01 -17.73 -44.55
N PRO B 58 13.21 -17.95 -45.60
CA PRO B 58 12.38 -19.16 -45.64
C PRO B 58 13.19 -20.45 -45.60
N SER B 59 14.45 -20.42 -46.04
CA SER B 59 15.33 -21.57 -46.00
C SER B 59 16.26 -21.56 -44.79
N SER B 60 16.07 -20.64 -43.85
CA SER B 60 16.94 -20.53 -42.70
C SER B 60 16.46 -21.42 -41.56
N ALA B 61 17.28 -21.52 -40.53
CA ALA B 61 16.93 -22.31 -39.35
C ALA B 61 15.77 -21.64 -38.59
N PRO B 62 14.95 -22.43 -37.89
CA PRO B 62 13.78 -21.84 -37.21
C PRO B 62 14.15 -20.78 -36.20
N TYR B 63 15.31 -20.87 -35.56
CA TYR B 63 15.76 -19.87 -34.60
C TYR B 63 17.24 -19.60 -34.81
N TRP B 64 17.67 -18.44 -34.34
CA TRP B 64 19.03 -17.95 -34.58
C TRP B 64 19.94 -18.40 -33.45
N ASP B 65 21.01 -19.12 -33.81
CA ASP B 65 22.03 -19.57 -32.86
C ASP B 65 23.30 -19.92 -33.60
N PRO B 66 24.00 -18.94 -34.20
CA PRO B 66 25.17 -19.27 -35.01
C PRO B 66 26.30 -19.92 -34.22
N LEU B 67 26.47 -19.56 -32.95
CA LEU B 67 27.55 -20.13 -32.14
C LEU B 67 27.14 -21.40 -31.41
N GLY B 68 25.90 -21.86 -31.59
CA GLY B 68 25.46 -23.10 -30.97
C GLY B 68 25.45 -23.06 -29.45
N PHE B 69 24.99 -21.95 -28.88
CA PHE B 69 24.86 -21.87 -27.43
C PHE B 69 23.82 -22.84 -26.89
N THR B 70 22.90 -23.29 -27.72
CA THR B 70 21.84 -24.20 -27.32
C THR B 70 22.11 -25.66 -27.68
N ASN B 71 23.27 -25.95 -28.28
CA ASN B 71 23.58 -27.32 -28.64
C ASN B 71 23.80 -28.17 -27.40
N GLU B 72 23.24 -29.38 -27.42
CA GLU B 72 23.43 -30.37 -26.35
C GLU B 72 23.01 -29.81 -25.00
N LYS B 73 21.94 -29.03 -24.98
CA LYS B 73 21.39 -28.46 -23.76
C LYS B 73 20.03 -29.11 -23.47
N THR B 74 19.83 -29.51 -22.22
CA THR B 74 18.58 -30.14 -21.82
C THR B 74 17.47 -29.10 -21.77
N GLU B 75 16.28 -29.57 -21.38
CA GLU B 75 15.14 -28.65 -21.25
C GLU B 75 15.39 -27.60 -20.19
N ASP B 76 15.98 -27.99 -19.05
CA ASP B 76 16.18 -27.06 -17.95
C ASP B 76 17.23 -26.01 -18.28
N GLU B 77 18.29 -26.39 -18.99
CA GLU B 77 19.33 -25.43 -19.33
C GLU B 77 18.81 -24.33 -20.24
N TYR B 78 18.13 -24.73 -21.33
CA TYR B 78 17.52 -23.72 -22.19
C TYR B 78 16.44 -22.95 -21.46
N TRP B 79 15.71 -23.60 -20.55
CA TRP B 79 14.71 -22.90 -19.76
C TRP B 79 15.35 -21.76 -18.97
N ARG B 80 16.49 -22.04 -18.32
CA ARG B 80 17.15 -21.00 -17.55
C ARG B 80 17.71 -19.91 -18.45
N ILE B 81 18.24 -20.29 -19.62
CA ILE B 81 18.76 -19.28 -20.53
C ILE B 81 17.64 -18.35 -21.00
N ALA B 82 16.47 -18.91 -21.35
CA ALA B 82 15.34 -18.10 -21.77
C ALA B 82 14.80 -17.25 -20.63
N HIS B 83 14.79 -17.80 -19.41
CA HIS B 83 14.38 -17.04 -18.24
C HIS B 83 15.29 -15.83 -18.04
N GLY B 84 16.60 -16.04 -18.16
CA GLY B 84 17.53 -14.94 -18.05
C GLY B 84 17.37 -13.91 -19.15
N GLU B 85 17.10 -14.38 -20.37
CA GLU B 85 16.84 -13.45 -21.48
C GLU B 85 15.64 -12.58 -21.16
N ILE B 86 14.55 -13.18 -20.70
CA ILE B 86 13.34 -12.44 -20.42
C ILE B 86 13.56 -11.43 -19.29
N LYS B 87 14.30 -11.84 -18.25
CA LYS B 87 14.53 -10.92 -17.14
C LYS B 87 15.44 -9.76 -17.54
N ASN B 88 16.53 -10.05 -18.26
CA ASN B 88 17.40 -8.98 -18.75
C ASN B 88 16.62 -8.04 -19.66
N GLY B 89 15.77 -8.59 -20.52
CA GLY B 89 15.01 -7.76 -21.45
C GLY B 89 13.97 -6.91 -20.77
N ARG B 90 13.28 -7.45 -19.76
CA ARG B 90 12.32 -6.66 -19.02
C ARG B 90 13.00 -5.53 -18.26
N LEU B 91 14.17 -5.82 -17.67
CA LEU B 91 14.95 -4.78 -17.01
C LEU B 91 15.34 -3.68 -18.01
N ALA B 92 15.78 -4.08 -19.20
CA ALA B 92 16.15 -3.11 -20.22
C ALA B 92 14.94 -2.31 -20.69
N MET B 93 13.78 -2.94 -20.83
CA MET B 93 12.57 -2.22 -21.23
C MET B 93 12.20 -1.17 -20.19
N LEU B 94 12.29 -1.52 -18.90
CA LEU B 94 12.02 -0.54 -17.87
C LEU B 94 13.03 0.60 -17.91
N ALA B 95 14.31 0.28 -18.15
CA ALA B 95 15.33 1.33 -18.21
C ALA B 95 15.09 2.29 -19.37
N VAL B 96 14.80 1.74 -20.55
CA VAL B 96 14.57 2.61 -21.71
C VAL B 96 13.28 3.38 -21.55
N THR B 97 12.28 2.81 -20.88
CA THR B 97 11.07 3.56 -20.57
C THR B 97 11.36 4.73 -19.62
N HIS B 98 12.26 4.51 -18.66
CA HIS B 98 12.73 5.62 -17.82
C HIS B 98 13.36 6.71 -18.67
N TYR B 99 14.22 6.30 -19.60
CA TYR B 99 14.86 7.28 -20.49
C TYR B 99 13.84 8.05 -21.30
N PHE B 100 12.84 7.36 -21.85
CA PHE B 100 11.81 8.00 -22.66
C PHE B 100 10.98 8.98 -21.83
N VAL B 101 10.61 8.58 -20.61
CA VAL B 101 9.73 9.41 -19.79
C VAL B 101 10.48 10.64 -19.29
N VAL B 102 11.70 10.45 -18.78
CA VAL B 102 12.45 11.57 -18.24
C VAL B 102 12.93 12.49 -19.35
N GLY B 103 13.30 11.93 -20.50
CA GLY B 103 13.75 12.75 -21.62
C GLY B 103 12.66 13.55 -22.28
N SER B 104 11.40 13.21 -22.02
CA SER B 104 10.27 14.01 -22.48
C SER B 104 9.98 15.18 -21.55
N GLY B 105 10.75 15.34 -20.49
CA GLY B 105 10.56 16.40 -19.52
C GLY B 105 9.76 16.02 -18.31
N LEU B 106 9.16 14.84 -18.28
CA LEU B 106 8.32 14.42 -17.17
C LEU B 106 9.17 13.97 -16.00
N ARG B 107 8.77 14.39 -14.80
CA ARG B 107 9.48 14.06 -13.57
C ARG B 107 8.50 14.09 -12.40
N PHE B 108 8.61 13.13 -11.49
CA PHE B 108 7.82 13.18 -10.28
C PHE B 108 8.33 14.29 -9.37
N PRO B 109 7.44 14.91 -8.60
CA PRO B 109 7.88 15.95 -7.65
C PRO B 109 8.48 15.35 -6.38
N PHE B 110 9.41 14.42 -6.55
CA PHE B 110 10.04 13.72 -5.45
C PHE B 110 11.25 14.50 -4.96
N LYS B 111 11.51 14.40 -3.65
CA LYS B 111 12.64 15.08 -3.00
C LYS B 111 13.33 14.05 -2.12
N PHE B 112 14.38 13.43 -2.65
CA PHE B 112 15.15 12.41 -1.94
C PHE B 112 16.19 13.12 -1.08
N GLY B 113 15.83 13.43 0.15
CA GLY B 113 16.71 14.20 1.00
C GLY B 113 16.90 15.60 0.43
N SER B 114 18.15 16.01 0.28
CA SER B 114 18.46 17.31 -0.27
C SER B 114 18.46 17.32 -1.80
N VAL B 115 18.26 16.18 -2.44
CA VAL B 115 18.29 16.06 -3.89
C VAL B 115 16.88 15.88 -4.41
N SER B 116 16.49 16.74 -5.35
CA SER B 116 15.20 16.64 -6.02
C SER B 116 15.38 15.98 -7.39
N THR B 117 14.26 15.54 -7.96
CA THR B 117 14.29 14.86 -9.26
C THR B 117 14.80 15.76 -10.37
N ALA B 118 14.67 17.08 -10.23
CA ALA B 118 15.18 18.02 -11.22
C ALA B 118 16.69 18.15 -11.19
N ASP B 119 17.34 17.69 -10.11
CA ASP B 119 18.79 17.69 -10.01
C ASP B 119 19.42 16.35 -10.34
N VAL B 120 18.63 15.39 -10.82
CA VAL B 120 19.13 14.06 -11.17
C VAL B 120 19.21 13.98 -12.70
N PRO B 121 20.41 13.91 -13.27
CA PRO B 121 20.54 13.94 -14.73
C PRO B 121 19.97 12.69 -15.40
N LEU B 122 19.54 12.84 -16.64
CA LEU B 122 19.16 11.70 -17.46
C LEU B 122 20.42 11.04 -18.00
N GLY B 123 20.61 9.77 -17.69
CA GLY B 123 21.77 9.03 -18.13
C GLY B 123 22.57 8.46 -16.97
N LEU B 124 23.83 8.15 -17.26
CA LEU B 124 24.73 7.56 -16.28
C LEU B 124 25.07 8.52 -15.14
N GLY B 125 24.97 9.84 -15.37
CA GLY B 125 25.26 10.80 -14.33
C GLY B 125 24.34 10.70 -13.13
N ALA B 126 23.20 10.03 -13.28
CA ALA B 126 22.30 9.78 -12.16
C ALA B 126 22.85 8.77 -11.17
N ILE B 127 23.88 8.01 -11.55
CA ILE B 127 24.42 7.00 -10.64
C ILE B 127 25.00 7.66 -9.39
N LYS B 128 25.74 8.74 -9.55
CA LYS B 128 26.32 9.43 -8.41
C LYS B 128 25.46 10.58 -7.90
N ALA B 129 24.66 11.19 -8.77
CA ALA B 129 23.84 12.32 -8.36
C ALA B 129 22.72 11.89 -7.42
N LEU B 130 22.02 10.81 -7.77
CA LEU B 130 20.98 10.29 -6.89
C LEU B 130 21.62 9.74 -5.62
N PRO B 131 21.01 9.97 -4.45
CA PRO B 131 21.58 9.44 -3.21
C PRO B 131 21.66 7.92 -3.25
N TRP B 132 22.73 7.40 -2.63
CA TRP B 132 22.96 5.96 -2.65
C TRP B 132 21.88 5.20 -1.89
N ALA B 133 21.19 5.85 -0.94
CA ALA B 133 20.12 5.19 -0.21
C ALA B 133 18.94 4.90 -1.12
N VAL B 134 18.63 5.80 -2.06
CA VAL B 134 17.56 5.55 -3.01
C VAL B 134 17.91 4.36 -3.90
N TRP B 135 19.16 4.30 -4.36
CA TRP B 135 19.60 3.15 -5.14
C TRP B 135 19.49 1.85 -4.35
N LEU B 136 19.89 1.89 -3.07
CA LEU B 136 19.79 0.70 -2.24
C LEU B 136 18.35 0.27 -2.05
N GLN B 137 17.43 1.23 -1.89
CA GLN B 137 16.02 0.88 -1.71
C GLN B 137 15.42 0.33 -3.00
N ILE B 138 15.83 0.85 -4.16
CA ILE B 138 15.37 0.29 -5.44
C ILE B 138 15.87 -1.14 -5.60
N ALA B 139 17.14 -1.37 -5.28
CA ALA B 139 17.69 -2.73 -5.34
C ALA B 139 16.97 -3.65 -4.35
N ALA B 140 16.62 -3.13 -3.17
CA ALA B 140 15.88 -3.92 -2.20
C ALA B 140 14.49 -4.27 -2.69
N PHE B 141 13.83 -3.33 -3.37
CA PHE B 141 12.52 -3.63 -3.97
C PHE B 141 12.65 -4.71 -5.04
N CYS B 142 13.70 -4.63 -5.86
CA CYS B 142 13.92 -5.67 -6.86
C CYS B 142 14.19 -7.02 -6.19
N LEU B 143 14.94 -7.01 -5.09
CA LEU B 143 15.19 -8.25 -4.35
C LEU B 143 13.91 -8.81 -3.76
N VAL B 144 13.03 -7.95 -3.26
CA VAL B 144 11.74 -8.40 -2.72
C VAL B 144 10.92 -9.06 -3.82
N LEU B 145 10.89 -8.44 -5.01
CA LEU B 145 10.18 -9.04 -6.14
C LEU B 145 10.79 -10.37 -6.53
N GLU B 146 12.13 -10.47 -6.54
CA GLU B 146 12.80 -11.72 -6.85
C GLU B 146 12.44 -12.80 -5.84
N VAL B 147 12.41 -12.45 -4.55
CA VAL B 147 12.04 -13.40 -3.51
C VAL B 147 10.61 -13.89 -3.73
N LEU B 148 9.71 -12.96 -4.03
CA LEU B 148 8.30 -13.31 -4.17
C LEU B 148 7.99 -14.05 -5.47
N THR B 149 8.86 -13.97 -6.47
CA THR B 149 8.59 -14.58 -7.77
C THR B 149 9.50 -15.74 -8.10
N GLU B 150 10.60 -15.94 -7.37
CA GLU B 150 11.53 -17.02 -7.64
C GLU B 150 11.70 -17.95 -6.44
N ASN B 151 10.69 -18.02 -5.57
CA ASN B 151 10.82 -18.77 -4.31
C ASN B 151 11.03 -20.25 -4.57
N PRO B 152 10.25 -20.94 -5.42
CA PRO B 152 10.63 -22.31 -5.78
C PRO B 152 11.89 -22.38 -6.62
N GLY B 153 11.87 -21.65 -7.74
CA GLY B 153 12.85 -21.90 -8.79
C GLY B 153 14.24 -21.41 -8.48
N PHE B 154 14.35 -20.23 -7.86
CA PHE B 154 15.64 -19.56 -7.68
C PHE B 154 16.33 -19.34 -9.02
N GLY B 155 15.56 -18.94 -10.03
CA GLY B 155 16.08 -18.71 -11.36
C GLY B 155 16.11 -19.93 -12.24
N GLU B 156 15.78 -21.11 -11.72
CA GLU B 156 15.77 -22.33 -12.50
C GLU B 156 14.34 -22.73 -12.83
N ARG B 157 14.21 -23.86 -13.53
CA ARG B 157 12.92 -24.30 -14.06
C ARG B 157 11.94 -24.63 -12.93
N VAL B 158 10.71 -24.19 -13.11
CA VAL B 158 9.58 -24.60 -12.29
C VAL B 158 8.63 -25.37 -13.19
N PRO B 159 8.31 -26.63 -12.88
CA PRO B 159 7.43 -27.40 -13.78
C PRO B 159 6.07 -26.74 -13.93
N GLY B 160 5.56 -26.75 -15.16
CA GLY B 160 4.30 -26.14 -15.48
C GLY B 160 4.36 -24.66 -15.80
N ARG B 161 5.52 -24.03 -15.66
CA ARG B 161 5.68 -22.61 -15.92
C ARG B 161 6.69 -22.41 -17.05
N VAL B 162 6.31 -21.61 -18.04
CA VAL B 162 7.20 -21.26 -19.14
C VAL B 162 8.25 -20.28 -18.63
N PRO B 163 9.40 -20.15 -19.29
CA PRO B 163 10.36 -19.13 -18.86
C PRO B 163 9.76 -17.74 -18.94
N GLY B 164 10.07 -16.92 -17.93
CA GLY B 164 9.57 -15.57 -17.86
C GLY B 164 8.22 -15.43 -17.19
N ASN B 165 7.48 -16.52 -17.00
CA ASN B 165 6.18 -16.48 -16.34
C ASN B 165 6.40 -16.34 -14.84
N LEU B 166 6.65 -15.10 -14.42
CA LEU B 166 7.03 -14.81 -13.05
C LEU B 166 5.92 -14.19 -12.22
N GLN B 167 4.91 -13.63 -12.86
CA GLN B 167 3.79 -13.06 -12.12
C GLN B 167 3.04 -14.15 -11.38
N PRO B 168 2.75 -13.98 -10.09
CA PRO B 168 1.96 -14.98 -9.37
C PRO B 168 0.58 -15.15 -10.00
N ASP B 169 0.11 -16.40 -10.01
CA ASP B 169 -1.14 -16.72 -10.69
C ASP B 169 -2.31 -15.98 -10.07
N THR B 170 -3.12 -15.35 -10.93
CA THR B 170 -4.30 -14.62 -10.50
C THR B 170 -5.23 -14.46 -11.70
N PRO B 171 -6.54 -14.51 -11.49
CA PRO B 171 -7.46 -14.32 -12.63
C PRO B 171 -7.33 -12.98 -13.32
N SER B 172 -6.91 -11.93 -12.59
CA SER B 172 -6.74 -10.63 -13.21
C SER B 172 -5.62 -10.62 -14.25
N PHE B 173 -4.54 -11.35 -13.98
CA PHE B 173 -3.36 -11.37 -14.85
C PHE B 173 -3.43 -12.64 -15.70
N ASN B 174 -3.78 -12.48 -16.98
CA ASN B 174 -3.70 -13.59 -17.92
C ASN B 174 -2.23 -13.86 -18.20
N ALA B 175 -1.66 -14.83 -17.48
CA ALA B 175 -0.22 -14.93 -17.38
C ALA B 175 0.44 -15.47 -18.65
N PRO B 176 0.17 -16.71 -19.09
CA PRO B 176 1.05 -17.28 -20.12
C PRO B 176 0.98 -16.56 -21.46
N GLY B 177 -0.21 -16.46 -22.06
CA GLY B 177 -0.32 -15.94 -23.40
C GLY B 177 0.05 -16.99 -24.43
N ASP B 178 -0.18 -16.63 -25.70
CA ASP B 178 0.19 -17.52 -26.79
C ASP B 178 1.63 -17.25 -27.23
N LEU B 179 2.08 -17.99 -28.24
CA LEU B 179 3.46 -17.84 -28.71
C LEU B 179 3.69 -16.49 -29.36
N GLU B 180 2.65 -15.92 -30.00
CA GLU B 180 2.83 -14.66 -30.71
C GLU B 180 3.08 -13.50 -29.74
N ILE B 181 2.29 -13.41 -28.68
CA ILE B 181 2.48 -12.33 -27.71
C ILE B 181 3.79 -12.51 -26.96
N ARG B 182 4.18 -13.77 -26.69
CA ARG B 182 5.46 -14.03 -26.04
C ARG B 182 6.63 -13.61 -26.93
N THR B 183 6.53 -13.90 -28.23
CA THR B 183 7.56 -13.46 -29.16
C THR B 183 7.60 -11.94 -29.27
N LYS B 184 6.43 -11.29 -29.22
CA LYS B 184 6.40 -9.83 -29.23
C LYS B 184 7.10 -9.25 -28.01
N GLU B 185 6.82 -9.81 -26.83
CA GLU B 185 7.49 -9.37 -25.62
C GLU B 185 8.99 -9.58 -25.71
N LEU B 186 9.41 -10.76 -26.21
CA LEU B 186 10.82 -11.06 -26.32
C LEU B 186 11.53 -10.11 -27.29
N ASN B 187 10.90 -9.83 -28.43
CA ASN B 187 11.53 -8.95 -29.42
C ASN B 187 11.64 -7.52 -28.90
N ASN B 188 10.58 -7.02 -28.25
CA ASN B 188 10.67 -5.71 -27.63
C ASN B 188 11.75 -5.67 -26.56
N ALA B 189 11.87 -6.76 -25.79
CA ALA B 189 12.91 -6.85 -24.77
C ALA B 189 14.31 -6.80 -25.37
N ARG B 190 14.53 -7.54 -26.47
CA ARG B 190 15.82 -7.52 -27.13
C ARG B 190 16.14 -6.14 -27.70
N LEU B 191 15.14 -5.48 -28.28
CA LEU B 191 15.33 -4.11 -28.74
C LEU B 191 15.72 -3.20 -27.60
N ALA B 192 15.10 -3.37 -26.43
CA ALA B 192 15.42 -2.54 -25.28
C ALA B 192 16.84 -2.82 -24.78
N MET B 193 17.27 -4.09 -24.78
CA MET B 193 18.65 -4.40 -24.38
C MET B 193 19.66 -3.78 -25.33
N ILE B 194 19.38 -3.82 -26.64
CA ILE B 194 20.26 -3.14 -27.58
C ILE B 194 20.27 -1.64 -27.31
N SER B 195 19.09 -1.07 -27.07
CA SER B 195 18.96 0.39 -27.00
C SER B 195 19.53 0.97 -25.71
N ILE B 196 19.43 0.26 -24.58
CA ILE B 196 19.98 0.79 -23.34
C ILE B 196 21.50 0.86 -23.41
N TRP B 197 22.13 -0.14 -24.03
CA TRP B 197 23.57 -0.08 -24.23
C TRP B 197 23.93 0.96 -25.29
N GLY B 198 23.09 1.14 -26.31
CA GLY B 198 23.31 2.24 -27.23
C GLY B 198 23.24 3.61 -26.56
N LEU B 199 22.36 3.73 -25.57
CA LEU B 199 22.29 4.95 -24.77
C LEU B 199 23.54 5.14 -23.94
N TRP B 200 23.95 4.10 -23.21
CA TRP B 200 25.13 4.19 -22.35
C TRP B 200 26.38 4.49 -23.17
N VAL B 201 26.77 3.55 -24.05
CA VAL B 201 27.87 3.78 -24.98
C VAL B 201 27.31 4.66 -26.10
N GLY B 202 27.60 5.94 -26.04
CA GLY B 202 26.97 6.93 -26.89
C GLY B 202 26.64 8.17 -26.09
N GLU B 203 26.32 8.00 -24.81
CA GLU B 203 26.40 9.12 -23.89
C GLU B 203 27.84 9.40 -23.51
N ILE B 204 28.64 8.34 -23.35
CA ILE B 204 30.07 8.51 -23.10
C ILE B 204 30.78 9.03 -24.34
N ALA B 205 30.44 8.47 -25.50
CA ALA B 205 31.09 8.88 -26.74
C ALA B 205 30.79 10.34 -27.07
N SER B 206 29.54 10.76 -26.91
CA SER B 206 29.16 12.14 -27.20
C SER B 206 29.68 13.12 -26.16
N GLY B 207 30.16 12.64 -25.02
CA GLY B 207 30.60 13.53 -23.96
C GLY B 207 29.48 14.11 -23.13
N GLY B 208 28.36 13.40 -23.00
CA GLY B 208 27.26 13.85 -22.18
C GLY B 208 26.12 14.51 -22.93
N VAL B 209 26.10 14.45 -24.26
CA VAL B 209 25.01 15.04 -25.03
C VAL B 209 23.73 14.26 -24.77
N ASP B 210 22.60 14.97 -24.75
CA ASP B 210 21.32 14.34 -24.52
C ASP B 210 21.03 13.32 -25.63
N PRO B 211 20.57 12.12 -25.29
CA PRO B 211 20.38 11.10 -26.34
C PRO B 211 19.43 11.51 -27.45
N PHE B 212 18.36 12.20 -27.10
CA PHE B 212 17.41 12.66 -28.13
C PHE B 212 17.94 13.84 -28.90
N THR B 213 18.65 14.76 -28.23
CA THR B 213 19.33 15.84 -28.94
C THR B 213 20.39 15.28 -29.89
N SER B 214 21.16 14.30 -29.43
CA SER B 214 22.16 13.68 -30.28
C SER B 214 21.51 12.97 -31.47
N PHE B 215 20.39 12.28 -31.23
CA PHE B 215 19.68 11.61 -32.31
C PHE B 215 19.17 12.61 -33.34
N ALA B 216 18.61 13.74 -32.88
CA ALA B 216 18.14 14.76 -33.81
C ALA B 216 19.29 15.37 -34.59
N ASN B 217 20.43 15.63 -33.92
CA ASN B 217 21.58 16.21 -34.60
C ASN B 217 22.16 15.27 -35.65
N TRP B 218 22.24 13.98 -35.32
CA TRP B 218 22.78 13.01 -36.28
C TRP B 218 21.85 12.85 -37.49
N LEU B 219 20.54 12.99 -37.28
CA LEU B 219 19.58 12.91 -38.37
C LEU B 219 19.31 14.26 -39.03
N LYS B 220 20.00 15.32 -38.59
CA LYS B 220 19.81 16.67 -39.12
C LYS B 220 18.35 17.11 -39.00
N LEU B 221 17.72 16.77 -37.88
CA LEU B 221 16.33 17.13 -37.65
C LEU B 221 16.22 18.52 -37.01
N MET C 58 -34.81 -11.21 -17.03
CA MET C 58 -34.52 -10.17 -16.05
C MET C 58 -33.34 -10.57 -15.18
N SER C 59 -32.47 -11.43 -15.72
CA SER C 59 -31.26 -11.86 -15.01
C SER C 59 -30.15 -10.83 -15.18
N PHE C 60 -30.43 -9.62 -14.71
CA PHE C 60 -29.50 -8.50 -14.81
C PHE C 60 -28.67 -8.31 -13.55
N ASP C 61 -28.86 -9.16 -12.55
CA ASP C 61 -28.03 -9.07 -11.35
C ASP C 61 -26.62 -9.59 -11.57
N ASP C 62 -26.47 -10.58 -12.46
CA ASP C 62 -25.17 -11.17 -12.75
C ASP C 62 -24.53 -10.59 -13.99
N GLU C 63 -25.13 -9.58 -14.61
CA GLU C 63 -24.51 -8.93 -15.76
C GLU C 63 -23.34 -8.04 -15.30
N ALA C 64 -22.49 -7.70 -16.25
CA ALA C 64 -21.35 -6.83 -15.95
C ALA C 64 -21.83 -5.42 -15.64
N GLY C 65 -21.10 -4.73 -14.76
CA GLY C 65 -21.44 -3.36 -14.40
C GLY C 65 -22.71 -3.24 -13.58
N ALA C 66 -23.18 -4.35 -13.02
CA ALA C 66 -24.34 -4.32 -12.14
C ALA C 66 -23.92 -3.89 -10.75
N ILE C 67 -24.49 -2.78 -10.26
CA ILE C 67 -24.06 -2.17 -9.02
C ILE C 67 -25.14 -2.41 -7.97
N GLN C 68 -24.74 -3.07 -6.88
CA GLN C 68 -25.59 -3.23 -5.70
C GLN C 68 -25.06 -2.26 -4.64
N TRP C 69 -25.79 -1.16 -4.44
CA TRP C 69 -25.29 -0.09 -3.57
C TRP C 69 -25.08 -0.59 -2.15
N PHE C 70 -26.05 -1.33 -1.63
CA PHE C 70 -26.05 -1.84 -0.27
C PHE C 70 -26.43 -3.31 -0.30
N PRO C 71 -26.11 -4.06 0.75
CA PRO C 71 -26.49 -5.47 0.81
C PRO C 71 -28.00 -5.69 0.63
N PRO C 72 -28.87 -4.83 1.17
CA PRO C 72 -30.30 -5.01 0.90
C PRO C 72 -30.76 -4.46 -0.45
N SER C 73 -29.87 -3.83 -1.22
CA SER C 73 -30.26 -3.22 -2.47
C SER C 73 -30.49 -4.27 -3.55
N PRO C 74 -31.27 -3.93 -4.59
CA PRO C 74 -31.41 -4.85 -5.72
C PRO C 74 -30.06 -5.11 -6.40
N GLY C 75 -30.00 -6.22 -7.13
CA GLY C 75 -28.75 -6.63 -7.75
C GLY C 75 -28.20 -5.65 -8.76
N TYR C 76 -29.06 -4.87 -9.39
CA TYR C 76 -28.62 -3.86 -10.35
C TYR C 76 -29.42 -2.59 -10.11
N TRP C 77 -29.08 -1.53 -10.84
CA TRP C 77 -29.68 -0.22 -10.61
C TRP C 77 -30.44 0.26 -11.83
N ASP C 78 -31.74 0.47 -11.67
CA ASP C 78 -32.60 0.92 -12.76
C ASP C 78 -33.86 1.53 -12.16
N PRO C 79 -33.78 2.71 -11.54
CA PRO C 79 -34.95 3.28 -10.85
C PRO C 79 -36.11 3.63 -11.77
N LEU C 80 -35.87 3.84 -13.06
CA LEU C 80 -36.92 4.22 -14.00
C LEU C 80 -37.55 3.02 -14.69
N GLY C 81 -37.09 1.81 -14.39
CA GLY C 81 -37.68 0.60 -14.94
C GLY C 81 -37.55 0.48 -16.46
N PHE C 82 -36.36 0.78 -16.98
CA PHE C 82 -36.13 0.67 -18.42
C PHE C 82 -36.03 -0.76 -18.89
N VAL C 83 -35.59 -1.68 -18.04
CA VAL C 83 -35.49 -3.09 -18.40
C VAL C 83 -36.24 -3.91 -17.37
N ALA C 84 -37.25 -3.30 -16.74
CA ALA C 84 -38.02 -3.98 -15.70
C ALA C 84 -38.78 -5.19 -16.22
N ASP C 85 -39.12 -5.21 -17.51
CA ASP C 85 -39.81 -6.36 -18.07
C ASP C 85 -38.86 -7.54 -18.24
N GLY C 86 -37.57 -7.29 -18.45
CA GLY C 86 -36.61 -8.34 -18.70
C GLY C 86 -36.58 -8.74 -20.16
N ASP C 87 -36.51 -7.75 -21.04
CA ASP C 87 -36.58 -8.00 -22.48
C ASP C 87 -35.41 -8.86 -22.96
N THR C 88 -34.23 -8.62 -22.39
CA THR C 88 -32.99 -9.35 -22.70
C THR C 88 -32.49 -8.99 -24.09
N GLU C 89 -33.28 -8.23 -24.83
CA GLU C 89 -32.86 -7.64 -26.10
C GLU C 89 -32.79 -6.14 -26.04
N LYS C 90 -33.73 -5.51 -25.33
CA LYS C 90 -33.60 -4.09 -25.01
C LYS C 90 -32.40 -3.85 -24.10
N PHE C 91 -32.16 -4.75 -23.15
CA PHE C 91 -31.02 -4.60 -22.27
C PHE C 91 -29.71 -4.74 -23.04
N SER C 92 -29.64 -5.67 -24.00
CA SER C 92 -28.43 -5.82 -24.79
C SER C 92 -28.16 -4.56 -25.61
N LYS C 93 -29.20 -3.97 -26.20
CA LYS C 93 -29.03 -2.71 -26.92
C LYS C 93 -28.57 -1.59 -25.99
N TYR C 94 -29.16 -1.51 -24.80
CA TYR C 94 -28.77 -0.50 -23.83
C TYR C 94 -27.33 -0.67 -23.37
N ARG C 95 -26.89 -1.90 -23.16
CA ARG C 95 -25.50 -2.17 -22.78
C ARG C 95 -24.52 -1.88 -23.91
N ALA C 96 -24.89 -2.17 -25.16
CA ALA C 96 -24.05 -1.75 -26.28
C ALA C 96 -23.94 -0.23 -26.34
N ILE C 97 -25.06 0.48 -26.13
CA ILE C 97 -25.04 1.94 -26.13
C ILE C 97 -24.17 2.47 -25.00
N GLU C 98 -24.33 1.91 -23.80
CA GLU C 98 -23.55 2.35 -22.65
C GLU C 98 -22.07 2.09 -22.87
N ILE C 99 -21.72 0.93 -23.43
CA ILE C 99 -20.33 0.61 -23.67
C ILE C 99 -19.73 1.56 -24.71
N LYS C 100 -20.47 1.83 -25.79
CA LYS C 100 -19.95 2.74 -26.82
C LYS C 100 -19.76 4.15 -26.26
N HIS C 101 -20.75 4.64 -25.52
CA HIS C 101 -20.63 5.95 -24.89
C HIS C 101 -19.43 6.00 -23.96
N GLY C 102 -19.23 4.93 -23.17
CA GLY C 102 -18.13 4.93 -22.23
C GLY C 102 -16.77 4.90 -22.89
N ARG C 103 -16.64 4.14 -23.99
CA ARG C 103 -15.36 4.09 -24.69
C ARG C 103 -15.04 5.41 -25.38
N VAL C 104 -16.05 6.01 -26.02
CA VAL C 104 -15.84 7.33 -26.63
C VAL C 104 -15.45 8.35 -25.57
N ALA C 105 -16.13 8.32 -24.42
CA ALA C 105 -15.80 9.25 -23.35
C ALA C 105 -14.43 8.95 -22.76
N MET C 106 -14.00 7.68 -22.74
CA MET C 106 -12.67 7.36 -22.25
C MET C 106 -11.61 7.98 -23.15
N LEU C 107 -11.79 7.88 -24.47
CA LEU C 107 -10.87 8.53 -25.39
C LEU C 107 -10.90 10.05 -25.22
N GLY C 108 -12.08 10.63 -25.04
CA GLY C 108 -12.17 12.06 -24.80
C GLY C 108 -11.48 12.52 -23.53
N ALA C 109 -11.63 11.75 -22.46
CA ALA C 109 -10.96 12.07 -21.20
C ALA C 109 -9.45 11.96 -21.34
N LEU C 110 -8.97 10.95 -22.08
CA LEU C 110 -7.54 10.85 -22.34
C LEU C 110 -7.05 12.07 -23.10
N ASP C 111 -7.83 12.54 -24.08
CA ASP C 111 -7.47 13.77 -24.78
C ASP C 111 -7.39 14.94 -23.82
N TYR C 112 -8.39 15.09 -22.95
CA TYR C 112 -8.41 16.21 -22.02
C TYR C 112 -7.21 16.20 -21.10
N PHE C 113 -6.86 15.03 -20.55
CA PHE C 113 -5.87 14.94 -19.49
C PHE C 113 -4.47 14.63 -19.99
N ILE C 114 -4.29 14.45 -21.29
CA ILE C 114 -2.96 14.46 -21.87
C ILE C 114 -2.51 15.87 -22.23
N LYS C 115 -3.44 16.83 -22.23
CA LYS C 115 -3.13 18.21 -22.63
C LYS C 115 -2.95 19.14 -21.45
N THR C 116 -3.71 18.96 -20.37
CA THR C 116 -3.67 19.90 -19.26
C THR C 116 -3.48 19.14 -17.95
N PRO C 117 -2.69 19.67 -17.01
CA PRO C 117 -1.97 20.94 -17.08
C PRO C 117 -0.60 20.86 -17.74
N SER C 118 -0.32 19.72 -18.40
CA SER C 118 1.01 19.51 -18.97
C SER C 118 1.32 20.50 -20.09
N GLY C 119 0.30 20.86 -20.87
CA GLY C 119 0.50 21.73 -22.01
C GLY C 119 0.94 21.02 -23.28
N TRP C 120 0.92 19.69 -23.30
CA TRP C 120 1.37 18.94 -24.46
C TRP C 120 0.39 19.08 -25.61
N HIS C 121 0.93 19.27 -26.82
CA HIS C 121 0.16 19.24 -28.04
C HIS C 121 1.10 18.97 -29.19
N LEU C 122 0.53 18.53 -30.32
CA LEU C 122 1.34 18.24 -31.49
C LEU C 122 1.99 19.52 -32.00
N PRO C 123 3.29 19.50 -32.30
CA PRO C 123 3.93 20.71 -32.83
C PRO C 123 3.48 21.00 -34.24
N GLY C 124 3.54 22.29 -34.60
CA GLY C 124 3.24 22.69 -35.96
C GLY C 124 1.85 23.27 -36.16
N LYS C 125 1.30 23.07 -37.35
CA LYS C 125 0.02 23.65 -37.72
C LYS C 125 -0.90 22.55 -38.25
N LEU C 126 -2.20 22.75 -38.06
CA LEU C 126 -3.23 21.86 -38.58
C LEU C 126 -3.98 22.62 -39.69
N GLY C 127 -3.44 22.55 -40.90
CA GLY C 127 -4.04 23.23 -42.04
C GLY C 127 -4.17 24.72 -41.87
N ASP C 128 -3.03 25.41 -41.80
CA ASP C 128 -2.95 26.86 -41.64
C ASP C 128 -3.53 27.36 -40.33
N VAL C 129 -3.68 26.46 -39.35
CA VAL C 129 -4.18 26.81 -38.03
C VAL C 129 -3.15 26.37 -37.00
N ASP C 130 -2.72 27.31 -36.15
CA ASP C 130 -1.73 27.00 -35.13
C ASP C 130 -2.31 26.01 -34.12
N ILE C 131 -1.58 24.93 -33.85
CA ILE C 131 -2.04 23.94 -32.88
C ILE C 131 -2.00 24.51 -31.47
N ASP C 132 -0.99 25.34 -31.17
CA ASP C 132 -0.94 25.99 -29.87
C ASP C 132 -2.07 26.99 -29.68
N SER C 133 -2.73 27.39 -30.75
CA SER C 133 -3.89 28.27 -30.68
C SER C 133 -5.19 27.51 -30.48
N ILE C 134 -5.16 26.18 -30.51
CA ILE C 134 -6.34 25.35 -30.31
C ILE C 134 -6.49 25.09 -28.82
N PRO C 135 -7.59 25.53 -28.18
CA PRO C 135 -7.70 25.39 -26.73
C PRO C 135 -7.99 23.96 -26.28
N VAL C 136 -8.20 23.80 -24.98
CA VAL C 136 -8.60 22.52 -24.39
C VAL C 136 -10.07 22.64 -24.01
N GLY C 137 -10.91 21.83 -24.63
CA GLY C 137 -12.33 21.85 -24.33
C GLY C 137 -13.20 22.19 -25.51
N LEU C 138 -14.41 22.70 -25.24
CA LEU C 138 -15.35 23.03 -26.30
C LEU C 138 -14.86 24.16 -27.19
N GLY C 139 -14.00 25.04 -26.67
CA GLY C 139 -13.45 26.11 -27.49
C GLY C 139 -12.62 25.61 -28.65
N ALA C 140 -12.21 24.35 -28.62
CA ALA C 140 -11.47 23.75 -29.73
C ALA C 140 -12.40 23.28 -30.85
N ILE C 141 -13.71 23.29 -30.64
CA ILE C 141 -14.63 22.85 -31.69
C ILE C 141 -14.55 23.78 -32.90
N LYS C 142 -14.50 25.08 -32.67
CA LYS C 142 -14.38 26.04 -33.75
C LYS C 142 -12.93 26.33 -34.12
N ALA C 143 -12.00 26.18 -33.18
CA ALA C 143 -10.59 26.40 -33.48
C ALA C 143 -10.07 25.37 -34.46
N VAL C 144 -10.43 24.10 -34.28
CA VAL C 144 -10.02 23.05 -35.20
C VAL C 144 -10.66 23.29 -36.56
N PRO C 145 -9.92 23.17 -37.67
CA PRO C 145 -10.52 23.45 -38.97
C PRO C 145 -11.69 22.52 -39.23
N PRO C 146 -12.72 23.00 -39.94
CA PRO C 146 -13.85 22.12 -40.28
C PRO C 146 -13.45 20.89 -41.07
N LEU C 147 -12.43 21.01 -41.93
CA LEU C 147 -11.97 19.85 -42.69
C LEU C 147 -11.39 18.78 -41.77
N GLY C 148 -10.67 19.19 -40.72
CA GLY C 148 -10.14 18.22 -39.77
C GLY C 148 -11.24 17.50 -39.02
N TRP C 149 -12.27 18.23 -38.61
CA TRP C 149 -13.42 17.59 -37.96
C TRP C 149 -14.12 16.65 -38.92
N VAL C 150 -14.24 17.03 -40.19
CA VAL C 150 -14.85 16.16 -41.19
C VAL C 150 -14.05 14.88 -41.35
N GLN C 151 -12.71 15.00 -41.38
CA GLN C 151 -11.87 13.82 -41.50
C GLN C 151 -12.00 12.91 -40.28
N ILE C 152 -12.05 13.50 -39.09
CA ILE C 152 -12.20 12.70 -37.87
C ILE C 152 -13.56 11.99 -37.86
N LEU C 153 -14.61 12.70 -38.25
CA LEU C 153 -15.93 12.09 -38.32
C LEU C 153 -15.98 10.98 -39.35
N LEU C 154 -15.30 11.18 -40.49
CA LEU C 154 -15.23 10.14 -41.51
C LEU C 154 -14.48 8.91 -41.00
N PHE C 155 -13.41 9.13 -40.23
CA PHE C 155 -12.68 8.01 -39.65
C PHE C 155 -13.56 7.23 -38.68
N ALA C 156 -14.30 7.94 -37.83
CA ALA C 156 -15.19 7.25 -36.89
C ALA C 156 -16.32 6.52 -37.62
N SER C 157 -16.87 7.12 -38.67
CA SER C 157 -17.91 6.48 -39.45
C SER C 157 -17.39 5.23 -40.16
N ALA C 158 -16.17 5.30 -40.70
CA ALA C 158 -15.56 4.12 -41.31
C ALA C 158 -15.30 3.03 -40.28
N LEU C 159 -14.90 3.42 -39.07
CA LEU C 159 -14.73 2.45 -38.01
C LEU C 159 -16.04 1.76 -37.67
N GLU C 160 -17.12 2.55 -37.59
CA GLU C 160 -18.44 1.97 -37.30
C GLU C 160 -18.89 1.03 -38.40
N PHE C 161 -18.65 1.41 -39.67
CA PHE C 161 -19.03 0.54 -40.78
C PHE C 161 -18.22 -0.75 -40.78
N LEU C 162 -16.91 -0.65 -40.54
CA LEU C 162 -16.05 -1.82 -40.62
C LEU C 162 -16.16 -2.71 -39.39
N ALA C 163 -16.55 -2.15 -38.25
CA ALA C 163 -16.70 -2.91 -37.00
C ALA C 163 -18.07 -2.64 -36.40
N PRO C 164 -19.13 -3.17 -37.00
CA PRO C 164 -20.47 -2.99 -36.47
C PRO C 164 -20.78 -4.04 -35.40
N GLN C 165 -21.93 -3.86 -34.76
CA GLN C 165 -22.38 -4.79 -33.73
C GLN C 165 -23.19 -5.91 -34.37
N LYS C 166 -22.73 -7.14 -34.19
CA LYS C 166 -23.43 -8.32 -34.67
C LYS C 166 -24.27 -8.91 -33.53
N GLU C 167 -25.43 -9.45 -33.89
CA GLU C 167 -26.33 -9.99 -32.88
C GLU C 167 -25.82 -11.29 -32.27
N ASP C 168 -24.94 -12.02 -32.96
CA ASP C 168 -24.38 -13.23 -32.40
C ASP C 168 -23.32 -12.94 -31.33
N GLN C 169 -22.65 -11.80 -31.43
CA GLN C 169 -21.60 -11.43 -30.49
C GLN C 169 -22.18 -10.69 -29.29
N PRO C 170 -21.50 -10.72 -28.16
CA PRO C 170 -21.98 -9.98 -26.99
C PRO C 170 -21.96 -8.49 -27.26
N PRO C 171 -22.79 -7.72 -26.56
CA PRO C 171 -22.80 -6.27 -26.77
C PRO C 171 -21.45 -5.66 -26.44
N GLY C 172 -20.99 -4.77 -27.33
CA GLY C 172 -19.70 -4.13 -27.19
C GLY C 172 -18.55 -4.89 -27.82
N ALA C 173 -18.73 -6.18 -28.13
CA ALA C 173 -17.69 -6.97 -28.77
C ALA C 173 -17.71 -6.69 -30.28
N VAL C 174 -17.26 -5.48 -30.62
CA VAL C 174 -17.33 -5.01 -32.00
C VAL C 174 -16.00 -5.12 -32.73
N GLN C 175 -14.89 -5.29 -32.01
CA GLN C 175 -13.61 -5.47 -32.68
C GLN C 175 -13.62 -6.77 -33.47
N PRO C 176 -13.13 -6.76 -34.71
CA PRO C 176 -13.15 -8.00 -35.51
C PRO C 176 -12.35 -9.11 -34.84
N ALA C 177 -12.82 -10.34 -35.03
CA ALA C 177 -12.25 -11.48 -34.34
C ALA C 177 -10.82 -11.72 -34.79
N THR C 178 -9.89 -11.84 -33.83
CA THR C 178 -8.50 -12.12 -34.09
C THR C 178 -7.92 -12.72 -32.82
N PRO C 179 -6.96 -13.65 -32.94
CA PRO C 179 -6.36 -14.24 -31.73
C PRO C 179 -5.68 -13.22 -30.83
N SER C 180 -5.17 -12.11 -31.38
CA SER C 180 -4.49 -11.12 -30.57
C SER C 180 -5.43 -10.42 -29.60
N PHE C 181 -6.67 -10.17 -30.02
CA PHE C 181 -7.63 -9.41 -29.23
C PHE C 181 -8.57 -10.38 -28.52
N GLU C 182 -8.55 -10.35 -27.19
CA GLU C 182 -9.45 -11.19 -26.41
C GLU C 182 -10.88 -10.68 -26.49
N GLN C 183 -11.84 -11.59 -26.59
CA GLN C 183 -13.25 -11.25 -26.59
C GLN C 183 -14.03 -12.39 -25.95
N PRO C 184 -15.04 -12.06 -25.12
CA PRO C 184 -15.42 -10.70 -24.73
C PRO C 184 -14.70 -10.24 -23.46
N GLY C 185 -13.73 -11.03 -23.01
CA GLY C 185 -13.05 -10.78 -21.76
C GLY C 185 -13.80 -11.34 -20.57
N THR C 186 -13.12 -11.36 -19.44
CA THR C 186 -13.72 -11.81 -18.20
C THR C 186 -14.75 -10.81 -17.72
N LEU C 187 -15.68 -11.29 -16.88
CA LEU C 187 -16.70 -10.41 -16.33
C LEU C 187 -16.08 -9.32 -15.46
N GLU C 188 -14.95 -9.62 -14.81
CA GLU C 188 -14.23 -8.60 -14.05
C GLU C 188 -13.76 -7.48 -14.97
N TYR C 189 -13.18 -7.82 -16.12
CA TYR C 189 -12.71 -6.79 -17.04
C TYR C 189 -13.86 -6.10 -17.77
N GLN C 190 -14.96 -6.82 -18.04
CA GLN C 190 -16.14 -6.16 -18.57
C GLN C 190 -16.68 -5.12 -17.60
N THR C 191 -16.74 -5.48 -16.32
CA THR C 191 -17.19 -4.53 -15.30
C THR C 191 -16.24 -3.36 -15.18
N LYS C 192 -14.92 -3.62 -15.24
CA LYS C 192 -13.94 -2.54 -15.18
C LYS C 192 -14.09 -1.58 -16.36
N GLU C 193 -14.29 -2.13 -17.56
CA GLU C 193 -14.51 -1.31 -18.74
C GLU C 193 -15.75 -0.45 -18.59
N ILE C 194 -16.85 -1.06 -18.14
CA ILE C 194 -18.11 -0.34 -18.01
C ILE C 194 -17.99 0.75 -16.95
N ASN C 195 -17.29 0.46 -15.84
CA ASN C 195 -17.16 1.44 -14.77
C ASN C 195 -16.27 2.61 -15.16
N ASN C 196 -15.12 2.33 -15.78
CA ASN C 196 -14.27 3.42 -16.24
C ASN C 196 -14.97 4.22 -17.33
N GLY C 197 -15.79 3.56 -18.15
CA GLY C 197 -16.57 4.28 -19.14
C GLY C 197 -17.63 5.17 -18.52
N ARG C 198 -18.28 4.69 -17.46
CA ARG C 198 -19.23 5.54 -16.74
C ARG C 198 -18.54 6.75 -16.14
N LEU C 199 -17.36 6.54 -15.57
CA LEU C 199 -16.60 7.65 -15.00
C LEU C 199 -16.21 8.65 -16.07
N ALA C 200 -15.75 8.18 -17.23
CA ALA C 200 -15.37 9.10 -18.30
C ALA C 200 -16.59 9.82 -18.87
N MET C 201 -17.73 9.12 -18.94
CA MET C 201 -18.98 9.74 -19.38
C MET C 201 -19.35 10.90 -18.46
N ILE C 202 -19.39 10.63 -17.16
CA ILE C 202 -19.71 11.66 -16.18
C ILE C 202 -18.68 12.79 -16.26
N ALA C 203 -17.40 12.44 -16.41
CA ALA C 203 -16.34 13.43 -16.42
C ALA C 203 -16.46 14.38 -17.60
N LEU C 204 -16.74 13.85 -18.79
CA LEU C 204 -16.85 14.74 -19.94
C LEU C 204 -18.13 15.56 -19.91
N ALA C 205 -19.22 14.97 -19.41
CA ALA C 205 -20.42 15.78 -19.21
C ALA C 205 -20.16 16.93 -18.25
N GLY C 206 -19.44 16.67 -17.15
CA GLY C 206 -19.12 17.72 -16.20
C GLY C 206 -18.04 18.68 -16.66
N LEU C 207 -17.19 18.25 -17.60
CA LEU C 207 -16.24 19.17 -18.21
C LEU C 207 -16.99 20.17 -19.09
N TRP C 208 -17.88 19.67 -19.95
CA TRP C 208 -18.63 20.55 -20.83
C TRP C 208 -19.54 21.47 -20.04
N LEU C 209 -20.28 20.91 -19.07
CA LEU C 209 -21.11 21.71 -18.17
C LEU C 209 -20.23 22.10 -16.98
N GLY C 210 -19.64 23.28 -17.05
CA GLY C 210 -18.63 23.68 -16.10
C GLY C 210 -17.53 24.47 -16.79
N GLU C 211 -17.25 24.11 -18.05
CA GLU C 211 -16.52 25.04 -18.90
C GLU C 211 -17.40 26.19 -19.37
N LEU C 212 -18.69 25.91 -19.61
CA LEU C 212 -19.63 26.96 -19.95
C LEU C 212 -19.99 27.78 -18.72
N ALA C 213 -20.16 27.12 -17.57
CA ALA C 213 -20.60 27.81 -16.36
C ALA C 213 -19.51 28.73 -15.83
N SER C 214 -18.25 28.30 -15.86
CA SER C 214 -17.15 29.10 -15.33
C SER C 214 -16.63 30.13 -16.33
N GLY C 215 -17.17 30.16 -17.55
CA GLY C 215 -16.70 31.08 -18.55
C GLY C 215 -15.47 30.66 -19.31
N GLY C 216 -15.02 29.42 -19.14
CA GLY C 216 -13.86 28.90 -19.83
C GLY C 216 -12.65 28.64 -18.96
N THR C 217 -12.82 28.44 -17.66
CA THR C 217 -11.69 28.15 -16.79
C THR C 217 -11.11 26.78 -17.11
N ASP C 218 -9.79 26.67 -17.02
CA ASP C 218 -9.13 25.39 -17.22
C ASP C 218 -9.61 24.39 -16.17
N PRO C 219 -9.98 23.17 -16.56
CA PRO C 219 -10.50 22.22 -15.58
C PRO C 219 -9.53 21.88 -14.47
N ILE C 220 -8.25 21.78 -14.78
CA ILE C 220 -7.25 21.50 -13.75
C ILE C 220 -7.12 22.69 -12.79
N VAL C 221 -7.10 23.90 -13.35
CA VAL C 221 -7.03 25.10 -12.51
C VAL C 221 -8.28 25.20 -11.64
N ALA C 222 -9.45 24.94 -12.22
CA ALA C 222 -10.68 25.00 -11.46
C ALA C 222 -10.70 23.97 -10.33
N PHE C 223 -10.24 22.75 -10.61
CA PHE C 223 -10.19 21.72 -9.57
C PHE C 223 -9.20 22.10 -8.48
N LYS C 224 -8.04 22.63 -8.86
CA LYS C 224 -7.04 23.03 -7.87
C LYS C 224 -7.57 24.14 -6.97
N THR C 225 -8.27 25.11 -7.55
CA THR C 225 -8.89 26.15 -6.73
C THR C 225 -9.98 25.56 -5.84
N TRP C 226 -10.77 24.63 -6.38
CA TRP C 226 -11.88 24.05 -5.63
C TRP C 226 -11.41 23.27 -4.41
N VAL C 227 -10.35 22.47 -4.56
CA VAL C 227 -9.85 21.65 -3.46
C VAL C 227 -8.66 22.28 -2.76
N GLY C 228 -8.24 23.47 -3.17
CA GLY C 228 -7.16 24.18 -2.49
C GLY C 228 -5.79 23.54 -2.60
N ILE C 229 -5.41 23.08 -3.79
CA ILE C 229 -4.07 22.54 -4.00
C ILE C 229 -3.36 23.32 -5.10
N GLU D 44 -35.35 -12.26 35.41
CA GLU D 44 -34.32 -12.71 34.49
C GLU D 44 -33.67 -11.54 33.76
N PHE D 45 -32.36 -11.61 33.57
CA PHE D 45 -31.59 -10.60 32.85
C PHE D 45 -31.04 -11.26 31.59
N PRO D 46 -31.74 -11.14 30.46
CA PRO D 46 -31.35 -11.90 29.26
C PRO D 46 -29.96 -11.58 28.74
N PHE D 47 -29.50 -10.34 28.90
CA PHE D 47 -28.23 -9.90 28.33
C PHE D 47 -27.09 -9.93 29.33
N ASP D 48 -27.17 -10.82 30.31
CA ASP D 48 -26.12 -10.95 31.32
C ASP D 48 -24.92 -11.75 30.81
N ASP D 49 -25.01 -12.35 29.62
CA ASP D 49 -23.91 -13.07 29.02
C ASP D 49 -23.15 -12.24 28.00
N GLN D 50 -23.46 -10.95 27.90
CA GLN D 50 -22.80 -10.03 26.99
C GLN D 50 -21.77 -9.19 27.73
N PRO D 51 -20.67 -8.84 27.06
CA PRO D 51 -19.65 -8.02 27.73
C PRO D 51 -20.13 -6.61 27.96
N GLY D 52 -19.51 -5.93 28.94
CA GLY D 52 -19.76 -4.55 29.25
C GLY D 52 -20.64 -4.35 30.47
N GLY D 53 -21.26 -5.40 30.98
CA GLY D 53 -22.13 -5.30 32.13
C GLY D 53 -21.43 -4.83 33.38
N VAL D 54 -21.80 -3.64 33.86
CA VAL D 54 -21.21 -3.09 35.07
C VAL D 54 -22.13 -3.39 36.26
N LYS D 55 -21.56 -3.96 37.31
CA LYS D 55 -22.32 -4.29 38.51
C LYS D 55 -21.84 -3.41 39.66
N TRP D 56 -22.61 -2.35 39.96
CA TRP D 56 -22.16 -1.37 40.94
C TRP D 56 -21.99 -1.99 42.33
N PHE D 57 -22.96 -2.78 42.76
CA PHE D 57 -23.00 -3.37 44.08
C PHE D 57 -23.19 -4.87 43.97
N PRO D 58 -22.79 -5.64 45.00
CA PRO D 58 -23.05 -7.09 44.97
C PRO D 58 -24.53 -7.43 44.88
N SER D 59 -25.41 -6.55 45.35
CA SER D 59 -26.85 -6.77 45.28
C SER D 59 -27.49 -6.06 44.09
N SER D 60 -26.70 -5.49 43.19
CA SER D 60 -27.22 -4.75 42.05
C SER D 60 -27.46 -5.68 40.87
N ALA D 61 -28.11 -5.13 39.83
CA ALA D 61 -28.38 -5.89 38.62
C ALA D 61 -27.07 -6.17 37.88
N PRO D 62 -27.01 -7.28 37.14
CA PRO D 62 -25.74 -7.63 36.46
C PRO D 62 -25.26 -6.57 35.49
N TYR D 63 -26.15 -5.81 34.88
CA TYR D 63 -25.76 -4.74 33.97
C TYR D 63 -26.64 -3.53 34.22
N TRP D 64 -26.13 -2.36 33.81
CA TRP D 64 -26.76 -1.09 34.09
C TRP D 64 -27.72 -0.72 32.96
N ASP D 65 -28.99 -0.51 33.31
CA ASP D 65 -30.01 -0.08 32.35
C ASP D 65 -31.20 0.53 33.10
N PRO D 66 -31.02 1.68 33.75
CA PRO D 66 -32.10 2.24 34.56
C PRO D 66 -33.35 2.58 33.77
N LEU D 67 -33.21 3.02 32.52
CA LEU D 67 -34.35 3.40 31.71
C LEU D 67 -34.93 2.23 30.91
N GLY D 68 -34.37 1.04 31.06
CA GLY D 68 -34.91 -0.13 30.37
C GLY D 68 -34.84 -0.04 28.86
N PHE D 69 -33.73 0.46 28.32
CA PHE D 69 -33.56 0.49 26.88
C PHE D 69 -33.49 -0.90 26.28
N THR D 70 -33.15 -1.92 27.08
CA THR D 70 -33.01 -3.29 26.62
C THR D 70 -34.23 -4.14 26.92
N ASN D 71 -35.27 -3.58 27.52
CA ASN D 71 -36.46 -4.36 27.82
C ASN D 71 -37.19 -4.76 26.55
N GLU D 72 -37.63 -6.02 26.51
CA GLU D 72 -38.44 -6.55 25.40
C GLU D 72 -37.72 -6.38 24.07
N LYS D 73 -36.41 -6.57 24.07
CA LYS D 73 -35.60 -6.49 22.86
C LYS D 73 -35.07 -7.89 22.52
N THR D 74 -35.18 -8.26 21.25
CA THR D 74 -34.73 -9.56 20.80
C THR D 74 -33.20 -9.60 20.78
N GLU D 75 -32.67 -10.74 20.34
CA GLU D 75 -31.21 -10.88 20.24
C GLU D 75 -30.63 -9.90 19.23
N ASP D 76 -31.31 -9.72 18.09
CA ASP D 76 -30.78 -8.86 17.03
C ASP D 76 -30.81 -7.39 17.41
N GLU D 77 -31.84 -6.96 18.13
CA GLU D 77 -31.94 -5.56 18.52
C GLU D 77 -30.81 -5.18 19.49
N TYR D 78 -30.61 -5.99 20.54
CA TYR D 78 -29.49 -5.73 21.43
C TYR D 78 -28.16 -5.90 20.72
N TRP D 79 -28.08 -6.83 19.77
CA TRP D 79 -26.86 -7.00 18.99
C TRP D 79 -26.51 -5.69 18.27
N ARG D 80 -27.51 -5.08 17.62
CA ARG D 80 -27.26 -3.83 16.91
C ARG D 80 -26.91 -2.71 17.86
N ILE D 81 -27.57 -2.66 19.03
CA ILE D 81 -27.25 -1.62 20.00
C ILE D 81 -25.81 -1.75 20.48
N ALA D 82 -25.38 -2.98 20.79
CA ALA D 82 -24.00 -3.21 21.23
C ALA D 82 -23.00 -2.92 20.11
N HIS D 83 -23.36 -3.28 18.87
CA HIS D 83 -22.52 -2.96 17.73
C HIS D 83 -22.32 -1.45 17.59
N GLY D 84 -23.41 -0.70 17.74
CA GLY D 84 -23.30 0.75 17.69
C GLY D 84 -22.49 1.31 18.83
N GLU D 85 -22.64 0.74 20.03
CA GLU D 85 -21.83 1.17 21.16
C GLU D 85 -20.35 0.98 20.87
N ILE D 86 -19.99 -0.19 20.36
CA ILE D 86 -18.59 -0.50 20.09
C ILE D 86 -18.04 0.43 19.00
N LYS D 87 -18.83 0.69 17.96
CA LYS D 87 -18.33 1.56 16.89
C LYS D 87 -18.18 3.01 17.37
N ASN D 88 -19.18 3.54 18.09
CA ASN D 88 -19.06 4.88 18.65
C ASN D 88 -17.86 4.98 19.58
N GLY D 89 -17.65 3.95 20.41
CA GLY D 89 -16.56 3.98 21.35
C GLY D 89 -15.20 3.88 20.69
N ARG D 90 -15.07 3.06 19.65
CA ARG D 90 -13.81 2.99 18.92
C ARG D 90 -13.50 4.30 18.23
N LEU D 91 -14.52 4.94 17.64
CA LEU D 91 -14.35 6.26 17.05
C LEU D 91 -13.88 7.27 18.10
N ALA D 92 -14.49 7.24 19.28
CA ALA D 92 -14.10 8.15 20.35
C ALA D 92 -12.68 7.86 20.84
N MET D 93 -12.30 6.58 20.92
CA MET D 93 -10.94 6.24 21.32
C MET D 93 -9.92 6.78 20.34
N LEU D 94 -10.20 6.65 19.04
CA LEU D 94 -9.31 7.21 18.04
C LEU D 94 -9.24 8.73 18.15
N ALA D 95 -10.38 9.38 18.40
CA ALA D 95 -10.38 10.84 18.51
C ALA D 95 -9.57 11.31 19.72
N VAL D 96 -9.76 10.66 20.87
CA VAL D 96 -9.01 11.08 22.05
C VAL D 96 -7.54 10.73 21.91
N THR D 97 -7.21 9.65 21.19
CA THR D 97 -5.81 9.36 20.90
C THR D 97 -5.20 10.44 20.02
N HIS D 98 -5.97 10.95 19.05
CA HIS D 98 -5.52 12.11 18.27
C HIS D 98 -5.23 13.29 19.18
N TYR D 99 -6.14 13.57 20.12
CA TYR D 99 -5.94 14.67 21.05
C TYR D 99 -4.68 14.47 21.88
N PHE D 100 -4.46 13.26 22.38
CA PHE D 100 -3.29 12.97 23.19
C PHE D 100 -1.99 13.12 22.40
N VAL D 101 -1.98 12.63 21.16
CA VAL D 101 -0.76 12.65 20.36
C VAL D 101 -0.43 14.07 19.93
N VAL D 102 -1.43 14.81 19.43
CA VAL D 102 -1.19 16.16 18.95
C VAL D 102 -0.89 17.10 20.10
N GLY D 103 -1.58 16.91 21.24
CA GLY D 103 -1.35 17.76 22.39
C GLY D 103 -0.02 17.54 23.08
N SER D 104 0.65 16.43 22.79
CA SER D 104 2.01 16.20 23.26
C SER D 104 3.05 16.86 22.37
N GLY D 105 2.62 17.57 21.33
CA GLY D 105 3.53 18.23 20.41
C GLY D 105 3.86 17.46 19.16
N LEU D 106 3.46 16.20 19.07
CA LEU D 106 3.79 15.36 17.93
C LEU D 106 2.87 15.69 16.76
N ARG D 107 3.49 15.76 15.58
CA ARG D 107 2.78 16.07 14.35
C ARG D 107 3.51 15.47 13.16
N PHE D 108 2.78 14.89 12.21
CA PHE D 108 3.41 14.43 10.99
C PHE D 108 3.82 15.62 10.14
N PRO D 109 4.91 15.48 9.38
CA PRO D 109 5.34 16.57 8.48
C PRO D 109 4.52 16.61 7.20
N PHE D 110 3.20 16.59 7.35
CA PHE D 110 2.27 16.58 6.22
C PHE D 110 1.96 18.00 5.79
N LYS D 111 1.73 18.16 4.48
CA LYS D 111 1.41 19.46 3.88
C LYS D 111 0.21 19.25 2.97
N PHE D 112 -0.99 19.52 3.50
CA PHE D 112 -2.23 19.35 2.75
C PHE D 112 -2.47 20.63 1.95
N GLY D 113 -1.97 20.65 0.72
CA GLY D 113 -2.05 21.86 -0.07
C GLY D 113 -1.22 22.96 0.55
N SER D 114 -1.84 24.13 0.74
CA SER D 114 -1.15 25.25 1.37
C SER D 114 -1.18 25.18 2.90
N VAL D 115 -1.84 24.20 3.47
CA VAL D 115 -1.98 24.08 4.92
C VAL D 115 -1.10 22.94 5.40
N SER D 116 -0.24 23.23 6.38
CA SER D 116 0.60 22.24 7.02
C SER D 116 0.00 21.83 8.36
N THR D 117 0.48 20.71 8.89
CA THR D 117 -0.05 20.20 10.14
C THR D 117 0.20 21.13 11.32
N ALA D 118 1.21 22.00 11.23
CA ALA D 118 1.49 22.98 12.27
C ALA D 118 0.50 24.13 12.27
N ASP D 119 -0.26 24.30 11.19
CA ASP D 119 -1.30 25.31 11.12
C ASP D 119 -2.69 24.78 11.40
N VAL D 120 -2.82 23.53 11.81
CA VAL D 120 -4.10 22.91 12.12
C VAL D 120 -4.24 22.84 13.63
N PRO D 121 -5.16 23.60 14.23
CA PRO D 121 -5.26 23.64 15.69
C PRO D 121 -5.73 22.33 16.30
N LEU D 122 -5.34 22.07 17.54
CA LEU D 122 -5.88 20.96 18.30
C LEU D 122 -7.26 21.34 18.84
N GLY D 123 -8.27 20.58 18.47
CA GLY D 123 -9.63 20.84 18.89
C GLY D 123 -10.57 21.04 17.73
N LEU D 124 -11.70 21.69 18.03
CA LEU D 124 -12.73 21.94 17.03
C LEU D 124 -12.29 22.91 15.95
N GLY D 125 -11.30 23.78 16.24
CA GLY D 125 -10.82 24.71 15.23
C GLY D 125 -10.22 24.05 14.02
N ALA D 126 -9.87 22.77 14.11
CA ALA D 126 -9.37 22.01 12.97
C ALA D 126 -10.46 21.72 11.95
N ILE D 127 -11.73 21.88 12.31
CA ILE D 127 -12.81 21.58 11.37
C ILE D 127 -12.73 22.49 10.15
N LYS D 128 -12.52 23.78 10.38
CA LYS D 128 -12.44 24.74 9.28
C LYS D 128 -11.00 24.98 8.82
N ALA D 129 -10.02 24.81 9.70
CA ALA D 129 -8.64 25.07 9.32
C ALA D 129 -8.13 24.03 8.34
N LEU D 130 -8.38 22.75 8.63
CA LEU D 130 -7.98 21.69 7.71
C LEU D 130 -8.79 21.80 6.43
N PRO D 131 -8.17 21.59 5.26
CA PRO D 131 -8.93 21.66 4.01
C PRO D 131 -10.06 20.64 3.98
N TRP D 132 -11.17 21.03 3.36
CA TRP D 132 -12.35 20.16 3.31
C TRP D 132 -12.08 18.89 2.51
N ALA D 133 -11.12 18.93 1.58
CA ALA D 133 -10.80 17.74 0.80
C ALA D 133 -10.17 16.66 1.68
N VAL D 134 -9.35 17.05 2.64
CA VAL D 134 -8.76 16.08 3.56
C VAL D 134 -9.86 15.44 4.40
N TRP D 135 -10.81 16.24 4.87
CA TRP D 135 -11.94 15.70 5.63
C TRP D 135 -12.75 14.72 4.77
N LEU D 136 -12.98 15.09 3.51
CA LEU D 136 -13.73 14.20 2.61
C LEU D 136 -12.99 12.90 2.39
N GLN D 137 -11.66 12.95 2.25
CA GLN D 137 -10.89 11.73 2.04
C GLN D 137 -10.88 10.86 3.29
N ILE D 138 -10.83 11.47 4.48
CA ILE D 138 -10.90 10.69 5.71
C ILE D 138 -12.27 10.01 5.82
N ALA D 139 -13.34 10.74 5.52
CA ALA D 139 -14.67 10.15 5.52
C ALA D 139 -14.78 9.04 4.49
N ALA D 140 -14.15 9.21 3.33
CA ALA D 140 -14.16 8.18 2.30
C ALA D 140 -13.41 6.93 2.76
N PHE D 141 -12.29 7.11 3.47
CA PHE D 141 -11.58 5.96 4.03
C PHE D 141 -12.44 5.23 5.04
N CYS D 142 -13.15 5.98 5.90
CA CYS D 142 -14.06 5.35 6.84
C CYS D 142 -15.17 4.60 6.13
N LEU D 143 -15.69 5.18 5.04
CA LEU D 143 -16.72 4.50 4.26
C LEU D 143 -16.18 3.23 3.62
N VAL D 144 -14.93 3.25 3.13
CA VAL D 144 -14.32 2.06 2.56
C VAL D 144 -14.21 0.96 3.62
N LEU D 145 -13.78 1.34 4.83
CA LEU D 145 -13.71 0.37 5.91
C LEU D 145 -15.09 -0.18 6.26
N GLU D 146 -16.10 0.68 6.29
CA GLU D 146 -17.46 0.24 6.56
C GLU D 146 -17.95 -0.74 5.49
N VAL D 147 -17.66 -0.45 4.22
CA VAL D 147 -18.04 -1.34 3.13
C VAL D 147 -17.36 -2.69 3.30
N LEU D 148 -16.06 -2.68 3.62
CA LEU D 148 -15.30 -3.92 3.72
C LEU D 148 -15.63 -4.72 4.98
N THR D 149 -16.21 -4.09 6.01
CA THR D 149 -16.45 -4.78 7.26
C THR D 149 -17.94 -4.99 7.57
N GLU D 150 -18.84 -4.33 6.85
CA GLU D 150 -20.27 -4.47 7.09
C GLU D 150 -21.01 -4.97 5.85
N ASN D 151 -20.32 -5.68 4.95
CA ASN D 151 -20.91 -6.07 3.68
C ASN D 151 -22.12 -6.99 3.87
N PRO D 152 -22.04 -8.07 4.68
CA PRO D 152 -23.29 -8.80 4.97
C PRO D 152 -24.24 -8.00 5.84
N GLY D 153 -23.74 -7.55 6.99
CA GLY D 153 -24.63 -7.09 8.05
C GLY D 153 -25.30 -5.76 7.78
N PHE D 154 -24.53 -4.81 7.22
CA PHE D 154 -24.98 -3.43 7.08
C PHE D 154 -25.36 -2.83 8.45
N GLY D 155 -24.54 -3.14 9.46
CA GLY D 155 -24.77 -2.67 10.81
C GLY D 155 -25.66 -3.56 11.64
N GLU D 156 -26.24 -4.62 11.06
CA GLU D 156 -27.10 -5.53 11.77
C GLU D 156 -26.36 -6.83 12.07
N ARG D 157 -27.07 -7.75 12.72
CA ARG D 157 -26.46 -8.99 13.20
C ARG D 157 -25.97 -9.86 12.05
N VAL D 158 -24.77 -10.41 12.22
CA VAL D 158 -24.25 -11.46 11.36
C VAL D 158 -24.11 -12.71 12.21
N PRO D 159 -24.76 -13.82 11.84
CA PRO D 159 -24.68 -15.02 12.69
C PRO D 159 -23.25 -15.51 12.85
N GLY D 160 -22.91 -15.93 14.07
CA GLY D 160 -21.59 -16.39 14.39
C GLY D 160 -20.60 -15.30 14.76
N ARG D 161 -21.00 -14.03 14.68
CA ARG D 161 -20.12 -12.92 15.01
C ARG D 161 -20.72 -12.12 16.17
N VAL D 162 -19.91 -11.85 17.18
CA VAL D 162 -20.33 -11.03 18.31
C VAL D 162 -20.39 -9.58 17.86
N PRO D 163 -21.12 -8.70 18.55
CA PRO D 163 -21.10 -7.29 18.18
C PRO D 163 -19.71 -6.71 18.31
N GLY D 164 -19.34 -5.87 17.35
CA GLY D 164 -18.03 -5.25 17.32
C GLY D 164 -16.95 -6.06 16.64
N ASN D 165 -17.18 -7.36 16.38
CA ASN D 165 -16.21 -8.20 15.71
C ASN D 165 -16.25 -7.87 14.21
N LEU D 166 -15.55 -6.80 13.86
CA LEU D 166 -15.60 -6.27 12.50
C LEU D 166 -14.36 -6.56 11.68
N GLN D 167 -13.25 -6.90 12.33
CA GLN D 167 -12.04 -7.23 11.60
C GLN D 167 -12.25 -8.50 10.79
N PRO D 168 -11.91 -8.52 9.51
CA PRO D 168 -12.02 -9.77 8.72
C PRO D 168 -11.17 -10.87 9.33
N ASP D 169 -11.69 -12.09 9.27
CA ASP D 169 -11.04 -13.23 9.91
C ASP D 169 -9.67 -13.49 9.31
N THR D 170 -8.67 -13.64 10.18
CA THR D 170 -7.30 -13.92 9.77
C THR D 170 -6.55 -14.51 10.95
N PRO D 171 -5.63 -15.45 10.73
CA PRO D 171 -4.86 -16.01 11.85
C PRO D 171 -4.05 -14.97 12.60
N SER D 172 -3.60 -13.91 11.93
CA SER D 172 -2.81 -12.88 12.60
C SER D 172 -3.63 -12.15 13.65
N PHE D 173 -4.91 -11.90 13.38
CA PHE D 173 -5.78 -11.14 14.27
C PHE D 173 -6.63 -12.13 15.06
N ASN D 174 -6.30 -12.31 16.33
CA ASN D 174 -7.14 -13.09 17.24
C ASN D 174 -8.39 -12.28 17.53
N ALA D 175 -9.46 -12.54 16.77
CA ALA D 175 -10.56 -11.60 16.70
C ALA D 175 -11.44 -11.58 17.96
N PRO D 176 -12.11 -12.67 18.33
CA PRO D 176 -13.16 -12.52 19.36
C PRO D 176 -12.64 -12.11 20.72
N GLY D 177 -11.72 -12.89 21.31
CA GLY D 177 -11.30 -12.66 22.67
C GLY D 177 -12.32 -13.19 23.66
N ASP D 178 -11.93 -13.15 24.94
CA ASP D 178 -12.84 -13.58 25.99
C ASP D 178 -13.69 -12.40 26.47
N LEU D 179 -14.54 -12.66 27.45
CA LEU D 179 -15.43 -11.61 27.95
C LEU D 179 -14.67 -10.52 28.67
N GLU D 180 -13.54 -10.85 29.30
CA GLU D 180 -12.80 -9.87 30.07
C GLU D 180 -12.17 -8.82 29.17
N ILE D 181 -11.50 -9.26 28.09
CA ILE D 181 -10.87 -8.31 27.18
C ILE D 181 -11.93 -7.49 26.44
N ARG D 182 -13.07 -8.11 26.13
CA ARG D 182 -14.16 -7.38 25.49
C ARG D 182 -14.72 -6.30 26.42
N THR D 183 -14.89 -6.64 27.70
CA THR D 183 -15.32 -5.64 28.66
C THR D 183 -14.30 -4.53 28.84
N LYS D 184 -13.00 -4.88 28.80
CA LYS D 184 -11.96 -3.86 28.88
C LYS D 184 -12.05 -2.90 27.69
N GLU D 185 -12.21 -3.44 26.49
CA GLU D 185 -12.36 -2.60 25.31
C GLU D 185 -13.59 -1.71 25.42
N LEU D 186 -14.71 -2.29 25.88
CA LEU D 186 -15.95 -1.52 26.00
C LEU D 186 -15.80 -0.39 27.01
N ASN D 187 -15.17 -0.68 28.16
CA ASN D 187 -15.03 0.34 29.19
C ASN D 187 -14.10 1.46 28.75
N ASN D 188 -12.99 1.11 28.08
CA ASN D 188 -12.12 2.15 27.54
C ASN D 188 -12.85 2.97 26.49
N ALA D 189 -13.69 2.31 25.67
CA ALA D 189 -14.47 3.01 24.67
C ALA D 189 -15.45 4.00 25.30
N ARG D 190 -16.14 3.57 26.37
CA ARG D 190 -17.07 4.46 27.05
C ARG D 190 -16.35 5.64 27.69
N LEU D 191 -15.17 5.39 28.27
CA LEU D 191 -14.36 6.48 28.80
C LEU D 191 -14.00 7.46 27.70
N ALA D 192 -13.63 6.96 26.52
CA ALA D 192 -13.28 7.83 25.41
C ALA D 192 -14.47 8.63 24.93
N MET D 193 -15.67 8.03 24.88
CA MET D 193 -16.86 8.78 24.49
C MET D 193 -17.17 9.89 25.49
N ILE D 194 -17.02 9.61 26.79
CA ILE D 194 -17.20 10.67 27.77
C ILE D 194 -16.15 11.76 27.57
N SER D 195 -14.90 11.36 27.33
CA SER D 195 -13.80 12.31 27.32
C SER D 195 -13.78 13.18 26.07
N ILE D 196 -14.18 12.65 24.91
CA ILE D 196 -14.18 13.47 23.70
C ILE D 196 -15.22 14.58 23.81
N TRP D 197 -16.38 14.27 24.39
CA TRP D 197 -17.37 15.32 24.62
C TRP D 197 -16.94 16.27 25.73
N GLY D 198 -16.22 15.76 26.74
CA GLY D 198 -15.62 16.66 27.71
C GLY D 198 -14.61 17.62 27.10
N LEU D 199 -13.87 17.13 26.09
CA LEU D 199 -12.95 17.99 25.35
C LEU D 199 -13.71 19.04 24.55
N TRP D 200 -14.72 18.61 23.80
CA TRP D 200 -15.48 19.54 22.97
C TRP D 200 -16.19 20.59 23.82
N VAL D 201 -17.14 20.15 24.65
CA VAL D 201 -17.78 21.04 25.62
C VAL D 201 -16.78 21.23 26.77
N GLY D 202 -16.09 22.35 26.76
CA GLY D 202 -14.97 22.58 27.65
C GLY D 202 -13.86 23.28 26.90
N GLU D 203 -13.73 22.99 25.60
CA GLU D 203 -12.98 23.88 24.73
C GLU D 203 -13.81 25.10 24.39
N ILE D 204 -15.12 24.91 24.20
CA ILE D 204 -16.02 26.03 23.98
C ILE D 204 -16.20 26.85 25.26
N ALA D 205 -16.36 26.16 26.39
CA ALA D 205 -16.56 26.86 27.66
C ALA D 205 -15.33 27.68 28.05
N SER D 206 -14.14 27.11 27.88
CA SER D 206 -12.91 27.83 28.22
C SER D 206 -12.58 28.94 27.24
N GLY D 207 -13.24 28.97 26.08
CA GLY D 207 -12.92 29.96 25.07
C GLY D 207 -11.70 29.64 24.25
N GLY D 208 -11.40 28.35 24.07
CA GLY D 208 -10.27 27.94 23.26
C GLY D 208 -9.01 27.59 24.00
N VAL D 209 -9.06 27.47 25.33
CA VAL D 209 -7.88 27.10 26.11
C VAL D 209 -7.50 25.65 25.80
N ASP D 210 -6.20 25.39 25.78
CA ASP D 210 -5.71 24.05 25.51
C ASP D 210 -6.25 23.07 26.56
N PRO D 211 -6.74 21.90 26.17
CA PRO D 211 -7.33 20.99 27.16
C PRO D 211 -6.39 20.58 28.27
N PHE D 212 -5.12 20.34 27.94
CA PHE D 212 -4.15 19.96 28.97
C PHE D 212 -3.72 21.14 29.80
N THR D 213 -3.58 22.32 29.19
CA THR D 213 -3.32 23.54 29.95
C THR D 213 -4.48 23.83 30.89
N SER D 214 -5.72 23.69 30.40
CA SER D 214 -6.88 23.90 31.25
C SER D 214 -6.93 22.89 32.39
N PHE D 215 -6.60 21.63 32.09
CA PHE D 215 -6.58 20.60 33.13
C PHE D 215 -5.54 20.93 34.20
N ALA D 216 -4.34 21.36 33.78
CA ALA D 216 -3.31 21.72 34.74
C ALA D 216 -3.73 22.93 35.57
N ASN D 217 -4.35 23.93 34.94
CA ASN D 217 -4.77 25.12 35.66
C ASN D 217 -5.86 24.81 36.68
N TRP D 218 -6.83 23.96 36.29
CA TRP D 218 -7.90 23.59 37.22
C TRP D 218 -7.37 22.78 38.40
N LEU D 219 -6.33 21.98 38.18
CA LEU D 219 -5.71 21.20 39.25
C LEU D 219 -4.59 21.95 39.95
N LYS D 220 -4.34 23.21 39.58
CA LYS D 220 -3.26 24.02 40.15
C LYS D 220 -1.91 23.32 40.04
N LEU D 221 -1.68 22.68 38.89
CA LEU D 221 -0.42 21.98 38.64
C LEU D 221 0.62 22.93 38.07
MG CLA E . 19.89 -16.84 16.59
CHA CLA E . 18.94 -19.48 14.74
CHB CLA E . 20.44 -18.85 19.25
CHC CLA E . 21.40 -14.19 18.18
CHD CLA E . 20.01 -14.90 13.61
NA CLA E . 19.69 -18.76 16.94
C1A CLA E . 19.28 -19.78 16.08
C2A CLA E . 19.16 -21.14 16.71
C3A CLA E . 19.41 -20.82 18.16
C4A CLA E . 19.89 -19.41 18.15
CMA CLA E . 18.19 -21.03 19.05
CAA CLA E . 20.20 -22.09 16.09
CBA CLA E . 21.63 -21.57 15.99
CGA CLA E . 22.46 -21.80 17.21
O1A CLA E . 22.65 -22.87 17.72
O2A CLA E . 22.95 -20.66 17.67
NB CLA E . 20.74 -16.61 18.34
C1B CLA E . 20.90 -17.55 19.38
C2B CLA E . 21.53 -16.95 20.49
C3B CLA E . 21.73 -15.60 20.21
C4B CLA E . 21.31 -15.37 18.89
CMB CLA E . 21.85 -17.64 21.78
CAB CLA E . 22.24 -14.55 21.11
CBB CLA E . 23.34 -14.53 21.81
NC CLA E . 20.46 -15.02 16.08
C1C CLA E . 21.02 -14.07 16.88
C2C CLA E . 21.13 -12.76 16.20
C3C CLA E . 20.77 -12.94 14.91
C4C CLA E . 20.40 -14.32 14.78
CMC CLA E . 21.59 -11.47 16.81
CAC CLA E . 20.74 -11.93 13.80
CBC CLA E . 22.06 -11.79 13.10
ND CLA E . 19.55 -17.05 14.68
C1D CLA E . 19.60 -16.21 13.52
C2D CLA E . 19.18 -16.93 12.40
C3D CLA E . 18.84 -18.24 12.82
C4D CLA E . 19.11 -18.26 14.19
CMD CLA E . 19.09 -16.39 11.00
CAD CLA E . 18.30 -19.53 12.45
OBD CLA E . 17.85 -19.88 11.37
CBD CLA E . 18.37 -20.42 13.66
CGD CLA E . 17.00 -20.94 14.09
O1D CLA E . 16.12 -20.25 14.53
O2D CLA E . 16.92 -22.25 13.94
CED CLA E . 15.69 -22.86 14.40
C1 CLA E . 23.78 -20.76 18.88
C2 CLA E . 24.15 -19.37 19.26
C3 CLA E . 24.98 -19.12 20.28
C4 CLA E . 25.63 -20.19 21.11
C5 CLA E . 25.30 -17.70 20.67
C6 CLA E . 26.32 -17.02 19.77
C7 CLA E . 27.74 -17.55 19.96
C8 CLA E . 28.79 -16.49 20.29
C9 CLA E . 30.15 -17.12 20.56
C10 CLA E . 28.87 -15.43 19.19
C11 CLA E . 29.79 -14.25 19.50
C12 CLA E . 30.15 -13.42 18.28
C13 CLA E . 28.99 -12.69 17.60
C14 CLA E . 28.57 -13.38 16.31
C15 CLA E . 29.34 -11.22 17.35
C16 CLA E . 28.27 -10.40 16.65
C17 CLA E . 28.76 -9.02 16.23
C18 CLA E . 27.73 -8.16 15.52
C19 CLA E . 27.13 -8.86 14.33
C20 CLA E . 26.65 -7.69 16.47
MG CLA F . 24.65 -12.00 26.21
CHA CLA F . 24.93 -15.07 27.60
CHB CLA F . 26.51 -13.01 23.57
CHC CLA F . 24.96 -8.71 25.24
CHD CLA F . 23.57 -10.77 29.37
NA CLA F . 25.46 -13.71 25.65
C1A CLA F . 25.42 -14.93 26.28
C2A CLA F . 25.95 -16.08 25.46
C3A CLA F . 26.62 -15.37 24.32
C4A CLA F . 26.20 -13.94 24.50
CMA CLA F . 28.15 -15.52 24.31
CAA CLA F . 24.75 -16.91 25.02
CBA CLA F . 25.09 -18.17 24.21
CGA CLA F . 26.02 -19.10 24.93
O1A CLA F . 25.67 -19.96 25.70
O2A CLA F . 27.30 -18.87 24.62
NB CLA F . 25.47 -11.11 24.68
C1B CLA F . 26.20 -11.67 23.60
C2B CLA F . 26.50 -10.68 22.64
C3B CLA F . 26.06 -9.45 23.12
C4B CLA F . 25.47 -9.67 24.37
CMB CLA F . 27.19 -10.91 21.34
CAB CLA F . 26.20 -8.14 22.48
CBB CLA F . 27.26 -7.44 22.28
NC CLA F . 24.27 -10.24 27.02
C1C CLA F . 24.44 -9.01 26.44
C2C CLA F . 23.95 -7.92 27.31
C3C CLA F . 23.49 -8.49 28.47
C4C CLA F . 23.75 -9.89 28.36
CMC CLA F . 23.97 -6.45 26.98
CAC CLA F . 22.86 -7.80 29.64
CBC CLA F . 21.39 -7.48 29.42
ND CLA F . 24.29 -12.67 28.01
C1D CLA F . 23.83 -12.13 29.25
C2D CLA F . 23.70 -13.15 30.20
C3D CLA F . 24.09 -14.36 29.59
C4D CLA F . 24.45 -14.02 28.29
CMD CLA F . 23.26 -12.97 31.62
CAD CLA F . 24.21 -15.80 29.71
OBD CLA F . 23.84 -16.52 30.63
CBD CLA F . 24.87 -16.32 28.48
CGD CLA F . 26.25 -16.87 28.84
O1D CLA F . 27.14 -16.23 29.32
O2D CLA F . 26.33 -18.17 28.55
CED CLA F . 27.59 -18.80 28.87
C1 CLA F . 28.28 -19.73 25.25
C2 CLA F . 29.54 -19.60 24.48
C3 CLA F . 30.70 -20.03 24.96
C4 CLA F . 30.87 -20.66 26.31
C5 CLA F . 31.97 -19.90 24.14
C6 CLA F . 32.03 -18.63 23.30
C7 CLA F . 32.68 -17.45 24.00
C8 CLA F . 31.77 -16.66 24.96
C9 CLA F . 31.89 -17.15 26.39
C10 CLA F . 32.07 -15.16 24.85
C11 CLA F . 31.85 -14.55 23.47
C12 CLA F . 32.21 -13.06 23.41
C13 CLA F . 31.47 -12.17 24.41
C14 CLA F . 29.97 -12.15 24.14
C15 CLA F . 32.06 -10.76 24.41
MG CLA G . 14.95 4.29 29.72
CHA CLA G . 15.51 7.24 31.26
CHB CLA G . 17.63 2.93 31.24
CHC CLA G . 13.79 1.17 28.82
CHD CLA G . 11.87 5.59 28.52
NA CLA G . 16.31 4.96 30.96
C1A CLA G . 16.42 6.20 31.55
C2A CLA G . 17.59 6.34 32.48
C3A CLA G . 18.41 5.12 32.13
C4A CLA G . 17.42 4.26 31.40
CMA CLA G . 19.66 5.40 31.31
CAA CLA G . 17.10 6.34 33.94
CBA CLA G . 16.03 5.31 34.29
CGA CLA G . 14.62 5.80 34.06
O1A CLA G . 14.19 6.85 34.45
O2A CLA G . 13.91 4.93 33.34
NB CLA G . 15.62 2.47 29.95
C1B CLA G . 16.80 2.04 30.59
C2B CLA G . 16.96 0.65 30.43
C3B CLA G . 15.88 0.14 29.73
C4B CLA G . 15.02 1.21 29.46
CMB CLA G . 18.13 -0.15 30.93
CAB CLA G . 15.63 -1.25 29.33
CBB CLA G . 16.38 -2.04 28.61
NC CLA G . 13.33 3.58 28.82
C1C CLA G . 13.04 2.27 28.53
C2C CLA G . 11.80 2.13 27.74
C3C CLA G . 11.30 3.39 27.56
C4C CLA G . 12.14 4.28 28.30
CMC CLA G . 11.22 0.85 27.22
CAC CLA G . 10.09 3.78 26.77
CBC CLA G . 8.82 3.81 27.61
ND CLA G . 13.92 5.95 29.79
C1D CLA G . 12.70 6.43 29.24
C2D CLA G . 12.52 7.77 29.57
C3D CLA G . 13.63 8.17 30.36
C4D CLA G . 14.43 7.03 30.48
CMD CLA G . 11.37 8.64 29.14
CAD CLA G . 14.27 9.25 31.08
OBD CLA G . 13.94 10.42 31.17
CBD CLA G . 15.50 8.69 31.74
CGD CLA G . 16.75 9.46 31.35
O1D CLA G . 17.66 9.71 32.09
O2D CLA G . 16.72 9.83 30.07
CED CLA G . 17.88 10.54 29.58
C1 CLA G . 12.55 5.34 33.03
C2 CLA G . 11.85 4.22 32.37
C3 CLA G . 10.64 4.40 31.82
C4 CLA G . 9.92 5.72 31.84
C5 CLA G . 9.92 3.27 31.12
C6 CLA G . 10.45 1.90 31.46
C7 CLA G . 9.80 0.81 30.61
C8 CLA G . 10.36 -0.61 30.76
C9 CLA G . 11.85 -0.60 31.11
C10 CLA G . 9.55 -1.44 31.76
C11 CLA G . 9.99 -2.90 31.88
C12 CLA G . 8.91 -3.79 32.47
C13 CLA G . 9.29 -5.26 32.61
C14 CLA G . 9.97 -5.79 31.35
C15 CLA G . 8.06 -6.10 32.96
C16 CLA G . 7.42 -5.77 34.30
C17 CLA G . 6.16 -6.58 34.59
C18 CLA G . 5.57 -6.40 35.97
C19 CLA G . 5.27 -4.94 36.26
C20 CLA G . 4.32 -7.24 36.16
MG CLA H . 19.42 -13.34 34.25
CHA CLA H . 20.22 -15.59 31.85
CHB CLA H . 19.35 -15.82 36.54
CHC CLA H . 19.63 -10.95 36.69
CHD CLA H . 19.75 -10.76 31.86
NA CLA H . 19.69 -15.28 34.20
C1A CLA H . 20.12 -16.08 33.18
C2A CLA H . 20.36 -17.49 33.65
C3A CLA H . 19.29 -17.55 34.71
C4A CLA H . 19.44 -16.15 35.23
CMA CLA H . 17.90 -17.87 34.19
CAA CLA H . 21.78 -17.50 34.26
CBA CLA H . 22.88 -17.90 33.28
CGA CLA H . 24.27 -17.59 33.78
O1A CLA H . 24.89 -18.26 34.56
O2A CLA H . 24.74 -16.49 33.21
NB CLA H . 19.53 -13.41 36.19
C1B CLA H . 19.49 -14.54 37.05
C2B CLA H . 19.65 -14.14 38.38
C3B CLA H . 19.74 -12.75 38.44
C4B CLA H . 19.63 -12.27 37.12
CMB CLA H . 19.71 -15.06 39.57
CAB CLA H . 19.91 -11.91 39.62
CBB CLA H . 20.93 -11.84 40.43
NC CLA H . 19.56 -11.39 34.28
C1C CLA H . 19.62 -10.58 35.39
C2C CLA H . 19.67 -9.16 35.02
C3C CLA H . 19.69 -9.07 33.67
C4C CLA H . 19.64 -10.42 33.17
CMC CLA H . 19.73 -8.01 36.00
CAC CLA H . 19.79 -7.82 32.82
CBC CLA H . 18.50 -7.46 32.13
ND CLA H . 19.81 -13.15 32.35
C1D CLA H . 19.86 -12.08 31.42
C2D CLA H . 20.05 -12.57 30.13
C3D CLA H . 20.19 -13.97 30.23
C4D CLA H . 20.05 -14.28 31.58
CMD CLA H . 20.10 -11.75 28.88
CAD CLA H . 20.36 -15.22 29.51
OBD CLA H . 20.39 -15.42 28.30
CBD CLA H . 20.53 -16.33 30.55
CGD CLA H . 19.64 -17.53 30.26
O1D CLA H . 20.03 -18.66 30.16
O2D CLA H . 18.37 -17.16 30.12
CED CLA H . 17.43 -18.22 29.85
C1 CLA H . 26.12 -16.12 33.51
C2 CLA H . 26.42 -14.94 32.65
C3 CLA H . 27.04 -13.86 33.11
C4 CLA H . 27.54 -13.72 34.51
C5 CLA H . 27.20 -12.65 32.23
C6 CLA H . 27.74 -12.95 30.85
C7 CLA H . 27.48 -11.82 29.86
C8 CLA H . 28.24 -11.89 28.54
C9 CLA H . 28.18 -13.30 27.94
C10 CLA H . 27.71 -10.85 27.57
C11 CLA H . 27.38 -9.49 28.19
C12 CLA H . 28.39 -8.39 27.86
C13 CLA H . 28.24 -7.78 26.47
C14 CLA H . 29.21 -8.41 25.46
C15 CLA H . 28.40 -6.26 26.52
C16 CLA H . 28.25 -5.54 25.19
MG CLA I . 6.81 -11.39 23.67
CHA CLA I . 5.35 -14.03 25.15
CHB CLA I . 5.23 -12.09 20.77
CHC CLA I . 7.94 -8.39 22.41
CHD CLA I . 7.82 -10.23 26.87
NA CLA I . 5.56 -12.79 23.07
C1A CLA I . 5.02 -13.83 23.80
C2A CLA I . 4.12 -14.74 23.00
C3A CLA I . 4.31 -14.23 21.60
C4A CLA I . 5.07 -12.96 21.79
CMA CLA I . 5.02 -15.22 20.69
CAA CLA I . 2.66 -14.63 23.49
CBA CLA I . 2.01 -13.26 23.41
CGA CLA I . 1.34 -12.99 22.09
O1A CLA I . 0.69 -13.79 21.47
O2A CLA I . 1.56 -11.75 21.68
NB CLA I . 6.63 -10.49 21.94
C1B CLA I . 5.95 -10.90 20.79
C2B CLA I . 6.17 -10.01 19.72
C3B CLA I . 7.06 -9.02 20.15
C4B CLA I . 7.26 -9.22 21.53
CMB CLA I . 5.65 -10.18 18.33
CAB CLA I . 7.71 -7.97 19.37
CBB CLA I . 7.20 -7.14 18.50
NC CLA I . 7.69 -9.78 24.40
C1C CLA I . 8.09 -8.66 23.72
C2C CLA I . 8.85 -7.73 24.59
C3C CLA I . 8.83 -8.23 25.85
C4C CLA I . 8.08 -9.46 25.80
CMC CLA I . 9.52 -6.46 24.14
CAC CLA I . 9.47 -7.64 27.08
CBC CLA I . 8.57 -6.65 27.79
ND CLA I . 6.73 -11.95 25.53
C1D CLA I . 7.20 -11.47 26.77
C2D CLA I . 6.89 -12.38 27.80
C3D CLA I . 6.19 -13.47 27.20
C4D CLA I . 6.10 -13.14 25.84
CMD CLA I . 7.25 -12.25 29.23
CAD CLA I . 5.60 -14.77 27.39
OBD CLA I . 5.57 -15.46 28.39
CBD CLA I . 4.96 -15.17 26.09
CGD CLA I . 5.47 -16.53 25.61
O1D CLA I . 5.00 -17.59 25.91
O2D CLA I . 6.50 -16.38 24.78
CED CLA I . 7.06 -17.59 24.23
C1 CLA I . 1.00 -11.39 20.39
C2 CLA I . 1.82 -10.29 19.84
C3 CLA I . 1.28 -9.22 19.27
C4 CLA I . -0.20 -9.03 19.10
C5 CLA I . 2.14 -8.12 18.70
C6 CLA I . 1.92 -6.77 19.36
C7 CLA I . 2.44 -5.62 18.51
C8 CLA I . 2.28 -4.23 19.13
C9 CLA I . 1.07 -4.15 20.06
C10 CLA I . 3.55 -3.77 19.83
C11 CLA I . 3.41 -2.53 20.70
C12 CLA I . 4.73 -2.01 21.23
C13 CLA I . 4.62 -0.82 22.18
C14 CLA I . 5.96 -0.14 22.38
C15 CLA I . 4.00 -1.25 23.50
MG CLA J . 12.59 -10.58 7.52
CHA CLA J . 9.77 -10.86 9.36
CHB CLA J . 11.15 -12.33 5.00
CHC CLA J . 15.12 -9.55 5.44
CHD CLA J . 13.79 -8.19 9.87
NA CLA J . 10.84 -11.44 7.25
C1A CLA J . 9.73 -11.44 8.09
C2A CLA J . 8.55 -12.18 7.53
C3A CLA J . 9.15 -12.92 6.37
C4A CLA J . 10.46 -12.21 6.17
CMA CLA J . 9.31 -14.43 6.60
CAA CLA J . 7.51 -11.12 7.11
CBA CLA J . 8.07 -9.92 6.37
CGA CLA J . 7.07 -8.84 6.10
O1A CLA J . 5.87 -8.99 6.11
O2A CLA J . 7.66 -7.67 5.87
NB CLA J . 13.03 -10.94 5.65
C1B CLA J . 12.34 -11.72 4.69
C2B CLA J . 13.06 -11.76 3.48
C3B CLA J . 14.20 -10.97 3.60
C4B CLA J . 14.20 -10.44 4.91
CMB CLA J . 12.64 -12.53 2.26
CAB CLA J . 15.24 -10.71 2.61
CBB CLA J . 15.12 -10.30 1.38
NC CLA J . 14.09 -9.31 7.64
C1C CLA J . 15.04 -9.04 6.68
C2C CLA J . 16.06 -8.09 7.15
C3C CLA J . 15.71 -7.70 8.41
C4C CLA J . 14.50 -8.40 8.74
CMC CLA J . 17.25 -7.61 6.37
CAC CLA J . 16.41 -6.72 9.30
CBC CLA J . 15.99 -5.29 9.04
ND CLA J . 12.02 -9.75 9.21
C1D CLA J . 12.58 -8.82 10.13
C2D CLA J . 11.73 -8.68 11.24
C3D CLA J . 10.60 -9.50 11.01
C4D CLA J . 10.82 -10.11 9.77
CMD CLA J . 11.98 -7.80 12.42
CAD CLA J . 9.33 -9.98 11.52
OBD CLA J . 8.80 -9.75 12.60
CBD CLA J . 8.71 -10.86 10.47
CGD CLA J . 8.43 -12.26 10.99
O1D CLA J . 9.17 -12.88 11.70
O2D CLA J . 7.26 -12.70 10.55
CED CLA J . 6.89 -14.04 10.97
C1 CLA J . 6.77 -6.53 5.64
C2 CLA J . 7.43 -5.34 6.24
C3 CLA J . 6.92 -4.72 7.30
C4 CLA J . 5.65 -5.13 7.98
C5 CLA J . 7.65 -3.55 7.93
C6 CLA J . 7.06 -3.12 9.26
C7 CLA J . 7.97 -2.18 10.04
C8 CLA J . 7.37 -1.58 11.30
C9 CLA J . 6.65 -2.63 12.14
C10 CLA J . 8.42 -0.83 12.13
MG CLA K . 9.09 -4.29 13.95
CHA CLA K . 6.93 -6.46 12.50
CHB CLA K . 6.81 -3.59 16.36
CHC CLA K . 10.95 -1.54 14.90
CHD CLA K . 10.97 -4.31 10.94
NA CLA K . 7.29 -4.95 14.39
C1A CLA K . 6.52 -5.91 13.74
C2A CLA K . 5.25 -6.26 14.45
C3A CLA K . 5.18 -5.26 15.56
C4A CLA K . 6.49 -4.54 15.46
CMA CLA K . 3.99 -4.30 15.46
CAA CLA K . 5.38 -7.70 14.98
CBA CLA K . 4.17 -8.19 15.76
CGA CLA K . 2.88 -8.10 14.99
O1A CLA K . 2.65 -8.68 13.96
O2A CLA K . 1.99 -7.31 15.60
NB CLA K . 8.95 -2.99 15.40
C1B CLA K . 7.96 -2.84 16.40
C2B CLA K . 8.33 -1.87 17.35
C3B CLA K . 9.53 -1.30 16.95
C4B CLA K . 9.90 -1.89 15.73
CMB CLA K . 7.55 -1.51 18.57
CAB CLA K . 10.32 -0.25 17.63
CBB CLA K . 9.92 0.89 18.10
NC CLA K . 10.59 -3.26 13.19
C1C CLA K . 11.23 -2.18 13.74
C2C CLA K . 12.33 -1.68 12.88
C3C CLA K . 12.35 -2.44 11.76
C4C CLA K . 11.30 -3.41 11.90
CMC CLA K . 13.24 -0.52 13.19
CAC CLA K . 13.26 -2.31 10.58
CBC CLA K . 12.70 -1.41 9.50
ND CLA K . 9.05 -5.16 12.19
C1D CLA K . 9.88 -5.16 11.04
C2D CLA K . 9.40 -6.08 10.10
C3D CLA K . 8.23 -6.66 10.64
C4D CLA K . 8.06 -6.07 11.88
CMD CLA K . 10.02 -6.40 8.77
CAD CLA K . 7.13 -7.58 10.43
OBD CLA K . 6.90 -8.30 9.46
CBD CLA K . 6.24 -7.51 11.62
CGD CLA K . 4.83 -7.13 11.19
O1D CLA K . 3.98 -7.92 10.86
O2D CLA K . 4.67 -5.82 11.20
CED CLA K . 3.36 -5.34 10.81
C1 CLA K . 0.65 -7.30 15.05
C2 CLA K . 0.59 -6.41 13.86
C3 CLA K . 0.28 -5.12 13.95
C4 CLA K . -0.02 -4.43 15.25
C5 CLA K . 0.20 -4.25 12.72
C6 CLA K . -0.44 -4.96 11.53
C7 CLA K . -0.55 -4.07 10.29
MG CLA L . 26.89 0.81 12.58
CHA CLA L . 29.18 3.22 11.98
CHB CLA L . 24.68 2.33 10.53
CHC CLA L . 24.93 -2.02 12.68
CHD CLA L . 29.46 -1.13 14.09
NA CLA L . 26.92 2.44 11.48
C1A CLA L . 27.95 3.37 11.30
C2A CLA L . 27.60 4.51 10.39
C3A CLA L . 26.14 4.28 10.12
C4A CLA L . 25.86 2.94 10.73
CMA CLA L . 25.22 5.37 10.67
CAA CLA L . 28.45 4.46 9.12
CBA CLA L . 29.02 3.09 8.74
CGA CLA L . 28.24 2.36 7.69
O1A CLA L . 27.10 2.02 7.81
O2A CLA L . 28.98 2.13 6.60
NB CLA L . 25.14 0.35 11.85
C1B CLA L . 24.28 1.11 11.03
C2B CLA L . 23.03 0.46 10.90
C3B CLA L . 23.09 -0.76 11.56
C4B CLA L . 24.38 -0.91 12.07
CMB CLA L . 21.84 1.02 10.18
CAB CLA L . 22.02 -1.74 11.74
CBB CLA L . 21.30 -2.35 10.83
NC CLA L . 27.09 -1.03 13.26
C1C CLA L . 26.17 -2.05 13.23
C2C CLA L . 26.64 -3.27 13.90
C3C CLA L . 27.91 -3.03 14.34
C4C CLA L . 28.24 -1.69 13.92
CMC CLA L . 25.86 -4.54 14.08
CAC CLA L . 28.81 -3.96 15.09
CBC CLA L . 28.47 -4.07 16.55
ND CLA L . 28.80 0.95 13.01
C1D CLA L . 29.76 0.15 13.66
C2D CLA L . 30.99 0.84 13.75
C3D CLA L . 30.81 2.10 13.12
C4D CLA L . 29.48 2.11 12.69
CMD CLA L . 32.25 0.33 14.37
CAD CLA L . 31.41 3.38 12.77
OBD CLA L . 32.53 3.79 13.01
CBD CLA L . 30.39 4.17 12.00
CGD CLA L . 30.09 5.50 12.68
O1D CLA L . 29.98 5.67 13.86
O2D CLA L . 29.97 6.47 11.77
CED CLA L . 29.67 7.79 12.30
C1 CLA L . 28.31 1.50 5.48
C2 CLA L . 28.18 0.04 5.71
C3 CLA L . 28.93 -0.86 5.08
C4 CLA L . 29.99 -0.50 4.09
C5 CLA L . 28.74 -2.34 5.31
C6 CLA L . 29.84 -2.96 6.16
MG CLA M . 15.50 -15.38 1.26
CHA CLA M . 13.28 -15.91 3.75
CHB CLA M . 13.54 -17.17 -0.83
CHC CLA M . 17.16 -13.93 -1.37
CHD CLA M . 17.30 -13.21 3.38
NA CLA M . 13.82 -16.38 1.44
C1A CLA M . 12.95 -16.47 2.51
C2A CLA M . 11.71 -17.27 2.19
C3A CLA M . 12.28 -18.15 1.10
C4A CLA M . 13.26 -17.20 0.49
CMA CLA M . 12.90 -19.47 1.57
CAA CLA M . 10.67 -16.29 1.64
CBA CLA M . 9.98 -15.41 2.68
CGA CLA M . 8.98 -14.46 2.09
O1A CLA M . 8.33 -14.68 1.11
O2A CLA M . 8.89 -13.33 2.80
NB CLA M . 15.33 -15.51 -0.68
C1B CLA M . 14.44 -16.31 -1.45
C2B CLA M . 14.63 -16.06 -2.82
C3B CLA M . 15.68 -15.15 -2.98
C4B CLA M . 16.14 -14.80 -1.69
CMB CLA M . 13.85 -16.70 -3.93
CAB CLA M . 16.27 -14.64 -4.22
CBB CLA M . 15.68 -14.16 -5.27
NC CLA M . 16.94 -14.06 1.06
C1C CLA M . 17.51 -13.61 -0.11
C2C CLA M . 18.67 -12.73 0.16
C3C CLA M . 18.80 -12.62 1.52
C4C CLA M . 17.68 -13.31 2.09
CMC CLA M . 19.55 -12.09 -0.87
CAC CLA M . 19.87 -11.90 2.28
CBC CLA M . 19.51 -10.47 2.60
ND CLA M . 15.39 -14.71 3.08
C1D CLA M . 16.18 -13.85 3.89
C2D CLA M . 15.64 -13.79 5.18
C3D CLA M . 14.48 -14.59 5.20
C4D CLA M . 14.37 -15.12 3.91
CMD CLA M . 16.21 -13.01 6.33
CAD CLA M . 13.33 -15.04 5.97
OBD CLA M . 13.01 -14.74 7.10
CBD CLA M . 12.55 -15.99 5.11
CGD CLA M . 12.56 -17.39 5.72
O1D CLA M . 13.51 -18.10 5.77
O2D CLA M . 11.35 -17.71 6.19
CED CLA M . 11.25 -19.00 6.82
C1 CLA M . 7.92 -12.36 2.34
C2 CLA M . 8.45 -10.99 2.54
C3 CLA M . 9.15 -10.38 1.58
C4 CLA M . 9.48 -11.03 0.26
C5 CLA M . 9.66 -8.97 1.75
C6 CLA M . 10.24 -8.68 3.13
C7 CLA M . 11.07 -7.40 3.14
C8 CLA M . 11.48 -6.87 4.51
C9 CLA M . 11.69 -7.99 5.51
C10 CLA M . 12.71 -5.99 4.39
C11 CLA M . 13.81 -6.51 3.46
C12 CLA M . 14.83 -5.46 3.06
C13 CLA M . 15.73 -5.84 1.88
C14 CLA M . 14.92 -6.47 0.74
C15 CLA M . 16.89 -6.74 2.31
C16 CLA M . 17.98 -6.04 3.11
MG CLA N . 3.90 -9.94 33.14
CHA CLA N . 2.16 -10.60 35.97
CHB CLA N . 1.18 -8.48 31.76
CHC CLA N . 5.92 -8.67 30.66
CHD CLA N . 6.88 -10.82 34.85
NA CLA N . 2.02 -9.71 33.69
C1A CLA N . 1.40 -10.08 34.88
C2A CLA N . -0.10 -9.91 34.86
C3A CLA N . -0.37 -9.36 33.48
C4A CLA N . 1.01 -9.15 32.91
CMA CLA N . -1.23 -10.26 32.60
CAA CLA N . -0.52 -8.92 35.96
CBA CLA N . -0.86 -7.52 35.48
CGA CLA N . 0.05 -6.46 36.03
O1A CLA N . 0.75 -6.60 37.00
O2A CLA N . -0.02 -5.35 35.32
NB CLA N . 3.58 -8.81 31.57
C1B CLA N . 2.38 -8.23 31.11
C2B CLA N . 2.61 -7.47 29.96
C3B CLA N . 3.93 -7.61 29.58
C4B CLA N . 4.57 -8.37 30.57
CMB CLA N . 1.57 -6.70 29.20
CAB CLA N . 4.59 -7.10 28.38
CBB CLA N . 4.89 -7.76 27.29
NC CLA N . 5.84 -9.87 32.78
C1C CLA N . 6.47 -9.34 31.69
C2C CLA N . 7.93 -9.61 31.69
C3C CLA N . 8.21 -10.26 32.86
C4C CLA N . 6.98 -10.37 33.58
CMC CLA N . 8.90 -9.23 30.62
CAC CLA N . 9.55 -10.77 33.32
CBC CLA N . 9.86 -12.16 32.81
ND CLA N . 4.45 -10.58 34.91
C1D CLA N . 5.68 -10.93 35.53
C2D CLA N . 5.45 -11.39 36.83
C3D CLA N . 4.05 -11.31 37.06
C4D CLA N . 3.50 -10.80 35.89
CMD CLA N . 6.49 -11.85 37.80
CAD CLA N . 2.96 -11.60 37.98
OBD CLA N . 3.01 -12.16 39.06
CBD CLA N . 1.70 -11.06 37.37
CGD CLA N . 0.60 -12.11 37.37
O1D CLA N . -0.35 -12.10 38.11
O2D CLA N . 0.83 -13.04 36.45
CED CLA N . -0.16 -14.10 36.37
C1 CLA N . 0.80 -4.25 35.79
C2 CLA N . 2.01 -4.18 34.94
C3 CLA N . 2.19 -3.21 34.05
C4 CLA N . 1.20 -2.10 33.81
C5 CLA N . 3.44 -3.15 33.21
C6 CLA N . 3.67 -4.40 32.37
C7 CLA N . 4.98 -4.37 31.60
C8 CLA N . 4.88 -3.98 30.12
C9 CLA N . 4.24 -2.59 29.94
C10 CLA N . 6.24 -4.08 29.43
C11 CLA N . 6.28 -3.59 27.98
C12 CLA N . 6.89 -2.20 27.83
C13 CLA N . 6.49 -1.45 26.58
C14 CLA N . 7.07 -2.09 25.32
C15 CLA N . 6.86 0.03 26.69
C16 CLA N . 6.16 0.80 27.80
MG CLA O . 13.36 4.52 43.28
CHA CLA O . 15.63 6.93 42.64
CHB CLA O . 12.85 5.83 46.35
CHC CLA O . 10.49 2.66 43.48
CHD CLA O . 13.63 3.45 39.92
NA CLA O . 14.09 6.03 44.28
C1A CLA O . 14.97 7.02 43.88
C2A CLA O . 15.19 8.07 44.93
C3A CLA O . 14.93 7.22 46.16
C4A CLA O . 13.87 6.31 45.61
CMA CLA O . 16.16 6.48 46.69
CAA CLA O . 14.11 9.16 44.76
CBA CLA O . 14.30 10.07 43.55
CGA CLA O . 13.57 9.60 42.33
O1A CLA O . 13.94 9.77 41.20
O2A CLA O . 12.44 8.96 42.66
NB CLA O . 11.97 4.35 44.62
C1B CLA O . 11.86 4.98 45.88
C2B CLA O . 10.64 4.61 46.51
C3B CLA O . 9.98 3.70 45.70
C4B CLA O . 10.76 3.50 44.55
CMB CLA O . 10.17 5.11 47.84
CAB CLA O . 8.72 3.02 45.96
CBB CLA O . 8.53 1.81 46.43
NC CLA O . 12.42 3.27 42.10
C1C CLA O . 11.27 2.58 42.37
C2C CLA O . 10.95 1.60 41.30
C3C CLA O . 11.89 1.74 40.33
C4C CLA O . 12.72 2.85 40.71
CMC CLA O . 9.80 0.62 41.31
CAC CLA O . 12.04 0.92 39.07
CBC CLA O . 13.26 0.03 39.10
ND CLA O . 14.36 4.99 41.67
C1D CLA O . 14.44 4.49 40.34
C2D CLA O . 15.41 5.22 39.62
C3D CLA O . 15.96 6.18 40.50
C4D CLA O . 15.28 6.01 41.71
CMD CLA O . 15.80 4.99 38.20
CAD CLA O . 16.91 7.26 40.67
OBD CLA O . 17.73 7.69 39.88
CBD CLA O . 16.76 7.79 42.07
CGD CLA O . 18.06 7.58 42.84
O1D CLA O . 18.44 6.53 43.30
O2D CLA O . 18.75 8.71 42.95
CED CLA O . 19.99 8.64 43.68
C1 CLA O . 11.65 8.47 41.54
C2 CLA O . 10.43 7.82 42.08
C3 CLA O . 10.09 6.60 41.70
C4 CLA O . 10.88 5.78 40.71
C5 CLA O . 8.87 5.91 42.27
C6 CLA O . 7.77 5.64 41.23
C7 CLA O . 7.77 4.21 40.71
C8 CLA O . 6.69 3.88 39.68
C9 CLA O . 6.83 4.73 38.43
C10 CLA O . 6.66 2.39 39.36
MG CLA P . 12.14 7.44 15.56
CHA CLA P . 9.58 9.07 17.03
CHB CLA P . 11.05 4.48 16.80
CHC CLA P . 14.42 5.83 13.54
CHD CLA P . 12.84 10.39 13.70
NA CLA P . 10.63 6.89 16.71
C1A CLA P . 9.63 7.67 17.27
C2A CLA P . 8.68 6.92 18.15
C3A CLA P . 9.25 5.51 18.15
C4A CLA P . 10.37 5.60 17.16
CMA CLA P . 9.68 5.01 19.52
CAA CLA P . 7.27 6.96 17.55
CBA CLA P . 6.16 6.51 18.51
CGA CLA P . 5.59 7.64 19.32
O1A CLA P . 5.79 8.80 19.11
O2A CLA P . 4.82 7.19 20.31
NB CLA P . 12.64 5.57 15.30
C1B CLA P . 12.12 4.40 15.92
C2B CLA P . 12.87 3.28 15.54
C3B CLA P . 13.85 3.66 14.65
C4B CLA P . 13.70 5.04 14.43
CMB CLA P . 12.65 1.88 16.04
CAB CLA P . 14.88 2.82 14.04
CBB CLA P . 15.10 2.58 12.78
NC CLA P . 13.35 7.96 14.08
C1C CLA P . 14.22 7.15 13.40
C2C CLA P . 15.05 7.91 12.43
C3C CLA P . 14.62 9.21 12.47
C4C CLA P . 13.56 9.28 13.44
CMC CLA P . 16.12 7.35 11.56
CAC CLA P . 15.14 10.37 11.66
CBC CLA P . 14.34 10.59 10.39
ND CLA P . 11.47 9.27 15.38
C1D CLA P . 11.83 10.43 14.64
C2D CLA P . 11.01 11.50 15.00
C3D CLA P . 10.11 11.03 15.98
C4D CLA P . 10.42 9.68 16.17
CMD CLA P . 11.07 12.89 14.45
CAD CLA P . 9.02 11.37 16.89
OBD CLA P . 8.47 12.44 17.05
CBD CLA P . 8.64 10.12 17.62
CGD CLA P . 8.88 10.29 19.11
O1D CLA P . 9.93 10.10 19.67
O2D CLA P . 7.77 10.68 19.74
CED CLA P . 7.88 10.85 21.17
C1 CLA P . 4.15 8.22 21.09
C2 CLA P . 4.02 7.77 22.50
C3 CLA P . 3.32 8.44 23.41
C4 CLA P . 3.18 8.00 24.84
C5 CLA P . 2.58 9.71 23.05
C6 CLA P . 1.20 9.83 23.69
C7 CLA P . 0.11 9.05 22.96
C8 CLA P . -0.06 7.60 23.38
C9 CLA P . -0.96 7.46 24.61
C10 CLA P . -0.56 6.74 22.21
C11 CLA P . 0.41 6.65 21.04
C12 CLA P . -0.18 5.95 19.81
C13 CLA P . 0.72 5.95 18.58
C14 CLA P . 1.92 5.02 18.76
C15 CLA P . 1.17 7.39 18.26
C16 CLA P . 2.30 7.51 17.24
C17 CLA P . 2.63 8.95 16.90
C18 CLA P . 3.78 9.15 15.92
C19 CLA P . 3.56 8.35 14.65
C20 CLA P . 3.99 10.62 15.59
C8 A1L1F Q . 0.07 -8.50 25.82
C5 A1L1F Q . 1.10 -5.63 23.50
C4 A1L1F Q . 1.43 -9.16 25.82
C6 A1L1F Q . 0.77 -7.09 23.83
C10 A1L1F Q . 3.39 -9.92 24.44
C11 A1L1F Q . 1.99 -9.31 24.40
C2 A1L1F Q . 4.05 -7.17 22.35
C3 A1L1F Q . 0.18 -7.10 25.26
C1 A1L1F Q . 1.99 -7.94 23.74
C12 A1L1F Q . -0.30 -7.57 22.84
C14 A1L1F Q . 19.23 1.00 13.78
C17 A1L1F Q . 22.04 0.49 14.87
C18 A1L1F Q . 19.00 4.34 13.90
C19 A1L1F Q . 19.13 3.01 11.82
C20 A1L1F Q . 21.59 1.87 14.48
C21 A1L1F Q . 22.70 2.88 14.29
C22 A1L1F Q . 22.17 4.24 13.87
C23 A1L1F Q . 21.19 4.10 12.73
C24 A1L1F Q . 19.88 3.37 13.10
C25 A1L1F Q . 20.19 2.15 13.93
C26 A1L1F Q . 17.28 -1.18 13.23
C27 A1L1F Q . 13.49 -3.72 16.01
C28 A1L1F Q . 9.21 -2.88 22.03
C29 A1L1F Q . 18.09 0.87 14.44
C30 A1L1F Q . 17.25 -0.30 14.44
C31 A1L1F Q . 16.48 -0.53 15.53
C32 A1L1F Q . 15.48 -1.53 15.69
C33 A1L1F Q . 14.74 -1.66 16.80
C34 A1L1F Q . 13.68 -2.63 17.04
C35 A1L1F Q . 12.88 -2.49 18.11
C36 A1L1F Q . 11.74 -3.26 18.44
C37 A1L1F Q . 10.96 -3.06 19.53
C38 A1L1F Q . 9.81 -3.85 19.79
C39 A1L1F Q . 9.00 -3.81 20.87
C40 A1L1F Q . 7.85 -4.69 20.90
C41 A1L1F Q . 7.00 -4.90 21.91
C42 A1L1F Q . 5.90 -5.81 21.78
C43 A1L1F Q . 5.07 -5.70 24.14
C44 A1L1F Q . 5.03 -6.20 22.73
C45 A1L1F Q . 16.81 -1.04 10.94
C47 A1L1F Q . 16.69 -0.11 9.77
C48 A1L1F Q . 17.98 -0.07 8.95
C49 A1L1F Q . 17.90 0.87 7.76
C50 A1L1F Q . 19.20 0.91 6.96
C51 A1L1F Q . 19.16 1.89 5.80
C52 A1L1F Q . 20.45 1.94 5.01
C53 A1L1F Q . 20.41 2.95 3.89
C54 A1L1F Q . -1.28 -9.27 27.65
C56 A1L1F Q . -1.61 -9.03 29.08
C57 A1L1F Q . 3.03 -7.54 23.07
O13 A1L1F Q . 17.14 -0.38 12.05
O15 A1L1F Q . 20.51 2.42 15.30
O16 A1L1F Q . 23.26 5.07 13.48
O46 A1L1F Q . 16.63 -2.23 10.90
O55 A1L1F Q . -1.76 -10.12 26.95
O7 A1L1F Q . -0.36 -8.39 27.21
O9 A1L1F Q . 1.11 -10.19 23.70
C1 XAT R . 27.06 -17.82 14.85
C2 XAT R . 26.95 -19.19 14.17
C3 XAT R . 26.12 -20.21 14.93
C4 XAT R . 24.67 -19.75 14.97
C5 XAT R . 24.56 -18.33 15.48
C6 XAT R . 25.72 -17.43 15.43
C7 XAT R . 25.43 -15.96 15.48
C8 XAT R . 25.27 -15.25 16.58
C9 XAT R . 25.00 -13.84 16.72
C10 XAT R . 24.81 -13.31 17.95
C11 XAT R . 24.56 -11.96 18.30
C12 XAT R . 24.24 -11.56 19.54
C13 XAT R . 23.97 -10.19 19.95
C14 XAT R . 23.40 -9.96 21.16
C15 XAT R . 23.02 -8.71 21.71
C16 XAT R . 27.53 -16.79 13.82
C17 XAT R . 28.12 -17.88 15.96
C18 XAT R . 23.14 -17.82 15.58
C19 XAT R . 24.95 -13.00 15.46
C20 XAT R . 24.29 -9.08 18.99
O3 XAT R . 26.19 -21.49 14.28
O4 XAT R . 25.38 -18.12 16.68
C21 XAT R . 22.31 1.42 28.62
C22 XAT R . 22.11 2.90 29.03
C23 XAT R . 21.41 3.74 27.96
C24 XAT R . 19.99 3.24 27.78
C25 XAT R . 19.93 1.74 27.58
C26 XAT R . 21.05 0.89 27.97
C27 XAT R . 20.78 -0.57 28.22
C28 XAT R . 20.74 -1.48 27.27
C29 XAT R . 20.53 -2.92 27.31
C30 XAT R . 20.73 -3.63 26.18
C31 XAT R . 20.78 -5.03 26.02
C32 XAT R . 21.18 -5.56 24.86
C33 XAT R . 21.34 -6.96 24.51
C34 XAT R . 22.00 -7.27 23.38
C35 XAT R . 22.36 -8.56 22.89
C36 XAT R . 22.69 0.62 29.87
C37 XAT R . 23.48 1.33 27.65
C38 XAT R . 18.53 1.21 27.40
C39 XAT R . 20.24 -3.55 28.64
C40 XAT R . 20.80 -8.00 25.46
O23 XAT R . 21.38 5.11 28.38
O24 XAT R . 20.89 1.28 26.58
C8 A1L1F S . 8.12 14.03 40.36
C5 A1L1F S . 11.26 14.47 40.03
C4 A1L1F S . 7.77 13.25 39.10
C6 A1L1F S . 10.51 13.15 40.21
C10 A1L1F S . 8.58 12.35 36.90
C11 A1L1F S . 8.95 13.16 38.13
C2 A1L1F S . 11.40 10.50 37.92
C3 A1L1F S . 9.26 13.34 41.09
C1 A1L1F S . 10.14 12.57 38.88
C12 A1L1F S . 11.42 12.17 40.98
C14 A1L1F S . 14.42 -7.69 31.64
C17 A1L1F S . 12.89 -8.46 29.13
C18 A1L1F S . 13.57 -10.19 33.74
C19 A1L1F S . 15.84 -9.76 32.87
C20 A1L1F S . 13.06 -9.43 30.28
C21 A1L1F S . 12.83 -10.89 29.92
C22 A1L1F S . 13.07 -11.83 31.09
C23 A1L1F S . 14.39 -11.47 31.75
C24 A1L1F S . 14.40 -10.10 32.46
C25 A1L1F S . 13.81 -9.07 31.55
C26 A1L1F S . 15.71 -5.09 31.56
C27 A1L1F S . 14.86 -0.13 33.19
C28 A1L1F S . 10.35 3.91 37.48
C29 A1L1F S . 13.86 -6.65 32.23
C30 A1L1F S . 14.43 -5.31 32.30
C31 A1L1F S . 13.78 -4.37 33.02
C32 A1L1F S . 14.09 -2.99 33.09
C33 A1L1F S . 13.44 -2.10 33.85
C34 A1L1F S . 13.71 -0.68 33.97
C35 A1L1F S . 12.95 0.08 34.78
C36 A1L1F S . 13.07 1.48 35.03
C37 A1L1F S . 12.24 2.19 35.82
C38 A1L1F S . 12.39 3.59 36.05
C39 A1L1F S . 11.58 4.41 36.77
C40 A1L1F S . 11.91 5.82 36.86
C41 A1L1F S . 11.15 6.78 37.42
C42 A1L1F S . 11.54 8.16 37.46
C43 A1L1F S . 9.48 9.02 38.60
C44 A1L1F S . 10.83 9.19 37.98
C45 A1L1F S . 17.77 -4.05 31.97
C47 A1L1F S . 18.79 -3.71 33.00
C48 A1L1F S . 20.00 -2.97 32.43
C49 A1L1F S . 21.02 -2.59 33.48
C50 A1L1F S . 22.22 -1.82 32.94
C51 A1L1F S . 23.24 -1.46 34.00
C52 A1L1F S . 24.41 -0.65 33.47
C53 A1L1F S . 25.43 -0.32 34.54
C54 A1L1F S . 6.02 14.95 41.11
C56 A1L1F S . 4.90 14.75 42.07
C57 A1L1F S . 10.79 11.56 38.39
O13 A1L1F S . 16.74 -4.71 32.50
O15 A1L1F S . 12.38 -9.05 31.51
O16 A1L1F S . 13.11 -13.18 30.63
O46 A1L1F S . 17.86 -3.78 30.80
O55 A1L1F S . 6.13 15.84 40.32
O7 A1L1F S . 6.95 13.97 41.24
O9 A1L1F S . 9.26 14.51 37.74
C1 XAT T . 38.81 0.21 16.48
C2 XAT T . 39.44 1.04 17.62
C3 XAT T . 38.84 2.43 17.76
C4 XAT T . 37.38 2.34 18.13
C5 XAT T . 36.62 1.27 17.37
C6 XAT T . 37.33 0.26 16.58
C7 XAT T . 36.59 -1.05 16.39
C8 XAT T . 35.83 -1.39 15.36
C9 XAT T . 35.14 -2.66 15.22
C10 XAT T . 34.24 -2.81 14.23
C11 XAT T . 33.40 -3.94 13.99
C12 XAT T . 32.43 -3.98 13.05
C13 XAT T . 31.54 -5.10 12.78
C14 XAT T . 30.38 -4.86 12.13
C15 XAT T . 29.29 -5.76 11.95
C16 XAT T . 39.35 -1.23 16.57
C17 XAT T . 39.29 0.78 15.14
C18 XAT T . 35.21 1.05 17.88
C19 XAT T . 35.43 -3.73 16.24
C20 XAT T . 31.88 -6.43 13.38
O3 XAT T . 39.55 3.16 18.75
O4 XAT T . 36.73 1.42 15.91
C21 XAT T . 18.40 -11.58 9.79
C22 XAT T . 17.09 -12.38 9.68
C23 XAT T . 16.35 -12.59 10.99
C24 XAT T . 15.90 -11.24 11.52
C25 XAT T . 17.03 -10.25 11.58
C26 XAT T . 18.23 -10.43 10.76
C27 XAT T . 19.05 -9.19 10.48
C28 XAT T . 20.33 -9.05 10.73
C29 XAT T . 21.16 -7.88 10.48
C30 XAT T . 22.48 -7.94 10.75
C31 XAT T . 23.45 -6.89 10.61
C32 XAT T . 24.75 -7.05 10.87
C33 XAT T . 25.78 -6.03 10.77
C34 XAT T . 27.02 -6.31 11.24
C35 XAT T . 28.12 -5.41 11.38
C36 XAT T . 19.53 -12.52 10.21
C37 XAT T . 18.76 -11.04 8.40
C38 XAT T . 16.64 -8.90 12.13
C39 XAT T . 20.49 -6.64 9.96
C40 XAT T . 25.39 -4.68 10.25
O23 XAT T . 15.21 -13.42 10.76
O24 XAT T . 18.24 -10.82 12.16
MG CLA U . 18.21 -13.73 -27.40
CHA CLA U . 17.26 -16.34 -29.27
CHB CLA U . 18.97 -15.79 -24.84
CHC CLA U . 19.68 -11.07 -25.78
CHD CLA U . 18.15 -11.70 -30.31
NA CLA U . 18.12 -15.67 -27.10
C1A CLA U . 17.72 -16.66 -27.98
C2A CLA U . 17.77 -18.05 -27.41
C3A CLA U . 18.05 -17.80 -25.96
C4A CLA U . 18.41 -16.35 -25.93
CMA CLA U . 16.89 -18.14 -25.04
CAA CLA U . 18.88 -18.85 -28.12
CBA CLA U . 20.24 -18.14 -28.24
CGA CLA U . 21.13 -18.33 -27.04
O1A CLA U . 21.36 -19.38 -26.51
O2A CLA U . 21.62 -17.16 -26.62
NB CLA U . 19.08 -13.50 -25.66
C1B CLA U . 19.33 -14.46 -24.66
C2B CLA U . 19.87 -13.86 -23.52
C3B CLA U . 19.95 -12.49 -23.73
C4B CLA U . 19.59 -12.26 -25.07
CMB CLA U . 20.20 -14.56 -22.24
CAB CLA U . 20.28 -11.43 -22.78
CBB CLA U . 21.31 -11.32 -21.98
NC CLA U . 18.71 -11.87 -27.86
C1C CLA U . 19.29 -10.93 -27.06
C2C CLA U . 19.39 -9.61 -27.72
C3C CLA U . 19.00 -9.78 -29.02
C4C CLA U . 18.59 -11.15 -29.16
CMC CLA U . 19.88 -8.34 -27.10
CAC CLA U . 19.00 -8.75 -30.11
CBC CLA U . 20.26 -8.76 -30.93
ND CLA U . 17.78 -13.89 -29.28
C1D CLA U . 17.74 -13.01 -30.40
C2D CLA U . 17.28 -13.71 -31.53
C3D CLA U . 17.00 -15.03 -31.13
C4D CLA U . 17.34 -15.09 -29.79
CMD CLA U . 17.10 -13.14 -32.91
CAD CLA U . 16.48 -16.35 -31.51
OBD CLA U . 15.97 -16.68 -32.57
CBD CLA U . 16.67 -17.27 -30.34
CGD CLA U . 15.35 -17.87 -29.87
O1D CLA U . 14.54 -17.29 -29.20
O2D CLA U . 15.23 -19.13 -30.26
CED CLA U . 13.99 -19.79 -29.90
C1 CLA U . 22.48 -17.21 -25.45
C2 CLA U . 22.79 -15.83 -25.02
C3 CLA U . 23.28 -15.56 -23.82
C4 CLA U . 23.59 -16.61 -22.79
C5 CLA U . 23.55 -14.14 -23.39
C6 CLA U . 24.62 -13.44 -24.23
C7 CLA U . 25.95 -14.16 -24.24
C8 CLA U . 27.18 -13.28 -24.48
C9 CLA U . 28.45 -14.11 -24.57
C10 CLA U . 27.00 -12.37 -25.69
C11 CLA U . 28.06 -11.30 -25.85
C12 CLA U . 28.07 -10.65 -27.23
C13 CLA U . 26.92 -9.70 -27.53
C14 CLA U . 26.73 -9.54 -29.04
C15 CLA U . 27.15 -8.34 -26.86
C16 CLA U . 26.31 -7.20 -27.39
C17 CLA U . 26.78 -5.82 -26.92
C18 CLA U . 26.08 -4.62 -27.53
C19 CLA U . 26.15 -4.64 -29.05
C20 CLA U . 24.65 -4.47 -27.06
MG CLA V . 22.92 -9.72 -17.74
CHA CLA V . 22.45 -12.63 -16.08
CHB CLA V . 24.18 -11.45 -20.36
CHC CLA V . 24.10 -6.76 -19.02
CHD CLA V . 22.52 -8.00 -14.65
NA CLA V . 23.09 -11.62 -18.19
C1A CLA V . 22.74 -12.73 -17.45
C2A CLA V . 22.72 -14.02 -18.21
C3A CLA V . 23.44 -13.64 -19.48
C4A CLA V . 23.59 -12.15 -19.37
CMA CLA V . 24.77 -14.36 -19.68
CAA CLA V . 21.24 -14.40 -18.42
CBA CLA V . 21.01 -15.75 -19.10
CGA CLA V . 21.70 -16.90 -18.44
O1A CLA V . 21.30 -17.48 -17.47
O2A CLA V . 22.83 -17.21 -19.07
NB CLA V . 23.91 -9.25 -19.35
C1B CLA V . 24.40 -10.08 -20.38
C2B CLA V . 25.09 -9.32 -21.34
C3B CLA V . 25.06 -7.99 -20.97
C4B CLA V . 24.35 -7.90 -19.77
CMB CLA V . 25.74 -9.88 -22.57
CAB CLA V . 25.68 -6.83 -21.63
CBB CLA V . 25.58 -6.45 -22.88
NC CLA V . 23.12 -7.86 -17.08
C1C CLA V . 23.59 -6.78 -17.78
C2C CLA V . 23.48 -5.52 -17.01
C3C CLA V . 23.06 -5.86 -15.75
C4C CLA V . 22.84 -7.29 -15.74
CMC CLA V . 23.83 -4.15 -17.50
CAC CLA V . 22.87 -4.95 -14.57
CBC CLA V . 21.53 -4.28 -14.54
ND CLA V . 22.56 -10.13 -15.85
C1D CLA V . 22.39 -9.38 -14.65
C2D CLA V . 22.11 -10.23 -13.59
C3D CLA V . 22.14 -11.55 -14.09
C4D CLA V . 22.40 -11.43 -15.45
CMD CLA V . 21.86 -9.83 -12.17
CAD CLA V . 22.06 -12.97 -13.78
OBD CLA V . 21.95 -13.50 -12.68
CBD CLA V . 22.14 -13.74 -15.06
CGD CLA V . 23.20 -14.83 -14.99
O1D CLA V . 22.98 -15.99 -14.82
O2D CLA V . 24.42 -14.31 -15.17
CED CLA V . 25.51 -15.27 -15.19
C1 CLA V . 23.61 -18.28 -18.48
C2 CLA V . 25.05 -17.97 -18.76
C3 CLA V . 25.69 -18.48 -19.81
C4 CLA V . 25.06 -19.41 -20.80
C5 CLA V . 27.12 -18.12 -20.08
C6 CLA V . 27.65 -16.99 -19.21
C7 CLA V . 29.11 -16.63 -19.50
C8 CLA V . 29.74 -15.63 -18.53
C9 CLA V . 31.25 -15.56 -18.71
C10 CLA V . 29.10 -14.25 -18.62
C11 CLA V . 29.44 -13.47 -19.88
C12 CLA V . 29.03 -12.00 -19.81
C13 CLA V . 29.42 -11.15 -21.01
C14 CLA V . 30.90 -11.32 -21.37
C15 CLA V . 29.07 -9.68 -20.78
C16 CLA V . 29.49 -8.73 -21.90
MG CLA W . 12.97 6.04 -13.43
CHA CLA W . 13.18 8.93 -11.70
CHB CLA W . 15.64 4.80 -11.78
CHC CLA W . 12.16 2.91 -14.63
CHD CLA W . 9.85 7.16 -14.73
NA CLA W . 14.19 6.74 -12.05
C1A CLA W . 14.16 7.96 -11.41
C2A CLA W . 15.28 8.16 -10.42
C3A CLA W . 16.18 6.99 -10.71
C4A CLA W . 15.31 6.10 -11.55
CMA CLA W . 17.49 7.36 -11.40
CAA CLA W . 14.73 8.18 -8.99
CBA CLA W . 14.34 6.83 -8.41
CGA CLA W . 12.92 6.40 -8.70
O1A CLA W . 12.51 5.28 -8.55
O2A CLA W . 12.18 7.42 -9.12
NB CLA W . 13.79 4.28 -13.27
C1B CLA W . 14.94 3.89 -12.54
C2B CLA W . 15.23 2.53 -12.77
C3B CLA W . 14.27 2.00 -13.62
C4B CLA W . 13.35 3.02 -13.90
CMB CLA W . 16.41 1.79 -12.21
CAB CLA W . 14.19 0.64 -14.15
CBB CLA W . 15.08 -0.03 -14.84
NC CLA W . 11.47 5.25 -14.45
C1C CLA W . 11.32 3.95 -14.86
C2C CLA W . 10.10 3.73 -15.65
C3C CLA W . 9.45 4.94 -15.73
C4C CLA W . 10.23 5.88 -14.96
CMC CLA W . 9.66 2.45 -16.28
CAC CLA W . 8.16 5.24 -16.43
CBC CLA W . 6.96 5.18 -15.50
ND CLA W . 11.81 7.61 -13.34
C1D CLA W . 10.59 8.03 -13.95
C2D CLA W . 10.29 9.35 -13.58
C3D CLA W . 11.30 9.78 -12.70
C4D CLA W . 12.18 8.69 -12.57
CMD CLA W . 9.14 10.17 -14.09
CAD CLA W . 11.81 10.86 -11.86
OBD CLA W . 11.34 11.97 -11.70
CBD CLA W . 13.04 10.36 -11.16
CGD CLA W . 14.25 11.23 -11.49
O1D CLA W . 15.00 11.70 -10.68
O2D CLA W . 14.37 11.40 -12.80
CED CLA W . 15.51 12.19 -13.22
C1 CLA W . 10.74 7.15 -9.23
C2 CLA W . 10.40 6.34 -10.43
C3 CLA W . 9.25 5.69 -10.50
C4 CLA W . 8.21 5.70 -9.43
C5 CLA W . 8.88 4.88 -11.74
C6 CLA W . 8.84 3.37 -11.50
C7 CLA W . 8.13 2.63 -12.62
C8 CLA W . 8.48 1.14 -12.75
C9 CLA W . 9.98 0.91 -12.81
C10 CLA W . 7.82 0.29 -11.65
C11 CLA W . 7.94 -1.22 -11.87
C12 CLA W . 7.51 -2.05 -10.67
C13 CLA W . 7.63 -3.57 -10.85
C14 CLA W . 8.91 -3.94 -11.59
C15 CLA W . 6.39 -4.15 -11.55
C16 CLA W . 5.13 -4.19 -10.70
C17 CLA W . 5.26 -5.05 -9.45
C18 CLA W . 3.97 -5.24 -8.65
C19 CLA W . 4.21 -6.06 -7.39
C20 CLA W . 3.32 -3.92 -8.32
MG CLA X . 18.24 -10.99 -9.67
CHA CLA X . 18.68 -13.21 -12.15
CHB CLA X . 18.67 -13.45 -7.39
CHC CLA X . 18.72 -8.58 -7.27
CHD CLA X . 18.33 -8.39 -12.06
NA CLA X . 18.53 -12.92 -9.75
C1A CLA X . 18.75 -13.72 -10.84
C2A CLA X . 19.04 -15.14 -10.48
C3A CLA X . 18.36 -15.22 -9.13
C4A CLA X . 18.53 -13.80 -8.68
CMA CLA X . 16.91 -15.68 -9.16
CAA CLA X . 20.57 -15.15 -10.39
CBA CLA X . 21.24 -16.51 -10.53
CGA CLA X . 22.70 -16.39 -10.83
O1A CLA X . 23.40 -17.29 -11.22
O2A CLA X . 23.15 -15.15 -10.62
NB CLA X . 18.66 -11.05 -7.76
C1B CLA X . 18.85 -12.16 -6.92
C2B CLA X . 19.23 -11.75 -5.63
C3B CLA X . 19.28 -10.36 -5.60
C4B CLA X . 18.88 -9.90 -6.87
CMB CLA X . 19.58 -12.66 -4.48
CAB CLA X . 19.66 -9.48 -4.49
CBB CLA X . 20.79 -9.43 -3.85
NC CLA X . 18.35 -9.02 -9.64
C1C CLA X . 18.51 -8.22 -8.55
C2C CLA X . 18.46 -6.78 -8.91
C3C CLA X . 18.27 -6.70 -10.25
C4C CLA X . 18.30 -8.05 -10.76
CMC CLA X . 18.59 -5.64 -7.95
CAC CLA X . 18.12 -5.46 -11.08
CBC CLA X . 19.45 -4.84 -11.44
ND CLA X . 18.40 -10.78 -11.60
C1D CLA X . 18.40 -9.69 -12.51
C2D CLA X . 18.49 -10.18 -13.83
C3D CLA X . 18.59 -11.59 -13.76
C4D CLA X . 18.54 -11.90 -12.40
CMD CLA X . 18.49 -9.35 -15.07
CAD CLA X . 18.67 -12.83 -14.50
OBD CLA X . 18.62 -13.01 -15.70
CBD CLA X . 18.83 -13.95 -13.50
CGD CLA X . 17.84 -15.09 -13.74
O1D CLA X . 16.78 -15.20 -13.17
O2D CLA X . 18.29 -15.92 -14.65
CED CLA X . 17.43 -17.05 -14.97
C1 CLA X . 24.55 -14.92 -10.92
C2 CLA X . 24.84 -13.49 -10.64
C3 CLA X . 25.98 -12.91 -10.98
C4 CLA X . 27.10 -13.61 -11.69
C5 CLA X . 26.24 -11.46 -10.65
C6 CLA X . 26.64 -10.60 -11.84
C7 CLA X . 25.55 -10.50 -12.91
C8 CLA X . 25.75 -9.38 -13.92
C9 CLA X . 25.91 -8.03 -13.24
C10 CLA X . 26.90 -9.66 -14.89
C11 CLA X . 26.49 -10.18 -16.27
C12 CLA X . 25.95 -11.60 -16.24
MG CLA Y . 5.30 -8.99 -20.10
CHA CLA Y . 3.86 -11.73 -18.82
CHB CLA Y . 3.72 -9.50 -23.04
CHC CLA Y . 6.46 -5.95 -21.16
CHD CLA Y . 6.43 -8.13 -16.85
NA CLA Y . 4.03 -10.32 -20.78
C1A CLA Y . 3.46 -11.39 -20.13
C2A CLA Y . 2.49 -12.17 -20.96
C3A CLA Y . 2.82 -11.70 -22.32
C4A CLA Y . 3.57 -10.42 -22.07
CMA CLA Y . 3.66 -12.69 -23.14
CAA CLA Y . 1.05 -11.79 -20.57
CBA CLA Y . -0.01 -12.44 -21.47
CGA CLA Y . -0.83 -11.46 -22.25
O1A CLA Y . -1.85 -11.73 -22.82
O2A CLA Y . -0.30 -10.24 -22.22
NB CLA Y . 5.12 -7.98 -21.75
C1B CLA Y . 4.43 -8.32 -22.93
C2B CLA Y . 4.67 -7.37 -23.94
C3B CLA Y . 5.56 -6.41 -23.45
C4B CLA Y . 5.76 -6.69 -22.09
CMB CLA Y . 4.16 -7.45 -25.35
CAB CLA Y . 6.22 -5.33 -24.18
CBB CLA Y . 5.72 -4.48 -25.05
NC CLA Y . 6.21 -7.46 -19.26
C1C CLA Y . 6.64 -6.32 -19.86
C2C CLA Y . 7.40 -5.44 -18.95
C3C CLA Y . 7.39 -6.03 -17.72
C4C CLA Y . 6.66 -7.26 -17.85
CMC CLA Y . 8.06 -4.14 -19.31
CAC CLA Y . 8.03 -5.52 -16.46
CBC CLA Y . 7.13 -4.56 -15.70
ND CLA Y . 5.25 -9.70 -18.29
C1D CLA Y . 5.74 -9.32 -17.02
C2D CLA Y . 5.44 -10.32 -16.07
C3D CLA Y . 4.73 -11.34 -16.75
C4D CLA Y . 4.63 -10.91 -18.07
CMD CLA Y . 5.79 -10.30 -14.62
CAD CLA Y . 4.12 -12.66 -16.66
OBD CLA Y . 4.08 -13.43 -15.71
CBD CLA Y . 3.52 -12.98 -17.99
CGD CLA Y . 4.13 -14.24 -18.58
O1D CLA Y . 3.79 -15.36 -18.33
O2D CLA Y . 5.12 -13.94 -19.42
CED CLA Y . 5.78 -15.05 -20.06
C1 CLA Y . -1.01 -9.22 -22.98
C2 CLA Y . -0.05 -8.14 -23.29
C3 CLA Y . -0.23 -7.27 -24.27
C4 CLA Y . -1.43 -7.27 -25.18
C5 CLA Y . 0.79 -6.18 -24.55
C6 CLA Y . 0.19 -4.79 -24.63
C7 CLA Y . 1.21 -3.69 -24.38
C8 CLA Y . 0.74 -2.26 -24.64
C9 CLA Y . -0.73 -2.09 -24.29
C10 CLA Y . 1.61 -1.26 -23.89
C11 CLA Y . 1.30 -1.13 -22.41
C12 CLA Y . 2.16 -0.10 -21.70
C13 CLA Y . 1.68 0.29 -20.30
C14 CLA Y . 0.31 0.96 -20.35
C15 CLA Y . 2.69 1.17 -19.56
C16 CLA Y . 3.87 0.42 -18.94
C17 CLA Y . 4.61 1.24 -17.90
C18 CLA Y . 5.64 0.50 -17.07
C19 CLA Y . 6.17 1.35 -15.95
C20 CLA Y . 5.08 -0.81 -16.53
MG CLA Z . 10.83 -7.67 -36.49
CHA CLA Z . 8.09 -8.24 -34.61
CHB CLA Z . 9.43 -9.40 -39.04
CHC CLA Z . 13.19 -6.33 -38.57
CHD CLA Z . 12.02 -5.47 -33.98
NA CLA Z . 9.13 -8.59 -36.77
C1A CLA Z . 8.02 -8.66 -35.95
C2A CLA Z . 6.85 -9.29 -36.65
C3A CLA Z . 7.59 -10.23 -37.54
C4A CLA Z . 8.79 -9.38 -37.84
CMA CLA Z . 7.91 -11.58 -36.89
CAA CLA Z . 6.18 -8.16 -37.45
CBA CLA Z . 5.29 -7.24 -36.62
CGA CLA Z . 4.72 -6.09 -37.40
O1A CLA Z . 4.02 -6.19 -38.38
O2A CLA Z . 5.07 -4.92 -36.86
NB CLA Z . 11.20 -7.86 -38.40
C1B CLA Z . 10.54 -8.64 -39.36
C2B CLA Z . 11.16 -8.50 -40.62
C3B CLA Z . 12.25 -7.63 -40.49
C4B CLA Z . 12.30 -7.21 -39.15
CMB CLA Z . 10.74 -9.19 -41.88
CAB CLA Z . 13.19 -7.23 -41.52
CBB CLA Z . 12.99 -6.47 -42.56
NC CLA Z . 12.27 -6.35 -36.31
C1C CLA Z . 13.15 -5.93 -37.29
C2C CLA Z . 14.14 -4.96 -36.76
C3C CLA Z . 13.83 -4.73 -35.46
C4C CLA Z . 12.68 -5.52 -35.14
CMC CLA Z . 15.25 -4.33 -37.54
CAC CLA Z . 14.54 -3.81 -34.51
CBC CLA Z . 13.94 -2.42 -34.49
ND CLA Z . 10.29 -7.03 -34.72
C1D CLA Z . 10.85 -6.18 -33.73
C2D CLA Z . 10.04 -6.18 -32.59
C3D CLA Z . 8.93 -7.02 -32.86
C4D CLA Z . 9.13 -7.50 -34.16
CMD CLA Z . 10.30 -5.41 -31.33
CAD CLA Z . 7.69 -7.59 -32.36
OBD CLA Z . 7.18 -7.45 -31.26
CBD CLA Z . 7.08 -8.41 -33.46
CGD CLA Z . 6.92 -9.87 -33.04
O1D CLA Z . 7.74 -10.48 -32.40
O2D CLA Z . 5.77 -10.38 -33.47
CED CLA Z . 5.52 -11.76 -33.14
C1 CLA Z . 4.47 -3.73 -37.48
C2 CLA Z . 5.45 -2.62 -37.47
C3 CLA Z . 5.71 -1.89 -36.40
C4 CLA Z . 6.70 -0.76 -36.38
C5 CLA Z . 5.03 -2.17 -35.08
C6 CLA Z . 4.60 -0.94 -34.31
C7 CLA Z . 5.53 -0.58 -33.15
C8 CLA Z . 4.94 0.40 -32.12
C9 CLA Z . 3.93 -0.27 -31.21
C10 CLA Z . 6.04 1.11 -31.33
C11 CLA Z . 5.54 2.07 -30.25
C12 CLA Z . 6.65 2.88 -29.61
MG CLA AA . 7.29 -1.84 -29.23
CHA CLA AA . 5.36 -4.04 -30.90
CHB CLA AA . 4.91 -1.50 -26.85
CHC CLA AA . 8.97 0.89 -27.96
CHD CLA AA . 9.26 -1.47 -32.16
NA CLA AA . 5.52 -2.65 -28.91
C1A CLA AA . 4.85 -3.60 -29.66
C2A CLA AA . 3.56 -4.07 -29.05
C3A CLA AA . 3.38 -3.14 -27.88
C4A CLA AA . 4.66 -2.37 -27.84
CMA CLA AA . 2.16 -2.24 -28.02
CAA CLA AA . 3.70 -5.54 -28.62
CBA CLA AA . 2.42 -6.16 -28.07
CGA CLA AA . 1.22 -5.96 -28.95
O1A CLA AA . 1.21 -6.12 -30.15
O2A CLA AA . 0.16 -5.57 -28.25
NB CLA AA . 7.05 -0.69 -27.66
C1B CLA AA . 6.02 -0.70 -26.68
C2B CLA AA . 6.33 0.17 -25.62
C3B CLA AA . 7.49 0.88 -25.96
C4B CLA AA . 7.93 0.41 -27.20
CMB CLA AA . 5.52 0.34 -24.38
CAB CLA AA . 8.15 1.98 -25.24
CBB CLA AA . 8.21 2.26 -23.97
NC CLA AA . 8.73 -0.64 -29.85
C1C CLA AA . 9.30 0.42 -29.18
C2C CLA AA . 10.30 1.14 -30.00
C3C CLA AA . 10.41 0.46 -31.17
C4C CLA AA . 9.48 -0.63 -31.13
CMC CLA AA . 11.04 2.38 -29.61
CAC CLA AA . 11.30 0.79 -32.34
CBC CLA AA . 10.65 1.72 -33.34
ND CLA AA . 7.39 -2.56 -31.04
C1D CLA AA . 8.25 -2.41 -32.16
C2D CLA AA . 7.87 -3.30 -33.17
C3D CLA AA . 6.73 -4.00 -32.73
C4D CLA AA . 6.47 -3.51 -31.44
CMD CLA AA . 8.57 -3.48 -34.49
CAD CLA AA . 5.70 -4.97 -33.04
OBD CLA AA . 5.56 -5.61 -34.06
CBD CLA AA . 4.79 -5.08 -31.87
CGD CLA AA . 3.37 -4.78 -32.34
O1D CLA AA . 2.57 -5.61 -32.71
O2D CLA AA . 3.11 -3.48 -32.28
CED CLA AA . 1.79 -3.07 -32.71
C1 CLA AA . -1.04 -5.28 -29.00
C2 CLA AA . -1.18 -3.80 -29.04
C3 CLA AA . -1.46 -3.15 -30.17
C4 CLA AA . -1.67 -3.83 -31.50
C5 CLA AA . -1.55 -1.64 -30.20
C6 CLA AA . -1.54 -1.01 -28.81
C7 CLA AA . -1.50 0.50 -28.85
C8 CLA AA . -1.62 1.20 -27.49
C9 CLA AA . -2.88 0.75 -26.75
C10 CLA AA . -0.37 0.99 -26.64
C11 CLA AA . -0.40 1.66 -25.27
MG CLA BA . 24.60 4.57 -31.15
CHA CLA BA . 26.75 7.07 -31.91
CHB CLA BA . 22.12 6.20 -32.77
CHC CLA BA . 22.78 1.65 -31.13
CHD CLA BA . 27.35 2.67 -29.96
NA CLA BA . 24.46 6.27 -32.13
C1A CLA BA . 25.45 7.19 -32.44
C2A CLA BA . 24.99 8.33 -33.29
C3A CLA BA . 23.50 8.25 -33.07
C4A CLA BA . 23.31 6.82 -32.65
CMA CLA BA . 22.95 9.25 -32.06
CAA CLA BA . 25.41 8.01 -34.74
CBA CLA BA . 25.55 6.51 -35.08
CGA CLA BA . 25.62 6.21 -36.55
O1A CLA BA . 24.70 5.82 -37.21
O2A CLA BA . 26.84 6.42 -37.04
NB CLA BA . 22.82 4.09 -31.78
C1B CLA BA . 21.85 4.88 -32.41
C2B CLA BA . 20.65 4.16 -32.60
C3B CLA BA . 20.84 2.86 -32.16
C4B CLA BA . 22.15 2.77 -31.67
CMB CLA BA . 19.39 4.69 -33.20
CAB CLA BA . 19.89 1.74 -32.22
CBB CLA BA . 19.01 1.38 -31.33
NC CLA BA . 24.92 2.71 -30.59
C1C CLA BA . 24.04 1.66 -30.64
C2C CLA BA . 24.60 0.44 -30.00
C3C CLA BA . 25.86 0.74 -29.59
C4C CLA BA . 26.14 2.09 -30.01
CMC CLA BA . 23.89 -0.87 -29.84
CAC CLA BA . 26.82 -0.16 -28.85
CBC CLA BA . 26.57 -0.20 -27.36
ND CLA BA . 26.53 4.76 -30.92
C1D CLA BA . 27.59 3.97 -30.39
C2D CLA BA . 28.79 4.69 -30.42
C3D CLA BA . 28.52 5.96 -30.99
C4D CLA BA . 27.16 5.95 -31.27
CMD CLA BA . 30.12 4.20 -29.93
CAD CLA BA . 29.06 7.24 -31.40
OBD CLA BA . 30.20 7.65 -31.32
CBD CLA BA . 27.93 8.04 -32.00
CGD CLA BA . 27.73 9.31 -31.18
O1D CLA BA . 27.37 9.34 -30.03
O2D CLA BA . 27.99 10.38 -31.90
CED CLA BA . 27.82 11.66 -31.24
C1 CLA BA . 27.01 6.11 -38.45
C2 CLA BA . 27.22 4.64 -38.58
C3 CLA BA . 26.43 3.86 -39.30
C4 CLA BA . 25.23 4.36 -40.04
C5 CLA BA . 26.68 2.37 -39.40
C6 CLA BA . 25.42 1.53 -39.23
C7 CLA BA . 25.68 0.04 -39.34
MG CLA CA . 13.19 -12.37 -43.16
CHA CLA CA . 11.16 -12.86 -40.52
CHB CLA CA . 11.13 -14.21 -45.09
CHC CLA CA . 14.69 -10.97 -45.93
CHD CLA CA . 15.12 -10.15 -41.20
NA CLA CA . 11.54 -13.34 -42.87
C1A CLA CA . 10.74 -13.40 -41.75
C2A CLA CA . 9.47 -14.16 -42.00
C3A CLA CA . 9.98 -15.12 -43.04
C4A CLA CA . 10.93 -14.20 -43.75
CMA CLA CA . 10.64 -16.39 -42.50
CAA CLA CA . 8.49 -13.15 -42.61
CBA CLA CA . 7.88 -12.16 -41.63
CGA CLA CA . 7.05 -11.10 -42.32
O1A CLA CA . 6.92 -11.00 -43.50
O2A CLA CA . 6.49 -10.28 -41.43
NB CLA CA . 12.90 -12.54 -45.08
C1B CLA CA . 11.98 -13.36 -45.77
C2B CLA CA . 12.08 -13.15 -47.16
C3B CLA CA . 13.09 -12.22 -47.40
C4B CLA CA . 13.63 -11.84 -46.17
CMB CLA CA . 11.24 -13.82 -48.20
CAB CLA CA . 13.53 -11.69 -48.70
CBB CLA CA . 14.40 -12.22 -49.52
NC CLA CA . 14.61 -11.05 -43.49
C1C CLA CA . 15.11 -10.62 -44.70
C2C CLA CA . 16.29 -9.73 -44.53
C3C CLA CA . 16.49 -9.58 -43.18
C4C CLA CA . 15.42 -10.25 -42.51
CMC CLA CA . 17.11 -9.15 -45.63
CAC CLA CA . 17.60 -8.82 -42.51
CBC CLA CA . 18.88 -9.61 -42.40
ND CLA CA . 13.23 -11.67 -41.34
C1D CLA CA . 14.07 -10.80 -40.60
C2D CLA CA . 13.64 -10.76 -39.26
C3D CLA CA . 12.48 -11.58 -39.16
C4D CLA CA . 12.28 -12.09 -40.43
CMD CLA CA . 14.28 -9.98 -38.16
CAD CLA CA . 11.45 -12.09 -38.28
OBD CLA CA . 11.31 -11.93 -37.08
CBD CLA CA . 10.52 -12.93 -39.12
CGD CLA CA . 10.44 -14.33 -38.56
O1D CLA CA . 11.35 -14.92 -38.05
O2D CLA CA . 9.21 -14.84 -38.68
CED CLA CA . 9.01 -16.16 -38.14
C1 CLA CA . 5.68 -9.21 -42.01
C2 CLA CA . 5.93 -7.97 -41.23
C3 CLA CA . 6.83 -7.08 -41.61
C4 CLA CA . 7.71 -7.22 -42.82
C5 CLA CA . 7.05 -5.81 -40.80
C6 CLA CA . 8.48 -5.60 -40.36
C7 CLA CA . 8.66 -4.37 -39.49
C8 CLA CA . 10.09 -4.06 -39.06
C9 CLA CA . 11.02 -3.90 -40.27
C10 CLA CA . 10.12 -2.83 -38.16
C11 CLA CA . 11.52 -2.33 -37.78
C12 CLA CA . 11.49 -1.09 -36.90
MG CLA DA . 2.46 -8.21 -10.80
CHA CLA DA . 0.77 -8.92 -7.96
CHB CLA DA . -0.28 -6.68 -12.05
CHC CLA DA . 4.46 -6.80 -13.21
CHD CLA DA . 5.43 -9.34 -9.23
NA CLA DA . 0.64 -7.88 -10.16
C1A CLA DA . 0.07 -8.16 -8.92
C2A CLA DA . -1.32 -7.62 -8.79
C3A CLA DA . -1.73 -7.62 -10.24
C4A CLA DA . -0.41 -7.36 -10.90
CMA CLA DA . -2.41 -8.91 -10.72
CAA CLA DA . -1.20 -6.19 -8.25
CBA CLA DA . -0.89 -6.08 -6.77
CGA CLA DA . -0.60 -4.66 -6.34
O1A CLA DA . -0.19 -3.80 -7.07
O2A CLA DA . -0.85 -4.48 -5.04
NB CLA DA . 2.13 -7.00 -12.29
C1B CLA DA . 0.91 -6.42 -12.72
C2B CLA DA . 1.12 -5.62 -13.86
C3B CLA DA . 2.45 -5.73 -14.24
C4B CLA DA . 3.11 -6.51 -13.28
CMB CLA DA . 0.06 -4.85 -14.59
CAB CLA DA . 3.10 -5.17 -15.43
CBB CLA DA . 3.60 -5.84 -16.44
NC CLA DA . 4.40 -8.17 -11.19
C1C CLA DA . 5.02 -7.55 -12.24
C2C CLA DA . 6.49 -7.81 -12.25
C3C CLA DA . 6.77 -8.61 -11.18
C4C CLA DA . 5.54 -8.77 -10.45
CMC CLA DA . 7.47 -7.31 -13.27
CAC CLA DA . 8.09 -9.20 -10.80
CBC CLA DA . 8.45 -10.43 -11.60
ND CLA DA . 3.02 -8.98 -9.08
C1D CLA DA . 4.24 -9.46 -8.54
C2D CLA DA . 4.00 -9.99 -7.27
C3D CLA DA . 2.63 -9.84 -6.98
C4D CLA DA . 2.09 -9.22 -8.11
CMD CLA DA . 5.03 -10.61 -6.37
CAD CLA DA . 1.54 -10.08 -6.04
OBD CLA DA . 1.59 -10.67 -4.97
CBD CLA DA . 0.29 -9.46 -6.60
CGD CLA DA . -0.80 -10.53 -6.69
O1D CLA DA . -1.88 -10.45 -6.19
O2D CLA DA . -0.38 -11.58 -7.39
CED CLA DA . -1.31 -12.69 -7.48
C1 CLA DA . -0.61 -3.13 -4.54
C2 CLA DA . 0.75 -3.10 -3.94
C3 CLA DA . 1.69 -2.27 -4.38
C4 CLA DA . 1.50 -1.30 -5.50
C5 CLA DA . 3.06 -2.26 -3.73
C6 CLA DA . 4.10 -1.48 -4.52
C7 CLA DA . 5.48 -1.43 -3.85
C8 CLA DA . 5.55 -0.63 -2.55
C9 CLA DA . 5.47 -1.52 -1.32
C10 CLA DA . 6.80 0.26 -2.52
C11 CLA DA . 8.11 -0.50 -2.54
C12 CLA DA . 9.35 0.38 -2.37
C13 CLA DA . 9.66 1.32 -3.54
C14 CLA DA . 9.46 0.65 -4.88
C15 CLA DA . 11.07 1.88 -3.38
C16 CLA DA . 11.23 3.00 -2.37
C17 CLA DA . 11.20 4.39 -3.01
C18 CLA DA . 12.52 4.87 -3.58
C19 CLA DA . 12.33 6.10 -4.44
C20 CLA DA . 13.51 5.15 -2.47
MG CLA EA . 12.43 4.38 2.34
CHA CLA EA . 14.14 7.29 2.31
CHB CLA EA . 14.31 3.25 4.90
CHC CLA EA . 10.15 1.85 2.79
CHD CLA EA . 10.13 5.80 0.04
NA CLA EA . 13.92 5.11 3.39
C1A CLA EA . 14.51 6.37 3.31
C2A CLA EA . 15.60 6.60 4.31
C3A CLA EA . 15.87 5.19 4.80
C4A CLA EA . 14.64 4.44 4.37
CMA CLA EA . 17.17 4.59 4.26
CAA CLA EA . 15.07 7.52 5.42
CBA CLA EA . 13.69 7.16 5.99
CGA CLA EA . 13.41 7.78 7.32
O1A CLA EA . 14.20 8.40 7.97
O2A CLA EA . 12.15 7.57 7.70
NB CLA EA . 12.32 2.87 3.56
C1B CLA EA . 13.21 2.47 4.58
C2B CLA EA . 12.81 1.24 5.13
C3B CLA EA . 11.64 0.83 4.53
C4B CLA EA . 11.27 1.82 3.58
CMB CLA EA . 13.54 0.50 6.21
CAB CLA EA . 10.88 -0.40 4.77
CBB CLA EA . 10.16 -0.72 5.82
NC CLA EA . 10.68 3.89 1.57
C1C CLA EA . 9.90 2.80 1.87
C2C CLA EA . 8.69 2.72 1.03
C3C CLA EA . 8.72 3.79 0.17
C4C CLA EA . 9.86 4.58 0.54
CMC CLA EA . 7.64 1.65 1.07
CAC CLA EA . 7.73 4.12 -0.91
CBC CLA EA . 6.60 5.01 -0.44
ND CLA EA . 12.16 6.06 1.37
C1D CLA EA . 11.23 6.56 0.42
C2D CLA EA . 11.60 7.84 0.00
C3D CLA EA . 12.79 8.18 0.71
C4D CLA EA . 13.07 7.08 1.51
CMD CLA EA . 10.90 8.68 -1.01
CAD CLA EA . 13.82 9.18 0.92
OBD CLA EA . 13.95 10.27 0.40
CBD CLA EA . 14.76 8.64 1.96
CGD CLA EA . 16.16 8.53 1.38
O1D CLA EA . 16.71 7.50 1.11
O2D CLA EA . 16.71 9.73 1.20
CED CLA EA . 18.04 9.75 0.65
C1 CLA EA . 11.78 8.10 9.01
C2 CLA EA . 11.50 6.95 9.91
C3 CLA EA . 10.98 7.10 11.12
C4 CLA EA . 10.69 5.96 12.05
C5 CLA EA . 10.65 8.47 11.66
C8 A1L1F FA . -1.52 -6.76 -17.85
C5 A1L1F FA . -1.93 -6.10 -20.92
C4 A1L1F FA . -0.08 -7.22 -17.80
C6 A1L1F FA . -0.97 -5.40 -19.93
C10 A1L1F FA . 1.99 -7.80 -19.10
C11 A1L1F FA . 0.53 -7.38 -19.20
C2 A1L1F FA . 2.36 -5.00 -21.24
C3 A1L1F FA . -1.58 -5.40 -18.52
C1 A1L1F FA . 0.37 -6.07 -19.94
C12 A1L1F FA . -0.85 -3.93 -20.35
C14 A1L1F FA . 16.36 4.36 -28.60
C17 A1L1F FA . 19.46 3.71 -28.55
C18 A1L1F FA . 15.87 6.40 -30.52
C19 A1L1F FA . 16.25 7.62 -28.40
C20 A1L1F FA . 18.92 5.10 -28.72
C21 A1L1F FA . 19.96 6.13 -29.11
C22 A1L1F FA . 19.36 7.52 -29.25
C23 A1L1F FA . 18.10 7.45 -30.09
C24 A1L1F FA . 16.92 6.70 -29.44
C25 A1L1F FA . 17.41 5.42 -28.81
C26 A1L1F FA . 14.67 1.77 -30.55
C27 A1L1F FA . 11.78 -1.34 -27.33
C28 A1L1F FA . 7.65 -0.80 -21.16
C29 A1L1F FA . 16.24 3.21 -29.24
C30 A1L1F FA . 15.09 2.33 -29.23
C31 A1L1F FA . 14.49 2.05 -28.05
C32 A1L1F FA . 13.57 0.98 -27.77
C33 A1L1F FA . 12.96 0.78 -26.60
C34 A1L1F FA . 12.00 -0.27 -26.29
C35 A1L1F FA . 11.26 -0.19 -25.16
C36 A1L1F FA . 10.15 -1.01 -24.80
C37 A1L1F FA . 9.42 -0.88 -23.67
C38 A1L1F FA . 8.30 -1.73 -23.40
C39 A1L1F FA . 7.48 -1.71 -22.33
C40 A1L1F FA . 6.30 -2.57 -22.36
C41 A1L1F FA . 5.36 -2.74 -21.42
C42 A1L1F FA . 4.27 -3.63 -21.64
C43 A1L1F FA . 3.30 -3.62 -19.31
C44 A1L1F FA . 3.33 -4.06 -20.76
C45 A1L1F FA . 14.43 2.71 -32.68
C47 A1L1F FA . 13.86 3.86 -33.47
C48 A1L1F FA . 14.92 4.73 -34.14
C49 A1L1F FA . 15.60 4.04 -35.31
C50 A1L1F FA . 16.55 4.95 -36.08
C51 A1L1F FA . 17.15 4.30 -37.32
C52 A1L1F FA . 18.03 5.22 -38.14
C53 A1L1F FA . 18.60 4.56 -39.37
C54 A1L1F FA . -2.79 -7.52 -15.97
C56 A1L1F FA . -3.16 -7.20 -14.56
C57 A1L1F FA . 1.37 -5.52 -20.56
O13 A1L1F FA . 14.18 2.84 -31.39
O15 A1L1F FA . 18.14 5.60 -27.59
O16 A1L1F FA . 20.31 8.39 -29.86
O46 A1L1F FA . 15.02 1.78 -33.16
O55 A1L1F FA . -3.18 -8.45 -16.60
O7 A1L1F FA . -1.96 -6.59 -16.47
O9 A1L1F FA . -0.21 -8.41 -19.86
C1 XAT GA . 20.92 3.66 -14.60
C2 XAT GA . 20.69 5.15 -14.26
C3 XAT GA . 19.90 5.92 -15.30
C4 XAT GA . 18.49 5.37 -15.38
C5 XAT GA . 18.48 3.86 -15.56
C6 XAT GA . 19.67 3.07 -15.22
C7 XAT GA . 19.47 1.59 -14.97
C8 XAT GA . 19.58 0.68 -15.92
C9 XAT GA . 19.45 -0.76 -15.91
C10 XAT GA . 19.72 -1.44 -17.06
C11 XAT GA . 19.78 -2.84 -17.27
C12 XAT GA . 20.16 -3.33 -18.45
C13 XAT GA . 20.31 -4.72 -18.85
C14 XAT GA . 20.82 -4.98 -20.07
C15 XAT GA . 21.12 -6.23 -20.66
C16 XAT GA . 21.33 2.92 -13.32
C17 XAT GA . 22.09 3.55 -15.59
C18 XAT GA . 17.11 3.26 -15.67
C19 XAT GA . 19.13 -1.44 -14.61
C20 XAT GA . 19.93 -5.79 -17.87
O3 XAT GA . 19.86 7.31 -14.95
O4 XAT GA . 19.43 3.45 -16.60
C21 XAT GA . 25.34 -14.69 -29.75
C22 XAT GA . 25.23 -15.89 -30.71
C23 XAT GA . 24.38 -17.02 -30.20
C24 XAT GA . 22.93 -16.55 -30.10
C25 XAT GA . 22.81 -15.24 -29.36
C26 XAT GA . 23.98 -14.37 -29.18
C27 XAT GA . 23.70 -12.91 -28.93
C28 XAT GA . 23.59 -12.36 -27.74
C29 XAT GA . 23.32 -10.97 -27.44
C30 XAT GA . 23.20 -10.58 -26.15
C31 XAT GA . 22.94 -9.26 -25.67
C32 XAT GA . 22.69 -8.97 -24.39
C33 XAT GA . 22.42 -7.65 -23.84
C34 XAT GA . 21.98 -7.53 -22.57
C35 XAT GA . 21.64 -6.33 -21.91
C36 XAT GA . 26.34 -15.03 -28.63
C37 XAT GA . 25.89 -13.48 -30.51
C38 XAT GA . 21.39 -14.72 -29.26
C39 XAT GA . 23.17 -10.01 -28.59
C40 XAT GA . 22.60 -6.48 -24.76
O23 XAT GA . 24.46 -18.14 -31.07
O24 XAT GA . 23.55 -15.25 -28.10
C1 XAT HA . 8.68 13.12 0.37
C2 XAT HA . 8.47 14.58 0.83
C3 XAT HA . 8.77 15.63 -0.23
C4 XAT HA . 7.80 15.48 -1.39
C5 XAT HA . 7.69 14.05 -1.87
C6 XAT HA . 8.15 12.94 -1.03
C7 XAT HA . 7.58 11.57 -1.32
C8 XAT HA . 8.09 10.72 -2.19
C9 XAT HA . 7.62 9.39 -2.53
C10 XAT HA . 8.29 8.68 -3.48
C11 XAT HA . 8.04 7.35 -3.91
C12 XAT HA . 8.78 6.75 -4.85
C13 XAT HA . 8.62 5.39 -5.35
C14 XAT HA . 9.49 4.93 -6.28
C15 XAT HA . 9.55 3.62 -6.83
C16 XAT HA . 8.00 12.18 1.36
C17 XAT HA . 10.18 12.81 0.40
C18 XAT HA . 6.70 13.86 -3.00
C19 XAT HA . 6.43 8.84 -1.79
C20 XAT HA . 7.51 4.56 -4.78
O3 XAT HA . 8.65 16.93 0.34
O4 XAT HA . 9.00 13.45 -2.10
C21 XAT HA . 13.30 -7.63 -11.35
C22 XAT HA . 13.26 -9.02 -12.02
C23 XAT HA . 11.92 -9.39 -12.61
C24 XAT HA . 11.58 -8.46 -13.76
C25 XAT HA . 11.74 -7.01 -13.37
C26 XAT HA . 12.54 -6.63 -12.19
C27 XAT HA . 13.03 -5.21 -12.14
C28 XAT HA . 12.42 -4.24 -11.50
C29 XAT HA . 12.77 -2.83 -11.36
C30 XAT HA . 11.97 -2.03 -10.63
C31 XAT HA . 12.16 -0.64 -10.35
C32 XAT HA . 11.31 0.04 -9.57
C33 XAT HA . 11.39 1.45 -9.20
C34 XAT HA . 10.51 1.93 -8.29
C35 XAT HA . 10.47 3.24 -7.75
C36 XAT HA . 14.76 -7.22 -11.16
C37 XAT HA . 12.66 -7.73 -9.95
C38 XAT HA . 11.43 -6.03 -14.47
C39 XAT HA . 14.03 -2.35 -12.04
C40 XAT HA . 12.47 2.27 -9.83
O23 XAT HA . 11.95 -10.75 -13.09
O24 XAT HA . 11.09 -6.73 -12.10
C1 XAT IA . 36.61 4.38 -28.09
C2 XAT IA . 37.45 5.21 -27.09
C3 XAT IA . 36.86 6.57 -26.78
C4 XAT IA . 35.53 6.42 -26.07
C5 XAT IA . 34.65 5.35 -26.70
C6 XAT IA . 35.17 4.40 -27.67
C7 XAT IA . 34.44 3.08 -27.76
C8 XAT IA . 33.61 2.72 -28.73
C9 XAT IA . 32.89 1.47 -28.82
C10 XAT IA . 32.03 1.27 -29.85
C11 XAT IA . 31.21 0.13 -30.09
C12 XAT IA . 30.28 0.07 -31.05
C13 XAT IA . 29.40 -1.06 -31.34
C14 XAT IA . 28.24 -0.84 -31.99
C15 XAT IA . 27.19 -1.77 -32.21
C16 XAT IA . 37.18 2.96 -28.16
C17 XAT IA . 36.74 5.00 -29.49
C18 XAT IA . 33.38 5.08 -25.91
C19 XAT IA . 33.13 0.44 -27.76
C20 XAT IA . 29.79 -2.39 -30.78
O3 XAT IA . 37.75 7.31 -25.96
O4 XAT IA . 34.42 5.56 -28.13
C21 XAT IA . 16.56 -8.22 -34.79
C22 XAT IA . 15.16 -8.85 -34.87
C23 XAT IA . 14.67 -9.41 -33.54
C24 XAT IA . 14.48 -8.28 -32.54
C25 XAT IA . 15.60 -7.27 -32.57
C26 XAT IA . 16.60 -7.26 -33.65
C27 XAT IA . 17.28 -5.93 -33.88
C28 XAT IA . 18.56 -5.68 -33.68
C29 XAT IA . 19.26 -4.42 -33.89
C30 XAT IA . 20.59 -4.37 -33.63
C31 XAT IA . 21.45 -3.24 -33.71
C32 XAT IA . 22.76 -3.29 -33.42
C33 XAT IA . 23.72 -2.20 -33.44
C34 XAT IA . 24.96 -2.41 -32.95
C35 XAT IA . 26.00 -1.46 -32.78
C36 XAT IA . 17.61 -9.32 -34.61
C37 XAT IA . 16.85 -7.50 -36.11
C38 XAT IA . 15.32 -6.05 -31.73
C39 XAT IA . 18.47 -3.23 -34.35
C40 XAT IA . 23.25 -0.86 -33.94
O23 XAT IA . 13.42 -10.08 -33.74
O24 XAT IA . 16.91 -7.86 -32.36
MG CLA JA . -25.70 2.56 -16.95
CHA CLA JA . -26.89 -0.08 -15.24
CHB CLA JA . -27.44 1.62 -19.69
CHC CLA JA . -24.91 5.58 -18.40
CHD CLA JA . -24.49 3.90 -13.91
NA CLA JA . -26.89 1.05 -17.39
C1A CLA JA . -27.32 0.01 -16.59
C2A CLA JA . -28.17 -1.02 -17.28
C3A CLA JA . -28.11 -0.56 -18.72
C4A CLA JA . -27.46 0.79 -18.63
CMA CLA JA . -27.35 -1.52 -19.63
CAA CLA JA . -29.59 -1.01 -16.69
CBA CLA JA . -30.25 0.36 -16.53
CGA CLA JA . -30.98 0.83 -17.75
O1A CLA JA . -31.86 0.21 -18.30
O2A CLA JA . -30.53 2.01 -18.15
NB CLA JA . -26.11 3.38 -18.68
C1B CLA JA . -26.87 2.88 -19.76
C2B CLA JA . -26.87 3.79 -20.83
C3B CLA JA . -26.08 4.89 -20.49
C4B CLA JA . -25.64 4.70 -19.17
CMB CLA JA . -27.56 3.58 -22.14
CAB CLA JA . -25.71 6.03 -21.33
CBB CLA JA . -26.48 6.85 -22.00
NC CLA JA . -24.85 4.24 -16.36
C1C CLA JA . -24.57 5.34 -17.11
C2C CLA JA . -23.75 6.33 -16.37
C3C CLA JA . -23.64 5.88 -15.09
C4C CLA JA . -24.33 4.63 -15.03
CMC CLA JA . -23.17 7.59 -16.91
CAC CLA JA . -22.93 6.54 -13.94
CBC CLA JA . -23.80 7.53 -13.20
ND CLA JA . -25.64 2.08 -15.06
C1D CLA JA . -25.10 2.67 -13.88
C2D CLA JA . -25.32 1.81 -12.79
C3D CLA JA . -25.99 0.66 -13.27
C4D CLA JA . -26.17 0.88 -14.64
CMD CLA JA . -24.91 2.07 -11.38
CAD CLA JA . -26.51 -0.66 -12.97
OBD CLA JA . -26.46 -1.28 -11.91
CBD CLA JA . -27.16 -1.20 -14.22
CGD CLA JA . -26.53 -2.50 -14.69
O1D CLA JA . -25.42 -2.61 -15.12
O2D CLA JA . -27.40 -3.50 -14.60
CED CLA JA . -26.93 -4.78 -15.11
C1 CLA JA . -31.17 2.56 -19.34
C2 CLA JA . -30.48 3.83 -19.66
C3 CLA JA . -30.87 4.63 -20.65
C4 CLA JA . -32.06 4.36 -21.51
C5 CLA JA . -30.10 5.90 -20.97
C6 CLA JA . -30.38 7.05 -20.02
C7 CLA JA . -31.76 7.68 -20.22
C8 CLA JA . -31.76 9.18 -20.48
C9 CLA JA . -33.17 9.69 -20.75
C10 CLA JA . -31.10 9.94 -19.33
C11 CLA JA . -30.93 11.43 -19.57
C12 CLA JA . -30.63 12.23 -18.31
C13 CLA JA . -29.31 11.91 -17.61
C14 CLA JA . -29.51 11.06 -16.37
C15 CLA JA . -28.55 13.20 -17.31
C16 CLA JA . -27.22 13.01 -16.58
C17 CLA JA . -26.61 14.32 -16.09
C18 CLA JA . -25.28 14.19 -15.37
C19 CLA JA . -25.37 13.21 -14.22
C20 CLA JA . -24.16 13.81 -16.32
MG CLA KA . -25.56 9.76 -26.27
CHA CLA KA . -27.88 7.83 -27.78
CHB CLA KA . -27.65 10.23 -23.64
CHC CLA KA . -23.51 12.29 -25.14
CHD CLA KA . -23.87 10.03 -29.38
NA CLA KA . -27.34 9.08 -25.76
C1A CLA KA . -28.15 8.20 -26.45
C2A CLA KA . -29.35 7.72 -25.69
C3A CLA KA . -29.36 8.65 -24.50
C4A CLA KA . -28.05 9.38 -24.61
CMA CLA KA . -30.56 9.59 -24.46
CAA CLA KA . -29.09 6.26 -25.29
CBA CLA KA . -30.22 5.57 -24.54
CGA CLA KA . -31.52 5.58 -25.28
O1A CLA KA . -31.86 4.75 -26.09
O2A CLA KA . -32.28 6.62 -24.93
NB CLA KA . -25.56 10.90 -24.68
C1B CLA KA . -26.49 10.96 -23.61
C2B CLA KA . -26.02 11.84 -22.61
C3B CLA KA . -24.85 12.43 -23.04
C4B CLA KA . -24.55 11.92 -24.32
CMB CLA KA . -26.71 12.10 -21.31
CAB CLA KA . -24.04 13.43 -22.34
CBB CLA KA . -24.32 14.67 -22.10
NC CLA KA . -24.05 10.79 -27.01
C1C CLA KA . -23.32 11.76 -26.38
C2C CLA KA . -22.19 12.25 -27.20
C3C CLA KA . -22.24 11.56 -28.39
C4C CLA KA . -23.41 10.74 -28.34
CMC CLA KA . -21.19 13.29 -26.81
CAC CLA KA . -21.29 11.67 -29.54
CBC CLA KA . -20.02 10.87 -29.34
ND CLA KA . -25.74 9.11 -28.11
C1D CLA KA . -25.01 9.23 -29.32
C2D CLA KA . -25.60 8.45 -30.33
C3D CLA KA . -26.74 7.83 -29.76
C4D CLA KA . -26.78 8.27 -28.44
CMD CLA KA . -25.14 8.33 -31.74
CAD CLA KA . -27.83 6.89 -29.95
OBD CLA KA . -28.05 6.16 -30.89
CBD CLA KA . -28.69 6.92 -28.72
CGD CLA KA . -30.05 7.51 -29.08
O1D CLA KA . -30.23 8.61 -29.53
O2D CLA KA . -31.02 6.62 -28.84
CED CLA KA . -32.36 7.06 -29.17
C1 CLA KA . -33.56 6.72 -25.60
C2 CLA KA . -34.40 7.66 -24.79
C3 CLA KA . -35.52 8.19 -25.26
C4 CLA KA . -36.06 7.91 -26.64
C5 CLA KA . -36.35 9.12 -24.42
C6 CLA KA . -35.52 10.03 -23.52
C7 CLA KA . -35.15 11.37 -24.16
C8 CLA KA . -33.93 11.34 -25.09
C9 CLA KA . -34.33 11.13 -26.55
C10 CLA KA . -33.10 12.62 -24.92
C11 CLA KA . -32.55 12.84 -23.52
C12 CLA KA . -31.78 14.15 -23.39
C13 CLA KA . -30.60 14.32 -24.36
C14 CLA KA . -29.52 13.28 -24.12
C15 CLA KA . -30.03 15.74 -24.29
MG CLA LA . -7.18 14.80 -29.23
CHA CLA LA . -5.51 17.37 -30.62
CHB CLA LA . -10.03 15.77 -30.76
CHC CLA LA . -8.55 11.72 -28.49
CHD CLA LA . -4.10 13.53 -28.03
NA CLA LA . -7.68 16.29 -30.41
C1A CLA LA . -6.87 17.28 -30.95
C2A CLA LA . -7.60 18.24 -31.85
C3A CLA LA . -9.04 17.92 -31.53
C4A CLA LA . -8.95 16.58 -30.87
CMA CLA LA . -9.75 18.96 -30.68
CAA CLA LA . -7.23 17.96 -33.31
CBA CLA LA . -7.16 16.49 -33.72
CGA CLA LA . -5.82 15.85 -33.50
O1A CLA LA . -4.77 16.32 -33.86
O2A CLA LA . -5.93 14.70 -32.84
NB CLA LA . -8.93 13.97 -29.54
C1B CLA LA . -10.07 14.52 -30.17
C2B CLA LA . -11.16 13.63 -30.07
C3B CLA LA . -10.75 12.49 -29.41
C4B CLA LA . -9.39 12.64 -29.10
CMB CLA LA . -12.53 13.90 -30.59
CAB CLA LA . -11.54 11.30 -29.08
CBB CLA LA . -12.64 11.22 -28.37
NC CLA LA . -6.55 13.13 -28.39
C1C CLA LA . -7.26 11.98 -28.17
C2C CLA LA . -6.47 10.98 -27.41
C3C CLA LA . -5.24 11.52 -27.18
C4C CLA LA . -5.21 12.78 -27.86
CMC CLA LA . -6.96 9.63 -26.95
CAC CLA LA . -4.10 10.92 -26.40
CBC CLA LA . -3.17 10.09 -27.25
ND CLA LA . -5.29 15.27 -29.25
C1D CLA LA . -4.09 14.74 -28.69
C2D CLA LA . -3.02 15.60 -28.97
C3D CLA LA . -3.52 16.68 -29.72
C4D CLA LA . -4.89 16.43 -29.87
CMD CLA LA . -1.60 15.40 -28.53
CAD CLA LA . -3.22 17.95 -30.38
OBD CLA LA . -2.16 18.55 -30.42
CBD CLA LA . -4.48 18.43 -31.04
CGD CLA LA . -4.84 19.83 -30.60
O1D CLA LA . -5.31 20.68 -31.31
O2D CLA LA . -4.58 20.01 -29.30
CED CLA LA . -4.92 21.31 -28.76
C1 CLA LA . -4.68 14.03 -32.53
C2 CLA LA . -4.97 12.71 -31.93
C3 CLA LA . -3.99 11.97 -31.40
C4 CLA LA . -2.55 12.41 -31.37
C5 CLA LA . -4.26 10.63 -30.77
C6 CLA LA . -5.61 10.03 -31.15
C7 CLA LA . -5.91 8.76 -30.36
C8 CLA LA . -7.29 8.14 -30.57
C9 CLA LA . -8.34 9.20 -30.88
C10 CLA LA . -7.28 7.03 -31.61
C11 CLA LA . -8.60 6.30 -31.81
C12 CLA LA . -8.44 4.93 -32.44
C13 CLA LA . -9.74 4.15 -32.64
C14 CLA LA . -10.62 4.19 -31.40
C15 CLA LA . -9.44 2.71 -33.04
C16 CLA LA . -8.72 2.56 -34.38
C17 CLA LA . -8.39 1.12 -34.73
C18 CLA LA . -7.81 0.89 -36.11
C19 CLA LA . -6.57 1.73 -36.34
C20 CLA LA . -7.51 -0.57 -36.37
MG CLA MA . -22.60 5.50 -34.45
CHA CLA MA . -24.79 4.35 -32.14
CHB CLA MA . -24.24 3.78 -36.85
CHC CLA MA . -21.05 7.47 -36.78
CHD CLA MA . -21.09 7.48 -31.95
NA CLA MA . -24.15 4.31 -34.48
C1A CLA MA . -25.04 3.99 -33.49
C2A CLA MA . -26.18 3.17 -34.02
C3A CLA MA . -25.44 2.43 -35.09
C4A CLA MA . -24.56 3.55 -35.56
CMA CLA MA . -24.67 1.20 -34.62
CAA CLA MA . -27.19 4.18 -34.60
CBA CLA MA . -28.28 4.62 -33.63
CGA CLA MA . -29.05 5.83 -34.08
O1A CLA MA . -29.95 5.81 -34.88
O2A CLA MA . -28.63 6.92 -33.45
NB CLA MA . -22.70 5.61 -36.39
C1B CLA MA . -23.44 4.83 -37.29
C2B CLA MA . -23.25 5.28 -38.62
C3B CLA MA . -22.35 6.34 -38.60
C4B CLA MA . -21.96 6.55 -37.26
CMB CLA MA . -23.91 4.72 -39.83
CAB CLA MA . -21.87 7.11 -39.74
CBB CLA MA . -22.53 7.91 -40.53
NC CLA MA . -21.34 7.00 -34.40
C1C CLA MA . -20.80 7.67 -35.46
C2C CLA MA . -19.85 8.71 -35.03
C3C CLA MA . -19.83 8.73 -33.67
C4C CLA MA . -20.74 7.71 -33.24
CMC CLA MA . -19.07 9.61 -35.96
CAC CLA MA . -19.05 9.65 -32.78
CBC CLA MA . -17.88 8.98 -32.10
ND CLA MA . -22.78 5.83 -32.53
C1D CLA MA . -22.09 6.59 -31.57
C2D CLA MA . -22.59 6.32 -30.29
C3D CLA MA . -23.67 5.41 -30.45
C4D CLA MA . -23.76 5.16 -31.82
CMD CLA MA . -22.08 6.89 -29.00
CAD CLA MA . -24.68 4.61 -29.79
OBD CLA MA . -24.85 4.43 -28.59
CBD CLA MA . -25.55 3.99 -30.86
CGD CLA MA . -25.76 2.49 -30.64
O1D CLA MA . -26.82 1.95 -30.59
O2D CLA MA . -24.59 1.86 -30.51
CED CLA MA . -24.66 0.44 -30.31
C1 CLA MA . -29.35 8.15 -33.71
C2 CLA MA . -28.77 9.18 -32.80
C3 CLA MA . -28.44 10.39 -33.20
C4 CLA MA . -28.68 10.92 -34.59
C5 CLA MA . -27.73 11.34 -32.27
C6 CLA MA . -28.36 11.44 -30.88
C7 CLA MA . -27.40 12.03 -29.85
C8 CLA MA . -28.02 12.45 -28.52
C9 CLA MA . -28.96 11.37 -27.98
C10 CLA MA . -26.92 12.77 -27.52
C11 CLA MA . -25.73 13.55 -28.09
C12 CLA MA . -25.70 15.02 -27.69
C13 CLA MA . -25.20 15.30 -26.27
C14 CLA MA . -26.33 15.48 -25.28
C15 CLA MA . -24.24 16.50 -26.26
C16 CLA MA . -23.65 16.85 -24.89
MG CLA NA . -12.40 -2.35 -24.02
CHA CLA NA . -13.17 -5.20 -25.64
CHB CLA NA . -11.80 -4.09 -21.18
CHC CLA NA . -11.14 0.52 -22.61
CHD CLA NA . -12.26 -0.68 -27.15
NA CLA NA . -12.49 -4.25 -23.50
C1A CLA NA . -12.81 -5.35 -24.29
C2A CLA NA . -12.82 -6.66 -23.55
C3A CLA NA . -12.62 -6.22 -22.13
C4A CLA NA . -12.28 -4.77 -22.24
CMA CLA NA . -13.83 -6.48 -21.25
CAA CLA NA . -11.70 -7.56 -24.06
CBA CLA NA . -10.27 -7.05 -23.93
CGA CLA NA . -9.62 -7.39 -22.61
O1A CLA NA . -9.72 -8.44 -22.05
O2A CLA NA . -8.93 -6.37 -22.14
NB CLA NA . -11.68 -1.91 -22.26
C1B CLA NA . -11.49 -2.74 -21.14
C2B CLA NA . -11.05 -1.99 -20.02
C3B CLA NA . -10.99 -0.65 -20.40
C4B CLA NA . -11.25 -0.58 -21.78
CMB CLA NA . -10.81 -2.53 -18.66
CAB CLA NA . -10.73 0.52 -19.56
CBB CLA NA . -9.81 0.73 -18.66
NC CLA NA . -11.89 -0.56 -24.67
C1C CLA NA . -11.42 0.49 -23.93
C2C CLA NA . -11.30 1.73 -24.74
C3C CLA NA . -11.60 1.41 -26.02
C4C CLA NA . -11.93 0.01 -26.04
CMC CLA NA . -10.89 3.08 -24.23
CAC CLA NA . -11.63 2.33 -27.22
CBC CLA NA . -10.28 2.44 -27.90
ND CLA NA . -12.69 -2.74 -25.91
C1D CLA NA . -12.67 -2.00 -27.13
C2D CLA NA . -13.07 -2.83 -28.19
C3D CLA NA . -13.34 -4.12 -27.65
C4D CLA NA . -13.07 -4.01 -26.28
CMD CLA NA . -13.22 -2.42 -29.62
CAD CLA NA . -13.82 -5.46 -27.91
OBD CLA NA . -14.26 -5.92 -28.94
CBD CLA NA . -13.67 -6.24 -26.63
CGD CLA NA . -14.99 -6.88 -26.21
O1D CLA NA . -15.38 -7.96 -26.57
O2D CLA NA . -15.64 -6.09 -25.36
CED CLA NA . -16.90 -6.60 -24.86
C1 CLA NA . -8.29 -6.56 -20.84
C2 CLA NA . -8.12 -5.22 -20.24
C3 CLA NA . -7.00 -4.86 -19.63
C4 CLA NA . -5.80 -5.76 -19.49
C5 CLA NA . -6.86 -3.49 -19.00
C6 CLA NA . -5.75 -2.66 -19.60
C7 CLA NA . -5.33 -1.50 -18.69
C8 CLA NA . -4.24 -0.59 -19.26
C9 CLA NA . -3.30 -1.34 -20.20
C10 CLA NA . -4.82 0.66 -19.91
C11 CLA NA . -3.84 1.47 -20.73
C12 CLA NA . -4.41 2.80 -21.21
C13 CLA NA . -3.48 3.61 -22.11
C14 CLA NA . -3.97 5.04 -22.26
C15 CLA NA . -3.31 2.93 -23.47
MG CLA OA . -16.26 1.54 -7.76
CHA CLA OA . -14.40 -0.54 -9.66
CHB CLA OA . -16.49 -0.83 -5.35
CHC CLA OA . -17.40 3.96 -5.58
CHD CLA OA . -15.42 4.19 -9.97
NA CLA OA . -15.61 -0.31 -7.56
C1A CLA OA . -14.82 -1.04 -8.41
C2A CLA OA . -14.49 -2.42 -7.91
C3A CLA OA . -15.46 -2.58 -6.77
C4A CLA OA . -15.90 -1.17 -6.51
CMA CLA OA . -16.62 -3.54 -7.06
CAA CLA OA . -13.01 -2.40 -7.46
CBA CLA OA . -12.58 -1.18 -6.65
CGA CLA OA . -11.12 -1.13 -6.37
O1A CLA OA . -10.37 -2.07 -6.40
O2A CLA OA . -10.73 0.11 -6.07
NB CLA OA . -16.86 1.51 -5.90
C1B CLA OA . -16.94 0.44 -4.99
C2B CLA OA . -17.49 0.85 -3.77
C3B CLA OA . -17.75 2.21 -3.83
C4B CLA OA . -17.36 2.65 -5.10
CMB CLA OA . -17.76 -0.05 -2.59
CAB CLA OA . -18.34 3.08 -2.81
CBB CLA OA . -17.99 3.24 -1.56
NC CLA OA . -16.45 3.51 -7.79
C1C CLA OA . -16.96 4.32 -6.80
C2C CLA OA . -17.02 5.73 -7.22
C3C CLA OA . -16.47 5.82 -8.46
C4C CLA OA . -16.09 4.49 -8.84
CMC CLA OA . -17.55 6.87 -6.39
CAC CLA OA . -16.27 7.05 -9.29
CBC CLA OA . -14.98 7.76 -8.98
ND CLA OA . -15.25 1.82 -9.41
C1D CLA OA . -14.99 2.91 -10.28
C2D CLA OA . -14.26 2.47 -11.40
C3D CLA OA . -14.03 1.09 -11.23
C4D CLA OA . -14.63 0.75 -10.01
CMD CLA OA . -13.80 3.32 -12.54
CAD CLA OA . -13.44 -0.12 -11.78
OBD CLA OA . -12.89 -0.27 -12.86
CBD CLA OA . -13.63 -1.24 -10.77
CGD CLA OA . -14.39 -2.41 -11.38
O1D CLA OA . -15.34 -2.31 -12.10
O2D CLA OA . -13.87 -3.56 -10.98
CED CLA OA . -14.53 -4.76 -11.46
C1 CLA OA . -9.30 0.30 -5.79
C2 CLA OA . -8.93 1.63 -6.33
C3 CLA OA . -8.12 1.77 -7.37
C4 CLA OA . -7.48 0.62 -8.09
C5 CLA OA . -7.81 3.14 -7.94
C6 CLA OA . -7.07 3.10 -9.26
C7 CLA OA . -7.06 4.44 -9.98
C8 CLA OA . -6.18 4.50 -11.23
C9 CLA OA . -6.38 3.29 -12.13
C10 CLA OA . -6.40 5.81 -12.00
MG CLA PA . -9.26 3.88 -13.96
CHA CLA PA . -9.24 0.76 -12.65
CHB CLA PA . -7.09 2.90 -16.37
CHC CLA PA . -8.66 7.19 -14.76
CHD CLA PA . -10.67 5.05 -10.92
NA CLA PA . -8.41 2.17 -14.47
C1A CLA PA . -8.55 0.93 -13.87
C2A CLA PA . -7.87 -0.19 -14.62
C3A CLA PA . -7.10 0.53 -15.68
C4A CLA PA . -7.54 1.96 -15.52
CMA CLA PA . -5.59 0.39 -15.56
CAA CLA PA . -8.96 -1.10 -15.20
CBA CLA PA . -8.41 -2.26 -16.03
CGA CLA PA . -7.45 -3.13 -15.28
O1A CLA PA . -7.71 -3.75 -14.28
O2A CLA PA . -6.25 -3.16 -15.87
NB CLA PA . -8.22 4.78 -15.37
C1B CLA PA . -7.38 4.24 -16.36
C2B CLA PA . -6.96 5.24 -17.26
C3B CLA PA . -7.44 6.47 -16.82
C4B CLA PA . -8.14 6.25 -15.62
CMB CLA PA . -6.14 5.01 -18.49
CAB CLA PA . -7.25 7.79 -17.43
CBB CLA PA . -6.16 8.35 -17.86
NC CLA PA . -9.63 5.63 -13.13
C1C CLA PA . -9.32 6.88 -13.61
C2C CLA PA . -9.77 7.97 -12.72
C3C CLA PA . -10.34 7.38 -11.64
C4C CLA PA . -10.26 5.96 -11.83
CMC CLA PA . -9.61 9.44 -12.95
CAC CLA PA . -10.93 8.07 -10.43
CBC CLA PA . -9.92 8.27 -9.32
ND CLA PA . -9.87 3.16 -12.24
C1D CLA PA . -10.48 3.69 -11.07
C2D CLA PA . -10.80 2.65 -10.19
C3D CLA PA . -10.35 1.45 -10.77
C4D CLA PA . -9.79 1.80 -11.99
CMD CLA PA . -11.49 2.80 -8.87
CAD CLA PA . -10.21 0.00 -10.62
OBD CLA PA . -10.56 -0.71 -9.69
CBD CLA PA . -9.50 -0.51 -11.84
CGD CLA PA . -8.24 -1.24 -11.40
O1D CLA PA . -8.17 -2.42 -11.14
O2D CLA PA . -7.20 -0.41 -11.36
CED CLA PA . -5.94 -1.00 -10.97
C1 CLA PA . -5.28 -4.10 -15.34
C2 CLA PA . -4.64 -3.56 -14.12
C3 CLA PA . -3.52 -2.85 -14.16
C4 CLA PA . -2.80 -2.51 -15.43
C5 CLA PA . -2.88 -2.34 -12.89
C6 CLA PA . -2.94 -3.34 -11.75
C7 CLA PA . -2.27 -2.84 -10.47
MG CLA QA . -18.48 19.89 -12.04
CHA CLA QA . -18.44 23.18 -11.30
CHB CLA QA . -15.87 19.34 -9.97
CHC CLA QA . -19.04 16.50 -12.31
CHD CLA QA . -21.65 20.36 -13.59
NA CLA QA . -17.38 21.02 -10.88
C1A CLA QA . -17.47 22.39 -10.64
C2A CLA QA . -16.44 22.93 -9.68
C3A CLA QA . -15.56 21.74 -9.45
C4A CLA QA . -16.28 20.61 -10.12
CMA CLA QA . -14.13 21.89 -9.97
CAA CLA QA . -17.11 23.43 -8.40
CBA CLA QA . -18.49 22.84 -8.07
CGA CLA QA . -18.46 21.73 -7.07
O1A CLA QA . -17.88 20.69 -7.23
O2A CLA QA . -19.16 22.03 -5.99
NB CLA QA . -17.56 18.30 -11.37
C1B CLA QA . -16.42 18.21 -10.53
C2B CLA QA . -15.98 16.87 -10.45
C3B CLA QA . -16.86 16.07 -11.16
C4B CLA QA . -17.89 16.89 -11.66
CMB CLA QA . -14.76 16.41 -9.74
CAB CLA QA . -16.78 14.63 -11.41
CBB CLA QA . -16.70 13.65 -10.55
NC CLA QA . -19.90 18.74 -12.81
C1C CLA QA . -19.94 17.36 -12.83
C2C CLA QA . -21.12 16.85 -13.55
C3C CLA QA . -21.85 17.93 -13.95
C4C CLA QA . -21.17 19.10 -13.48
CMC CLA QA . -21.44 15.41 -13.80
CAC CLA QA . -23.14 17.93 -14.73
CBC CLA QA . -22.94 17.68 -16.20
ND CLA QA . -19.74 21.34 -12.43
C1D CLA QA . -20.99 21.47 -13.11
C2D CLA QA . -21.37 22.81 -13.14
C3D CLA QA . -20.37 23.57 -12.47
C4D CLA QA . -19.42 22.63 -12.06
CMD CLA QA . -22.62 23.36 -13.76
CAD CLA QA . -19.92 24.88 -12.04
OBD CLA QA . -20.43 25.97 -12.25
CBD CLA QA . -18.65 24.70 -11.26
CGD CLA QA . -17.50 25.48 -11.88
O1D CLA QA . -17.28 25.57 -13.06
O2D CLA QA . -16.74 26.05 -10.94
CED CLA QA . -15.61 26.81 -11.41
C1 CLA QA . -19.14 21.06 -4.90
C2 CLA QA . -20.07 19.93 -5.20
C3 CLA QA . -21.23 19.78 -4.60
C4 CLA QA . -21.76 20.74 -3.56
C5 CLA QA . -22.13 18.60 -4.90
C6 CLA QA . -23.33 18.96 -5.75
MG CLA RA . -21.81 -0.14 -1.65
CHA CLA RA . -20.54 -1.95 -4.21
CHB CLA RA . -21.69 -2.88 0.32
CHC CLA RA . -22.03 1.94 1.06
CHD CLA RA . -21.54 2.76 -3.65
NA CLA RA . -21.29 -2.02 -1.91
C1A CLA RA . -20.73 -2.64 -3.00
C2A CLA RA . -20.40 -4.09 -2.74
C3A CLA RA . -21.43 -4.38 -1.68
C4A CLA RA . -21.49 -3.03 -1.01
CMA CLA RA . -22.79 -4.86 -2.19
CAA CLA RA . -18.97 -4.14 -2.16
CBA CLA RA . -17.86 -3.95 -3.18
CGA CLA RA . -16.48 -3.99 -2.56
O1A CLA RA . -16.18 -4.64 -1.61
O2A CLA RA . -15.63 -3.21 -3.23
NB CLA RA . -21.82 -0.44 0.27
C1B CLA RA . -21.75 -1.66 0.98
C2B CLA RA . -21.74 -1.41 2.37
C3B CLA RA . -21.86 -0.04 2.59
C4B CLA RA . -21.91 0.59 1.32
CMB CLA RA . -21.64 -2.46 3.43
CAB CLA RA . -21.94 0.69 3.85
CBB CLA RA . -21.20 0.58 4.92
NC CLA RA . -21.92 1.80 -1.37
C1C CLA RA . -22.03 2.47 -0.19
C2C CLA RA . -22.25 3.92 -0.38
C3C CLA RA . -22.25 4.15 -1.74
C4C CLA RA . -21.91 2.90 -2.36
CMC CLA RA . -22.46 4.95 0.68
CAC CLA RA . -22.50 5.45 -2.45
CBC CLA RA . -21.23 6.23 -2.72
ND CLA RA . -21.23 0.35 -3.45
C1D CLA RA . -21.19 1.55 -4.21
C2D CLA RA . -20.73 1.27 -5.51
C3D CLA RA . -20.46 -0.12 -5.58
C4D CLA RA . -20.77 -0.62 -4.32
CMD CLA RA . -20.57 2.28 -6.61
CAD CLA RA . -19.93 -1.20 -6.38
OBD CLA RA . -19.47 -1.16 -7.50
CBD CLA RA . -20.05 -2.46 -5.58
CGD CLA RA . -21.02 -3.43 -6.25
O1D CLA RA . -22.21 -3.27 -6.32
O2D CLA RA . -20.37 -4.48 -6.76
CED CLA RA . -21.19 -5.45 -7.45
C1 CLA RA . -14.26 -3.22 -2.74
C2 CLA RA . -13.68 -1.85 -2.87
C3 CLA RA . -13.78 -0.97 -1.87
C4 CLA RA . -14.47 -1.27 -0.58
C5 CLA RA . -13.15 0.40 -1.98
C6 CLA RA . -13.33 1.07 -3.33
C7 CLA RA . -13.04 2.56 -3.26
C8 CLA RA . -12.94 3.29 -4.61
C9 CLA RA . -13.85 2.67 -5.65
C10 CLA RA . -13.20 4.78 -4.42
C11 CLA RA . -14.37 5.12 -3.50
C12 CLA RA . -14.38 6.57 -3.03
C13 CLA RA . -15.31 6.87 -1.85
C14 CLA RA . -15.19 5.81 -0.75
C15 CLA RA . -16.76 7.05 -2.30
C16 CLA RA . -17.04 8.35 -3.05
MG CLA SA . -9.14 -2.93 -33.47
CHA CLA SA . -8.29 -4.50 -36.36
CHB CLA SA . -6.19 -3.84 -32.07
CHC CLA SA . -9.74 -0.72 -30.90
CHD CLA SA . -11.85 -1.41 -35.16
NA CLA SA . -7.61 -4.05 -34.04
C1A CLA SA . -7.41 -4.70 -35.26
C2A CLA SA . -6.22 -5.62 -35.26
C3A CLA SA . -5.67 -5.48 -33.86
C4A CLA SA . -6.52 -4.39 -33.27
CMA CLA SA . -5.69 -6.76 -33.04
CAA CLA SA . -5.21 -5.16 -36.32
CBA CLA SA . -3.99 -4.41 -35.78
CGA CLA SA . -3.90 -3.00 -36.27
O1A CLA SA . -4.48 -2.57 -37.24
O2A CLA SA . -3.09 -2.28 -35.51
NB CLA SA . -8.14 -2.42 -31.87
C1B CLA SA . -6.88 -2.86 -31.40
C2B CLA SA . -6.54 -2.20 -30.20
C3B CLA SA . -7.59 -1.40 -29.82
C4B CLA SA . -8.56 -1.45 -30.83
CMB CLA SA . -5.28 -2.41 -29.43
CAB CLA SA . -7.74 -0.63 -28.58
CBB CLA SA . -8.42 -0.95 -27.52
NC CLA SA . -10.49 -1.54 -33.08
C1C CLA SA . -10.59 -0.77 -31.95
C2C CLA SA . -11.81 0.05 -31.94
C3C CLA SA . -12.45 -0.17 -33.12
C4C CLA SA . -11.63 -1.07 -33.88
CMC CLA SA . -12.27 0.95 -30.83
CAC CLA SA . -13.75 0.43 -33.58
CBC CLA SA . -14.96 -0.38 -33.13
ND CLA SA . -9.94 -2.93 -35.26
C1D CLA SA . -11.06 -2.30 -35.86
C2D CLA SA . -11.18 -2.73 -37.19
C3D CLA SA . -10.13 -3.64 -37.45
C4D CLA SA . -9.39 -3.71 -36.26
CMD CLA SA . -12.24 -2.29 -38.17
CAD CLA SA . -9.53 -4.56 -38.39
OBD CLA SA . -9.93 -4.88 -39.49
CBD CLA SA . -8.27 -5.08 -37.79
CGD CLA SA . -8.20 -6.60 -37.86
O1D CLA SA . -7.50 -7.22 -38.60
O2D CLA SA . -9.03 -7.15 -36.98
CED CLA SA . -9.06 -8.60 -36.96
C1 CLA SA . -2.90 -0.90 -35.93
C2 CLA SA . -3.73 -0.05 -35.05
C3 CLA SA . -3.20 0.73 -34.12
C4 CLA SA . -1.71 0.82 -33.85
C5 CLA SA . -4.06 1.61 -33.25
C6 CLA SA . -5.12 0.84 -32.46
C7 CLA SA . -6.05 1.74 -31.66
C8 CLA SA . -5.73 1.88 -30.18
C9 CLA SA . -4.31 2.42 -29.94
C10 CLA SA . -6.78 2.72 -29.47
C11 CLA SA . -6.49 3.04 -28.00
C12 CLA SA . -5.98 4.46 -27.79
C13 CLA SA . -5.18 4.66 -26.50
C14 CLA SA . -6.07 4.55 -25.26
C15 CLA SA . -4.41 5.98 -26.53
C16 CLA SA . -3.36 6.09 -27.64
MG CLA TA . -5.65 14.46 -42.79
CHA CLA TA . -5.60 17.74 -42.00
CHB CLA TA . -4.31 15.17 -45.81
CHC CLA TA . -4.89 11.14 -43.13
CHD CLA TA . -6.65 13.73 -39.47
NA CLA TA . -5.10 16.10 -43.71
C1A CLA TA . -5.04 17.39 -43.26
C2A CLA TA . -4.45 18.34 -44.25
C3A CLA TA . -4.84 17.61 -45.52
C4A CLA TA . -4.73 16.19 -45.03
CMA CLA TA . -6.22 17.96 -46.06
CAA CLA TA . -2.93 18.37 -44.05
CBA CLA TA . -2.44 19.10 -42.81
CGA CLA TA . -2.27 18.20 -41.62
O1A CLA TA . -2.43 18.53 -40.48
O2A CLA TA . -1.90 16.97 -41.99
NB CLA TA . -4.74 13.42 -44.17
C1B CLA TA . -4.20 13.85 -45.41
C2B CLA TA . -3.57 12.76 -46.06
C3B CLA TA . -3.76 11.62 -45.31
C4B CLA TA . -4.47 11.97 -44.15
CMB CLA TA . -2.86 12.85 -47.38
CAB CLA TA . -3.31 10.26 -45.63
CBB CLA TA . -4.02 9.28 -46.16
NC CLA TA . -5.86 12.86 -41.68
C1C CLA TA . -5.51 11.57 -42.00
C2C CLA TA . -5.98 10.60 -40.99
C3C CLA TA . -6.59 11.31 -40.00
C4C CLA TA . -6.40 12.70 -40.32
CMC CLA TA . -5.86 9.10 -41.06
CAC CLA TA . -7.28 10.78 -38.77
CBC CLA TA . -8.78 10.99 -38.81
ND CLA TA . -6.06 15.42 -41.14
C1D CLA TA . -6.49 15.06 -39.83
C2D CLA TA . -6.69 16.23 -39.07
C3D CLA TA . -6.39 17.34 -39.90
C4D CLA TA . -6.01 16.79 -41.13
CMD CLA TA . -7.15 16.27 -37.65
CAD CLA TA . -6.33 18.78 -40.02
OBD CLA TA . -6.62 19.62 -39.17
CBD CLA TA . -5.82 19.12 -41.39
CGD CLA TA . -6.89 19.90 -42.14
O1D CLA TA . -7.88 19.43 -42.63
O2D CLA TA . -6.58 21.20 -42.19
CED CLA TA . -7.51 22.05 -42.90
C1 CLA TA . -1.70 16.01 -40.91
C2 CLA TA . -1.28 14.72 -41.50
C3 CLA TA . -1.89 13.59 -41.19
C4 CLA TA . -3.03 13.51 -40.22
C5 CLA TA . -1.47 12.27 -41.80
C6 CLA TA . -0.90 11.27 -40.80
C7 CLA TA . -1.90 10.22 -40.34
C8 CLA TA . -1.37 9.19 -39.36
C9 CLA TA . -0.91 9.84 -38.05
C10 CLA TA . -2.39 8.09 -39.10
MG CLA UA . -3.23 14.47 -15.01
CHA CLA UA . -0.23 13.92 -16.45
CHB CLA UA . -4.49 11.66 -16.38
CHC CLA UA . -6.02 14.82 -13.01
CHD CLA UA . -1.71 16.99 -12.99
NA CLA UA . -2.52 13.08 -16.19
C1A CLA UA . -1.24 12.96 -16.74
C2A CLA UA . -1.07 11.80 -17.68
C3A CLA UA . -2.45 11.19 -17.72
C4A CLA UA . -3.22 11.99 -16.71
CMA CLA UA . -3.09 11.19 -19.10
CAA CLA UA . -0.04 10.82 -17.10
CBA CLA UA . 0.46 9.77 -18.09
CGA CLA UA . 1.67 10.21 -18.87
O1A CLA UA . 2.32 11.18 -18.60
O2A CLA UA . 1.93 9.40 -19.88
NB CLA UA . -4.90 13.47 -14.82
C1B CLA UA . -5.33 12.30 -15.50
C2B CLA UA . -6.66 12.00 -15.15
C3B CLA UA . -7.11 12.93 -14.23
C4B CLA UA . -6.05 13.80 -13.95
CMB CLA UA . -7.46 10.87 -15.71
CAB CLA UA . -8.45 13.01 -13.63
CBB CLA UA . -8.79 12.94 -12.38
NC CLA UA . -3.76 15.62 -13.49
C1C CLA UA . -4.96 15.62 -12.81
C2C CLA UA . -5.04 16.70 -11.80
C3C CLA UA . -3.83 17.33 -11.78
C4C CLA UA . -3.01 16.69 -12.77
CMC CLA UA . -6.22 17.01 -10.93
CAC CLA UA . -3.41 18.49 -10.92
CBC CLA UA . -2.70 18.04 -9.67
ND CLA UA . -1.48 15.31 -14.75
C1D CLA UA . -0.94 16.35 -13.95
C2D CLA UA . 0.40 16.56 -14.28
C3D CLA UA . 0.74 15.64 -15.30
C4D CLA UA . -0.42 14.91 -15.54
CMD CLA UA . 1.32 17.58 -13.66
CAD CLA UA . 1.77 15.17 -16.20
OBD CLA UA . 2.91 15.56 -16.33
CBD CLA UA . 1.19 14.04 -17.00
CGD CLA UA . 1.16 14.39 -18.48
O1D CLA UA . 0.29 15.01 -19.02
O2D CLA UA . 2.24 13.93 -19.11
CED CLA UA . 2.30 14.19 -20.53
C1 CLA UA . 3.14 9.70 -20.63
C2 CLA UA . 2.93 9.36 -22.06
C3 CLA UA . 3.93 9.38 -22.95
C4 CLA UA . 3.74 9.04 -24.41
C5 CLA UA . 5.34 9.76 -22.56
C6 CLA UA . 6.42 8.91 -23.21
C7 CLA UA . 6.65 7.56 -22.53
C8 CLA UA . 5.76 6.42 -23.02
C9 CLA UA . 6.33 5.75 -24.27
C10 CLA UA . 5.50 5.41 -21.90
C11 CLA UA . 4.72 5.96 -20.71
C12 CLA UA . 4.64 5.01 -19.53
C13 CLA UA . 3.97 5.58 -18.28
C14 CLA UA . 2.47 5.75 -18.49
C15 CLA UA . 4.63 6.90 -17.89
C16 CLA UA . 3.90 7.73 -16.85
C17 CLA UA . 4.66 8.98 -16.43
C18 CLA UA . 3.97 9.88 -15.43
C19 CLA UA . 3.53 9.10 -14.20
C20 CLA UA . 4.83 11.07 -15.03
C8 A1L1F VA . -5.51 -4.90 -26.16
C5 A1L1F VA . -4.29 -2.23 -23.71
C4 A1L1F VA . -6.95 -4.42 -26.17
C6 A1L1F VA . -5.07 -3.49 -24.10
C10 A1L1F VA . -8.90 -3.66 -24.80
C11 A1L1F VA . -7.49 -4.19 -24.75
C2 A1L1F VA . -7.51 -1.31 -22.57
C3 A1L1F VA . -4.64 -3.83 -25.54
C1 A1L1F VA . -6.54 -3.25 -24.02
C12 A1L1F VA . -4.65 -4.62 -23.15
C14 A1L1F VA . -12.83 14.74 -13.38
C17 A1L1F VA . -15.18 16.38 -14.44
C18 A1L1F VA . -10.34 16.96 -13.35
C19 A1L1F VA . -11.39 16.01 -11.33
C20 A1L1F VA . -13.90 17.03 -14.00
C21 A1L1F VA . -14.00 18.51 -13.73
C22 A1L1F VA . -12.69 19.11 -13.27
C23 A1L1F VA . -12.10 18.27 -12.15
C24 A1L1F VA . -11.66 16.85 -12.58
C25 A1L1F VA . -12.71 16.23 -13.46
C26 A1L1F VA . -12.97 11.79 -12.96
C27 A1L1F VA . -11.98 7.46 -15.91
C28 A1L1F VA . -8.21 5.34 -21.97
C29 A1L1F VA . -12.10 13.87 -14.06
C30 A1L1F VA . -12.31 12.45 -14.14
C31 A1L1F VA . -11.90 11.79 -15.25
C32 A1L1F VA . -11.87 10.38 -15.47
C33 A1L1F VA . -11.42 9.83 -16.59
C34 A1L1F VA . -11.33 8.41 -16.89
C35 A1L1F VA . -10.64 8.00 -17.97
C36 A1L1F VA . -10.35 6.67 -18.35
C37 A1L1F VA . -9.64 6.32 -19.44
C38 A1L1F VA . -9.37 4.96 -19.76
C39 A1L1F VA . -8.73 4.47 -20.85
C40 A1L1F VA . -8.52 3.04 -20.94
C41 A1L1F VA . -8.04 2.34 -21.97
C42 A1L1F VA . -7.90 0.92 -21.91
C43 A1L1F VA . -7.17 0.52 -24.28
C44 A1L1F VA . -7.52 0.07 -22.89
C45 A1L1F VA . -12.57 11.46 -10.67
C47 A1L1F VA . -11.87 12.00 -9.46
C48 A1L1F VA . -12.77 12.87 -8.62
C49 A1L1F VA . -12.09 13.45 -7.40
C50 A1L1F VA . -12.99 14.35 -6.56
C51 A1L1F VA . -12.31 14.98 -5.37
C52 A1L1F VA . -13.22 15.88 -4.55
C53 A1L1F VA . -12.50 16.51 -3.40
C54 A1L1F VA . -5.05 -6.31 -28.05
C56 A1L1F VA . -4.62 -6.30 -29.48
C57 A1L1F VA . -7.01 -2.26 -23.32
O13 A1L1F VA . -12.32 12.21 -11.74
O15 A1L1F VA . -12.73 16.71 -14.81
O16 A1L1F VA . -12.88 20.45 -12.82
O46 A1L1F VA . -13.27 10.49 -10.69
O55 A1L1F VA . -5.32 -7.27 -27.40
O7 A1L1F VA . -5.10 -5.06 -27.56
O9 A1L1F VA . -7.48 -5.46 -24.11
C1 XAT WA . -14.48 17.84 -28.13
C2 XAT WA . -13.30 18.77 -28.47
C3 XAT WA . -12.23 18.85 -27.38
C4 XAT WA . -11.57 17.49 -27.23
C5 XAT WA . -12.57 16.37 -27.11
C6 XAT WA . -13.96 16.55 -27.52
C7 XAT WA . -14.78 15.33 -27.84
C8 XAT WA . -15.40 14.61 -26.93
C9 XAT WA . -16.25 13.43 -27.05
C10 XAT WA . -16.91 13.01 -25.94
C11 XAT WA . -17.93 12.03 -25.84
C12 XAT WA . -18.61 11.89 -24.71
C13 XAT WA . -19.70 10.98 -24.41
C14 XAT WA . -20.42 11.18 -23.28
C15 XAT WA . -21.57 10.49 -22.84
C16 XAT WA . -15.29 17.58 -29.41
C17 XAT WA . -15.41 18.54 -27.13
C18 XAT WA . -11.94 14.99 -26.98
C19 XAT WA . -16.46 12.84 -28.41
C20 XAT WA . -20.02 9.90 -25.41
O3 XAT WA . -11.25 19.82 -27.73
O4 XAT WA . -13.60 16.65 -26.11
C21 XAT WA . -31.54 6.78 -15.14
C22 XAT WA . -32.44 5.69 -14.52
C23 XAT WA . -32.54 4.41 -15.33
C24 XAT WA . -31.18 3.74 -15.38
C25 XAT WA . -30.10 4.70 -15.83
C26 XAT WA . -30.31 6.15 -15.73
C27 XAT WA . -29.07 7.01 -15.72
C28 XAT WA . -28.45 7.45 -16.79
C29 XAT WA . -27.26 8.28 -16.87
C30 XAT WA . -26.73 8.58 -18.08
C31 XAT WA . -25.60 9.39 -18.38
C32 XAT WA . -25.07 9.51 -19.59
C33 XAT WA . -23.92 10.31 -19.96
C34 XAT WA . -23.33 10.13 -21.16
C35 XAT WA . -22.17 10.78 -21.67
C36 XAT WA . -31.19 7.80 -14.04
C37 XAT WA . -32.32 7.53 -16.22
C38 XAT WA . -28.73 4.08 -15.94
C39 XAT WA . -26.66 8.78 -15.58
C40 XAT WA . -23.40 11.28 -18.94
O23 XAT WA . -33.49 3.53 -14.74
O24 XAT WA . -30.52 5.48 -17.00
C8 A1L1F XA . 4.69 17.47 -39.55
C5 A1L1F XA . 2.74 19.96 -39.15
C4 A1L1F XA . 4.37 16.62 -38.33
C6 A1L1F XA . 2.35 18.51 -39.41
C10 A1L1F XA . 3.13 16.45 -36.16
C11 A1L1F XA . 3.44 17.34 -37.35
C2 A1L1F XA . -0.18 17.14 -37.21
C3 A1L1F XA . 3.40 17.81 -40.29
C1 A1L1F XA . 2.20 17.77 -38.10
C12 A1L1F XA . 1.04 18.48 -40.20
C14 A1L1F XA . -15.13 5.95 -31.69
C17 A1L1F XA . -14.61 4.22 -29.24
C18 A1L1F XA . -16.22 3.66 -33.91
C19 A1L1F XA . -17.56 5.51 -32.98
C20 A1L1F XA . -15.39 3.69 -30.43
C21 A1L1F XA . -16.25 2.47 -30.13
C22 A1L1F XA . -17.06 2.02 -31.34
C23 A1L1F XA . -17.74 3.23 -31.97
C24 A1L1F XA . -16.78 4.25 -32.61
C25 A1L1F XA . -15.66 4.53 -31.66
C26 A1L1F XA . -14.24 8.70 -31.47
C27 A1L1F XA . -10.14 11.74 -32.89
C28 A1L1F XA . -4.01 11.66 -37.08
C29 A1L1F XA . -13.99 6.33 -32.24
C30 A1L1F XA . -13.46 7.68 -32.24
C31 A1L1F XA . -12.33 7.94 -32.92
C32 A1L1F XA . -11.59 9.15 -32.94
C33 A1L1F XA . -10.48 9.36 -33.67
C34 A1L1F XA . -9.70 10.57 -33.72
C35 A1L1F XA . -8.60 10.62 -34.51
C36 A1L1F XA . -7.71 11.72 -34.69
C37 A1L1F XA . -6.60 11.68 -35.46
C38 A1L1F XA . -5.73 12.80 -35.63
C39 A1L1F XA . -4.57 12.85 -36.33
C40 A1L1F XA . -3.81 14.09 -36.36
C41 A1L1F XA . -2.59 14.28 -36.87
C42 A1L1F XA . -1.91 15.53 -36.86
C43 A1L1F XA . 0.19 14.76 -38.00
C44 A1L1F XA . -0.68 15.80 -37.35
C45 A1L1F XA . -14.99 10.90 -31.79
C47 A1L1F XA . -15.45 11.91 -32.80
C48 A1L1F XA . -15.82 13.25 -32.17
C49 A1L1F XA . -16.27 14.28 -33.19
C50 A1L1F XA . -16.60 15.64 -32.59
C51 A1L1F XA . -17.05 16.66 -33.61
C52 A1L1F XA . -17.34 18.04 -33.02
C53 A1L1F XA . -17.83 19.03 -34.06
C54 A1L1F XA . 6.84 16.71 -40.30
C56 A1L1F XA . 7.53 15.82 -41.28
C57 A1L1F XA . 1.01 17.48 -37.65
O13 A1L1F XA . -14.70 9.73 -32.37
O15 A1L1F XA . -14.61 3.55 -31.65
O16 A1L1F XA . -18.03 1.06 -30.94
O46 A1L1F XA . -14.88 11.11 -30.61
O55 A1L1F XA . 7.38 17.38 -39.47
O7 A1L1F XA . 5.50 16.66 -40.45
O9 A1L1F XA . 4.16 18.49 -36.90
C1 XAT YA . -27.38 27.95 -15.76
C2 XAT YA . -27.21 29.02 -16.86
C3 XAT YA . -25.81 29.61 -16.93
C4 XAT YA . -24.82 28.53 -17.35
C5 XAT YA . -25.04 27.21 -16.64
C6 XAT YA . -26.27 26.95 -15.88
C7 XAT YA . -26.65 25.49 -15.76
C8 XAT YA . -26.37 24.67 -14.77
C9 XAT YA . -26.76 23.28 -14.69
C10 XAT YA . -26.23 22.49 -13.72
C11 XAT YA . -26.43 21.09 -13.55
C12 XAT YA . -25.79 20.35 -12.63
C13 XAT YA . -25.93 18.91 -12.43
C14 XAT YA . -24.94 18.25 -11.78
C15 XAT YA . -24.79 16.83 -11.67
C16 XAT YA . -28.75 27.29 -15.90
C17 XAT YA . -27.33 28.63 -14.38
C18 XAT YA . -24.16 26.10 -17.19
C19 XAT YA . -27.70 22.75 -15.75
C20 XAT YA . -27.09 18.23 -13.08
O3 XAT YA . -25.80 30.67 -17.88
O4 XAT YA . -25.04 27.32 -15.18
C21 XAT YA . -21.09 4.98 -9.96
C22 XAT YA . -20.70 3.49 -9.91
C23 XAT YA . -20.30 2.88 -11.24
C24 XAT YA . -19.02 3.55 -11.72
C25 XAT YA . -19.14 5.06 -11.71
C26 XAT YA . -20.15 5.73 -10.88
C27 XAT YA . -19.87 7.17 -10.53
C28 XAT YA . -20.69 8.19 -10.75
C29 XAT YA . -20.47 9.58 -10.43
C30 XAT YA . -21.45 10.47 -10.68
C31 XAT YA . -21.42 11.89 -10.48
C32 XAT YA . -22.45 12.69 -10.73
C33 XAT YA . -22.48 14.14 -10.56
C34 XAT YA . -23.56 14.83 -11.03
C35 XAT YA . -23.71 16.24 -11.10
C36 XAT YA . -22.55 5.11 -10.40
C37 XAT YA . -20.99 5.55 -8.54
C38 XAT YA . -17.91 5.78 -12.22
C39 XAT YA . -19.13 9.97 -9.88
C40 XAT YA . -21.27 14.81 -10.00
O23 XAT YA . -20.06 1.49 -11.08
O24 XAT YA . -20.39 5.52 -12.31
MG CLA ZA . -23.11 1.67 27.08
CHA CLA ZA . -24.29 -0.94 28.83
CHB CLA ZA . -25.06 0.84 24.45
CHC CLA ZA . -22.28 4.67 25.62
CHD CLA ZA . -21.71 2.96 30.08
NA CLA ZA . -24.39 0.23 26.71
C1A CLA ZA . -24.82 -0.79 27.53
C2A CLA ZA . -25.81 -1.73 26.90
C3A CLA ZA . -25.81 -1.29 25.47
C4A CLA ZA . -25.05 0.01 25.51
CMA CLA ZA . -25.19 -2.30 24.51
CAA CLA ZA . -27.18 -1.55 27.59
CBA CLA ZA . -27.67 -0.10 27.77
CGA CLA ZA . -28.40 0.44 26.58
O1A CLA ZA . -29.29 -0.13 26.01
O2A CLA ZA . -27.93 1.63 26.22
NB CLA ZA . -23.55 2.52 25.38
C1B CLA ZA . -24.39 2.05 24.34
C2B CLA ZA . -24.32 2.91 23.24
C3B CLA ZA . -23.43 3.93 23.51
C4B CLA ZA . -23.04 3.79 24.85
CMB CLA ZA . -25.02 2.69 21.93
CAB CLA ZA . -22.90 4.96 22.60
CBB CLA ZA . -23.56 5.80 21.84
NC CLA ZA . -22.20 3.33 27.64
C1C CLA ZA . -21.93 4.44 26.89
C2C CLA ZA . -21.09 5.42 27.62
C3C CLA ZA . -20.95 4.98 28.89
C4C CLA ZA . -21.62 3.71 28.97
CMC CLA ZA . -20.54 6.70 27.06
CAC CLA ZA . -20.25 5.66 30.03
CBC CLA ZA . -21.18 6.50 30.87
ND CLA ZA . -22.95 1.18 28.96
C1D CLA ZA . -22.33 1.73 30.12
C2D CLA ZA . -22.50 0.85 31.20
C3D CLA ZA . -23.23 -0.27 30.73
C4D CLA ZA . -23.49 -0.01 29.39
CMD CLA ZA . -22.01 1.08 32.59
CAD CLA ZA . -23.77 -1.59 31.06
OBD CLA ZA . -23.67 -2.23 32.08
CBD CLA ZA . -24.53 -2.07 29.84
CGD CLA ZA . -23.99 -3.40 29.31
O1D CLA ZA . -23.00 -3.51 28.66
O2D CLA ZA . -24.79 -4.40 29.66
CED CLA ZA . -24.37 -5.71 29.23
C1 CLA ZA . -28.57 2.24 25.06
C2 CLA ZA . -27.81 3.47 24.70
C3 CLA ZA . -27.95 4.05 23.53
C4 CLA ZA . -28.89 3.57 22.46
C5 CLA ZA . -27.16 5.29 23.16
C6 CLA ZA . -27.44 6.49 24.04
C7 CLA ZA . -28.91 6.90 24.05
C8 CLA ZA . -29.17 8.37 24.34
C9 CLA ZA . -30.67 8.66 24.43
C10 CLA ZA . -28.43 8.85 25.60
C11 CLA ZA . -28.44 10.35 25.82
C12 CLA ZA . -28.04 10.76 27.23
C13 CLA ZA . -26.55 10.62 27.55
C14 CLA ZA . -26.32 10.54 29.06
C15 CLA ZA . -25.76 11.79 26.95
C16 CLA ZA . -24.36 11.99 27.52
C17 CLA ZA . -23.73 13.32 27.11
C18 CLA ZA . -22.40 13.67 27.76
C19 CLA ZA . -22.49 13.64 29.28
C20 CLA ZA . -21.25 12.80 27.27
MG CLA AB . -23.51 8.25 17.70
CHA CLA AB . -25.18 5.92 15.90
CHB CLA AB . -25.67 7.78 20.26
CHC CLA AB . -22.32 11.13 19.13
CHD CLA AB . -21.97 9.33 14.69
NA CLA AB . -24.98 6.99 18.07
C1A CLA AB . -25.47 5.98 17.27
C2A CLA AB . -26.38 5.02 17.98
C3A CLA AB . -26.65 5.73 19.28
C4A CLA AB . -25.72 6.91 19.23
CMA CLA AB . -28.11 6.13 19.47
CAA CLA AB . -25.60 3.71 18.15
CBA CLA AB . -26.38 2.54 18.77
CGA CLA AB . -27.66 2.23 18.06
O1A CLA AB . -27.76 1.58 17.05
O2A CLA AB . -28.70 2.77 18.70
NB CLA AB . -23.92 9.21 19.35
C1B CLA AB . -24.87 8.91 20.35
C2B CLA AB . -24.86 9.89 21.36
C3B CLA AB . -23.90 10.84 21.04
C4B CLA AB . -23.31 10.45 19.83
CMB CLA AB . -25.74 9.89 22.57
CAB CLA AB . -23.55 12.07 21.77
CBB CLA AB . -23.23 12.22 23.02
NC CLA AB . -22.35 9.75 17.13
C1C CLA AB . -21.95 10.82 17.88
C2C CLA AB . -20.97 11.67 17.16
C3C CLA AB . -20.89 11.19 15.89
C4C CLA AB . -21.73 10.02 15.82
CMC CLA AB . -20.29 12.88 17.72
CAC CLA AB . -20.10 11.77 14.74
CBC CLA AB . -18.67 11.31 14.72
ND CLA AB . -23.51 7.79 15.79
C1D CLA AB . -22.84 8.26 14.62
C2D CLA AB . -23.23 7.51 13.51
C3D CLA AB . -24.17 6.55 13.96
C4D CLA AB . -24.30 6.76 15.33
CMD CLA AB . -22.73 7.67 12.11
CAD CLA AB . -25.10 5.50 13.57
OBD CLA AB . -25.37 5.09 12.46
CBD CLA AB . -25.71 4.95 14.83
CGD CLA AB . -27.23 4.91 14.74
O1D CLA AB . -27.88 3.93 14.51
O2D CLA AB . -27.75 6.12 14.97
CED CLA AB . -29.20 6.19 14.95
C1 CLA AB . -30.01 2.58 18.08
C2 CLA AB . -30.82 3.79 18.39
C3 CLA AB . -31.65 3.82 19.43
C4 CLA AB . -31.86 2.68 20.37
C5 CLA AB . -32.43 5.08 19.75
C6 CLA AB . -32.01 6.29 18.92
C7 CLA AB . -32.80 7.55 19.27
C8 CLA AB . -32.54 8.74 18.34
C9 CLA AB . -33.58 9.84 18.57
C10 CLA AB . -31.12 9.28 18.49
C11 CLA AB . -30.84 10.02 19.80
C12 CLA AB . -29.53 10.79 19.77
C13 CLA AB . -29.23 11.61 21.03
C14 CLA AB . -30.42 12.51 21.41
C15 CLA AB . -27.96 12.44 20.85
C16 CLA AB . -27.60 13.35 22.01
MG CLA BB . -5.32 12.77 13.91
CHA CLA BB . -3.43 15.07 12.32
CHB CLA BB . -8.07 13.83 12.26
CHC CLA BB . -6.95 9.92 14.95
CHD CLA BB . -2.33 11.34 15.20
NA CLA BB . -5.68 14.18 12.59
C1A CLA BB . -4.80 15.06 11.99
C2A CLA BB . -5.44 16.04 11.04
C3A CLA BB . -6.91 15.81 11.30
C4A CLA BB . -6.92 14.53 12.09
CMA CLA BB . -7.60 16.96 12.02
CAA CLA BB . -5.01 15.73 9.60
CBA CLA BB . -5.66 14.51 8.96
CGA CLA BB . -4.95 13.21 9.21
O1A CLA BB . -5.43 12.13 8.99
O2A CLA BB . -3.71 13.40 9.65
NB CLA BB . -7.13 12.09 13.68
C1B CLA BB . -8.22 12.65 12.97
C2B CLA BB . -9.37 11.87 13.14
C3B CLA BB . -9.07 10.78 13.95
C4B CLA BB . -7.71 10.85 14.25
CMB CLA BB . -10.72 12.19 12.57
CAB CLA BB . -9.98 9.73 14.42
CBB CLA BB . -11.09 9.84 15.09
NC CLA BB . -4.81 11.12 14.87
C1C CLA BB . -5.63 10.07 15.21
C2C CLA BB . -4.91 9.02 15.98
C3C CLA BB . -3.61 9.43 16.09
C4C CLA BB . -3.50 10.68 15.39
CMC CLA BB . -5.50 7.77 16.54
CAC CLA BB . -2.48 8.72 16.78
CBC CLA BB . -1.65 7.88 15.84
ND CLA BB . -3.39 13.09 13.87
C1D CLA BB . -2.23 12.51 14.48
C2D CLA BB . -1.10 13.26 14.16
C3D CLA BB . -1.51 14.32 13.32
C4D CLA BB . -2.89 14.16 13.16
CMD CLA BB . 0.28 13.04 14.68
CAD CLA BB . -1.10 15.48 12.53
OBD CLA BB . 0.01 15.96 12.41
CBD CLA BB . -2.32 16.01 11.84
CGD CLA BB . -2.58 17.47 12.22
O1D CLA BB . -2.78 18.36 11.45
O2D CLA BB . -2.58 17.62 13.54
CED CLA BB . -2.85 18.96 14.03
C1 CLA BB . -2.87 12.20 9.73
C2 CLA BB . -3.23 11.33 10.88
C3 CLA BB . -2.85 10.05 10.91
C4 CLA BB . -2.07 9.39 9.81
C5 CLA BB . -3.16 9.17 12.09
C6 CLA BB . -4.18 8.07 11.78
C7 CLA BB . -4.21 7.00 12.86
C8 CLA BB . -5.50 6.17 12.93
C9 CLA BB . -6.74 7.05 13.01
C10 CLA BB . -5.61 5.15 11.79
C11 CLA BB . -6.75 4.14 11.94
C12 CLA BB . -6.99 3.30 10.71
C13 CLA BB . -8.15 2.29 10.82
C14 CLA BB . -9.34 2.88 11.57
C15 CLA BB . -7.68 0.98 11.47
C16 CLA BB . -6.78 0.11 10.59
C17 CLA BB . -7.46 -0.36 9.31
C18 CLA BB . -6.66 -1.35 8.47
C19 CLA BB . -7.37 -1.72 7.19
C20 CLA BB . -5.26 -0.86 8.19
MG CLA CB . -20.90 4.43 9.49
CHA CLA CB . -22.81 3.04 11.89
CHB CLA CB . -22.89 3.08 7.12
CHC CLA CB . -19.52 6.59 7.21
CHD CLA CB . -19.20 6.26 12.00
NA CLA CB . -22.46 3.25 9.50
C1A CLA CB . -23.19 2.78 10.56
C2A CLA CB . -24.38 1.98 10.13
C3A CLA CB . -23.93 1.51 8.78
C4A CLA CB . -23.05 2.67 8.40
CMA CLA CB . -23.21 0.17 8.76
CAA CLA CB . -25.49 3.05 10.08
CBA CLA CB . -26.92 2.54 10.17
CGA CLA CB . -27.89 3.63 10.50
O1A CLA CB . -29.02 3.45 10.86
O2A CLA CB . -27.34 4.83 10.35
NB CLA CB . -21.22 4.77 7.60
C1B CLA CB . -22.11 4.14 6.70
C2B CLA CB . -22.08 4.76 5.45
C3B CLA CB . -21.14 5.78 5.48
C4B CLA CB . -20.56 5.78 6.76
CMB CLA CB . -22.94 4.40 4.27
CAB CLA CB . -20.77 6.73 4.42
CBB CLA CB . -21.54 7.59 3.80
NC CLA CB . -19.61 5.92 9.56
C1C CLA CB . -19.15 6.66 8.50
C2C CLA CB . -18.12 7.63 8.92
C3C CLA CB . -17.95 7.50 10.27
C4C CLA CB . -18.92 6.53 10.72
CMC CLA CB . -17.39 8.58 8.02
CAC CLA CB . -16.99 8.24 11.16
CBC CLA CB . -17.52 9.60 11.57
ND CLA CB . -20.91 4.61 11.44
C1D CLA CB . -20.17 5.35 12.40
C2D CLA CB . -20.60 5.01 13.70
C3D CLA CB . -21.64 4.06 13.57
C4D CLA CB . -21.80 3.87 12.20
CMD CLA CB . -20.04 5.55 14.98
CAD CLA CB . -22.58 3.20 14.24
OBD CLA CB . -22.69 2.99 15.44
CBD CLA CB . -23.47 2.56 13.20
CGD CLA CB . -23.54 1.04 13.37
O1D CLA CB . -22.87 0.25 12.78
O2D CLA CB . -24.48 0.72 14.26
CED CLA CB . -24.65 -0.70 14.51
C1 CLA CB . -28.18 5.97 10.68
C2 CLA CB . -27.40 7.21 10.48
C3 CLA CB . -27.81 8.40 10.86
C4 CLA CB . -29.11 8.64 11.56
C5 CLA CB . -26.99 9.64 10.60
C6 CLA CB . -26.70 10.47 11.84
C7 CLA CB . -25.86 9.74 12.89
C8 CLA CB . -25.24 10.64 13.96
C9 CLA CB . -24.41 11.75 13.33
C10 CLA CB . -26.27 11.19 14.93
C11 CLA CB . -26.38 10.48 16.27
C12 CLA CB . -26.98 9.08 16.18
MG CLA DB . -10.43 -3.62 19.77
CHA CLA DB . -11.29 -6.53 18.35
CHB CLA DB . -9.71 -5.21 22.66
CHC CLA DB . -9.16 -0.68 20.99
CHD CLA DB . -10.57 -2.08 16.58
NA CLA DB . -10.46 -5.48 20.37
C1A CLA DB . -10.79 -6.62 19.65
C2A CLA DB . -10.65 -7.89 20.44
C3A CLA DB . -10.58 -7.38 21.84
C4A CLA DB . -10.21 -5.94 21.64
CMA CLA DB . -11.88 -7.55 22.61
CAA CLA DB . -9.35 -8.61 20.05
CBA CLA DB . -9.06 -9.84 20.90
CGA CLA DB . -7.79 -9.76 21.70
O1A CLA DB . -7.26 -10.69 22.25
O2A CLA DB . -7.32 -8.51 21.74
NB CLA DB . -9.63 -3.10 21.47
C1B CLA DB . -9.39 -3.87 22.62
C2B CLA DB . -8.92 -3.06 23.67
C3B CLA DB . -8.88 -1.74 23.24
C4B CLA DB . -9.19 -1.74 21.87
CMB CLA DB . -8.63 -3.54 25.06
CAB CLA DB . -8.61 -0.54 24.03
CBB CLA DB . -7.67 -0.32 24.92
NC CLA DB . -10.01 -1.85 19.02
C1C CLA DB . -9.51 -0.76 19.68
C2C CLA DB . -9.44 0.44 18.82
C3C CLA DB . -9.81 0.06 17.57
C4C CLA DB . -10.16 -1.34 17.63
CMC CLA DB . -9.01 1.81 19.25
CAC CLA DB . -9.89 0.92 16.34
CBC CLA DB . -8.58 1.02 15.61
ND CLA DB . -10.85 -4.09 17.93
C1D CLA DB . -10.93 -3.41 16.69
C2D CLA DB . -11.38 -4.30 15.70
C3D CLA DB . -11.61 -5.55 16.31
C4D CLA DB . -11.26 -5.37 17.65
CMD CLA DB . -11.59 -3.97 14.25
CAD CLA DB . -12.08 -6.92 16.15
OBD CLA DB . -12.57 -7.45 15.17
CBD CLA DB . -11.89 -7.62 17.47
CGD CLA DB . -13.23 -8.12 18.01
O1D CLA DB . -13.75 -9.15 17.69
O2D CLA DB . -13.73 -7.26 18.88
CED CLA DB . -15.00 -7.62 19.48
C1 CLA DB . -6.12 -8.32 22.53
C2 CLA DB . -6.06 -6.88 22.91
C3 CLA DB . -5.34 -6.43 23.92
C4 CLA DB . -4.50 -7.31 24.81
C5 CLA DB . -5.31 -4.95 24.27
C6 CLA DB . -3.91 -4.38 24.40
C7 CLA DB . -3.89 -2.87 24.21
C8 CLA DB . -2.55 -2.19 24.53
C9 CLA DB . -1.37 -3.08 24.16
C10 CLA DB . -2.46 -0.83 23.84
C11 CLA DB . -2.12 -0.89 22.36
C12 CLA DB . -2.01 0.49 21.70
C13 CLA DB . -1.36 0.48 20.32
C14 CLA DB . 0.08 0.00 20.38
C15 CLA DB . -1.46 1.85 19.64
C16 CLA DB . -2.81 2.17 19.01
C17 CLA DB . -2.75 3.31 18.02
C18 CLA DB . -4.00 3.54 17.18
C19 CLA DB . -3.76 4.57 16.10
C20 CLA DB . -4.51 2.24 16.56
MG CLA EB . -13.76 0.46 36.31
CHA CLA EB . -12.16 -1.78 34.34
CHB CLA EB . -14.02 -1.86 38.74
CHC CLA EB . -14.56 2.97 38.49
CHD CLA EB . -13.03 2.97 33.90
NA CLA EB . -13.19 -1.40 36.51
C1A CLA EB . -12.43 -2.18 35.67
C2A CLA EB . -12.04 -3.48 36.32
C3A CLA EB . -13.24 -3.68 37.17
C4A CLA EB . -13.52 -2.25 37.55
CMA CLA EB . -14.40 -4.39 36.48
CAA CLA EB . -10.78 -3.18 37.16
CBA CLA EB . -9.49 -3.10 36.36
CGA CLA EB . -8.30 -2.71 37.18
O1A CLA EB . -7.88 -3.32 38.14
O2A CLA EB . -7.72 -1.61 36.70
NB CLA EB . -14.20 0.50 38.20
C1B CLA EB . -14.28 -0.57 39.13
C2B CLA EB . -14.65 -0.08 40.40
C3B CLA EB . -14.83 1.30 40.32
C4B CLA EB . -14.54 1.69 39.01
CMB CLA EB . -14.85 -0.93 41.62
CAB CLA EB . -15.24 2.21 41.39
CBB CLA EB . -14.58 2.56 42.46
NC CLA EB . -13.87 2.42 36.22
C1C CLA EB . -14.22 3.28 37.21
C2C CLA EB . -14.25 4.70 36.76
C3C CLA EB . -13.84 4.70 35.46
C4C CLA EB . -13.56 3.35 35.09
CMC CLA EB . -14.62 5.88 37.58
CAC CLA EB . -13.68 5.89 34.55
CBC CLA EB . -12.29 6.47 34.59
ND CLA EB . -12.90 0.62 34.55
C1D CLA EB . -12.69 1.66 33.62
C2D CLA EB . -12.08 1.14 32.46
C3D CLA EB . -11.88 -0.24 32.67
C4D CLA EB . -12.38 -0.51 33.94
CMD CLA EB . -11.71 1.93 31.24
CAD CLA EB . -11.38 -1.49 32.12
OBD CLA EB . -10.90 -1.70 31.02
CBD CLA EB . -11.54 -2.56 33.18
CGD CLA EB . -12.44 -3.69 32.69
O1D CLA EB . -13.43 -3.53 32.04
O2D CLA EB . -11.97 -4.87 33.08
CED CLA EB . -12.76 -6.02 32.68
C1 CLA EB . -6.48 -1.20 37.35
C2 CLA EB . -6.40 0.28 37.41
C3 CLA EB . -6.06 1.03 36.38
C4 CLA EB . -5.98 2.53 36.43
C5 CLA EB . -5.76 0.41 35.03
C6 CLA EB . -4.56 1.03 34.31
C7 CLA EB . -4.96 1.98 33.18
C8 CLA EB . -3.84 2.32 32.20
C9 CLA EB . -3.57 1.18 31.23
C10 CLA EB . -4.11 3.63 31.45
C11 CLA EB . -3.07 4.01 30.41
C12 CLA EB . -3.29 5.40 29.81
MG CLA FB . -7.02 2.48 29.25
CHA CLA FB . -7.21 -0.52 30.78
CHB CLA FB . -5.04 1.16 26.83
CHC CLA FB . -6.31 5.66 28.13
CHD CLA FB . -8.24 3.99 32.22
NA CLA FB . -6.32 0.68 28.86
C1A CLA FB . -6.52 -0.50 29.55
C2A CLA FB . -5.91 -1.71 28.90
C3A CLA FB . -5.11 -1.12 27.77
C4A CLA FB . -5.49 0.33 27.79
CMA CLA FB . -3.61 -1.33 27.93
CAA CLA FB . -7.03 -2.65 28.41
CBA CLA FB . -6.54 -3.95 27.82
CGA CLA FB . -5.55 -4.69 28.68
O1A CLA FB . -5.67 -4.87 29.86
O2A CLA FB . -4.51 -5.12 27.97
NB CLA FB . -6.03 3.21 27.72
C1B CLA FB . -5.29 2.53 26.73
C2B CLA FB . -4.88 3.41 25.71
C3B CLA FB . -5.21 4.71 26.10
C4B CLA FB . -5.88 4.63 27.32
CMB CLA FB . -4.15 3.01 24.46
CAB CLA FB . -4.91 5.98 25.45
CBB CLA FB . -4.74 6.29 24.19
NC CLA FB . -7.24 4.32 29.94
C1C CLA FB . -6.89 5.50 29.33
C2C CLA FB . -7.13 6.68 30.19
C3C CLA FB . -7.70 6.22 31.35
C4C CLA FB . -7.79 4.79 31.24
CMC CLA FB . -6.78 8.10 29.88
CAC CLA FB . -8.13 7.03 32.54
CBC CLA FB . -7.03 7.19 33.57
ND CLA FB . -7.63 1.95 31.02
C1D CLA FB . -8.17 2.61 32.17
C2D CLA FB . -8.55 1.67 33.13
C3D CLA FB . -8.20 0.39 32.62
C4D CLA FB . -7.66 0.62 31.37
CMD CLA FB . -9.19 1.97 34.45
CAD CLA FB . -8.15 -1.03 32.88
OBD CLA FB . -8.51 -1.64 33.88
CBD CLA FB . -7.54 -1.70 31.70
CGD CLA FB . -6.32 -2.50 32.15
O1D CLA FB . -6.35 -3.65 32.47
O2D CLA FB . -5.23 -1.75 32.14
CED CLA FB . -4.01 -2.39 32.56
C1 CLA FB . -3.45 -5.78 28.72
C2 CLA FB . -2.32 -4.82 28.82
C3 CLA FB . -1.70 -4.60 29.97
C4 CLA FB . -2.03 -5.29 31.26
C5 CLA FB . -0.58 -3.58 30.07
C6 CLA FB . -0.12 -3.07 28.71
C7 CLA FB . 0.91 -1.95 28.81
C8 CLA FB . 1.51 -1.48 27.48
C9 CLA FB . 2.11 -2.65 26.70
C10 CLA FB . 0.48 -0.72 26.65
C11 CLA FB . 0.99 -0.20 25.31
MG CLA GB . -15.00 19.06 31.75
CHA CLA GB . -14.81 22.31 32.66
CHB CLA GB . -12.11 18.41 33.39
CHC CLA GB . -15.73 15.70 31.56
CHD CLA GB . -18.27 19.67 30.53
NA CLA GB . -13.74 20.13 32.80
C1A CLA GB . -13.80 21.46 33.16
C2A CLA GB . -12.70 21.92 34.07
C3A CLA GB . -11.68 20.83 33.81
C4A CLA GB . -12.52 19.69 33.32
CMA CLA GB . -10.56 21.21 32.83
CAA CLA GB . -13.24 21.92 35.51
CBA CLA GB . -14.39 20.93 35.78
CGA CLA GB . -14.68 20.70 37.24
O1A CLA GB . -14.30 19.75 37.86
O2A CLA GB . -15.42 21.68 37.76
NB CLA GB . -14.07 17.43 32.33
C1B CLA GB . -12.82 17.30 32.98
C2B CLA GB . -12.49 15.94 33.12
C3B CLA GB . -13.52 15.16 32.63
C4B CLA GB . -14.52 16.03 32.15
CMB CLA GB . -11.21 15.42 33.72
CAB CLA GB . -13.62 13.70 32.62
CBB CLA GB . -13.22 12.86 31.69
NC CLA GB . -16.51 17.97 31.12
C1C CLA GB . -16.61 16.60 31.11
C2C CLA GB . -17.86 16.15 30.43
C3C CLA GB . -18.55 17.26 30.05
C4C CLA GB . -17.81 18.40 30.54
CMC CLA GB . -18.25 14.72 30.20
CAC CLA GB . -19.84 17.32 29.29
CBC CLA GB . -19.67 17.18 27.80
ND CLA GB . -16.24 20.55 31.57
C1D CLA GB . -17.54 20.74 31.03
C2D CLA GB . -17.91 22.09 31.11
C3D CLA GB . -16.83 22.78 31.72
C4D CLA GB . -15.87 21.82 31.99
CMD CLA GB . -19.19 22.69 30.62
CAD CLA GB . -16.33 24.06 32.21
OBD CLA GB . -16.87 25.15 32.16
CBD CLA GB . -14.98 23.82 32.82
CGD CLA GB . -13.93 24.62 32.05
O1D CLA GB . -13.63 24.44 30.90
O2D CLA GB . -13.38 25.54 32.83
CED CLA GB . -12.36 26.36 32.22
C1 CLA GB . -15.78 21.51 39.16
C2 CLA GB . -16.96 20.60 39.23
C3 CLA GB . -16.94 19.46 39.89
C4 CLA GB . -15.75 18.95 40.64
C5 CLA GB . -18.16 18.57 39.93
C6 CLA GB . -17.84 17.10 39.71
C7 CLA GB . -19.08 16.20 39.76
MG CLA HB . -18.85 -1.55 42.81
CHA CLA HB . -17.69 -3.20 40.11
CHB CLA HB . -18.69 -4.39 44.61
CHC CLA HB . -18.99 0.37 45.66
CHD CLA HB . -18.65 1.47 40.98
NA CLA HB . -18.34 -3.39 42.44
C1A CLA HB . -17.78 -3.94 41.30
C2A CLA HB . -17.41 -5.38 41.50
C3A CLA HB . -18.47 -5.75 42.50
C4A CLA HB . -18.52 -4.47 43.27
CMA CLA HB . -19.81 -6.17 41.92
CAA CLA HB . -16.02 -5.36 42.13
CBA CLA HB . -14.86 -5.04 41.19
CGA CLA HB . -13.55 -4.89 41.90
O1A CLA HB . -13.41 -4.97 43.09
O2A CLA HB . -12.56 -4.65 41.05
NB CLA HB . -18.80 -1.96 44.71
C1B CLA HB . -18.72 -3.22 45.35
C2B CLA HB . -18.67 -3.06 46.75
C3B CLA HB . -18.75 -1.70 47.05
C4B CLA HB . -18.85 -1.00 45.83
CMB CLA HB . -18.55 -4.17 47.74
CAB CLA HB . -18.72 -1.07 48.37
CBB CLA HB . -19.72 -0.88 49.19
NC CLA HB . -18.95 0.37 43.21
C1C CLA HB . -19.04 0.97 44.45
C2C CLA HB . -19.25 2.43 44.33
C3C CLA HB . -19.27 2.74 43.01
C4C CLA HB . -18.96 1.54 42.29
CMC CLA HB . -19.46 3.37 45.49
CAC CLA HB . -19.52 4.09 42.39
CBC CLA HB . -20.99 4.42 42.27
ND CLA HB . -18.36 -0.94 41.02
C1D CLA HB . -18.34 0.30 40.33
C2D CLA HB . -17.98 0.09 38.99
C3D CLA HB . -17.72 -1.30 38.82
C4D CLA HB . -17.95 -1.86 40.08
CMD CLA HB . -17.88 1.15 37.94
CAD CLA HB . -17.33 -2.35 37.91
OBD CLA HB . -17.09 -2.28 36.71
CBD CLA HB . -17.25 -3.64 38.70
CGD CLA HB . -18.17 -4.67 38.07
O1D CLA HB . -19.22 -4.43 37.56
O2D CLA HB . -17.64 -5.89 38.15
CED CLA HB . -18.41 -6.96 37.55
C1 CLA HB . -11.25 -4.48 41.66
C2 CLA HB . -10.55 -3.39 40.94
C3 CLA HB . -10.58 -2.13 41.37
C4 CLA HB . -11.32 -1.68 42.59
C5 CLA HB . -9.83 -1.04 40.63
C6 CLA HB . -10.71 0.13 40.22
C7 CLA HB . -9.95 1.18 39.41
C8 CLA HB . -10.76 2.41 39.02
C9 CLA HB . -11.33 3.12 40.24
C10 CLA HB . -9.91 3.36 38.18
C11 CLA HB . -10.55 4.70 37.84
C12 CLA HB . -9.65 5.61 37.02
MG CLA IB . -7.68 -4.63 10.46
CHA CLA IB . -6.91 -6.20 7.56
CHB CLA IB . -4.68 -5.51 11.74
CHC CLA IB . -8.17 -2.34 12.98
CHD CLA IB . -10.57 -3.30 8.90
NA CLA IB . -6.13 -5.64 9.81
C1A CLA IB . -5.90 -6.18 8.55
C2A CLA IB . -4.52 -6.76 8.42
C3A CLA IB . -4.26 -7.11 9.86
C4A CLA IB . -5.04 -6.03 10.55
CMA CLA IB . -4.68 -8.52 10.27
CAA CLA IB . -3.60 -5.63 7.95
CBA CLA IB . -3.72 -5.26 6.47
CGA CLA IB . -2.93 -4.03 6.12
O1A CLA IB . -2.64 -3.16 6.89
O2A CLA IB . -2.60 -4.02 4.83
NB CLA IB . -6.62 -4.06 12.01
C1B CLA IB . -5.36 -4.51 12.44
C2B CLA IB . -4.97 -3.85 13.62
C3B CLA IB . -6.01 -3.02 14.01
C4B CLA IB . -7.01 -3.07 13.02
CMB CLA IB . -3.69 -4.06 14.36
CAB CLA IB . -6.11 -2.22 15.24
CBB CLA IB . -6.95 -2.39 16.23
NC CLA IB . -9.04 -3.27 10.89
C1C CLA IB . -9.08 -2.44 11.98
C2C CLA IB . -10.31 -1.60 12.00
C3C CLA IB . -11.05 -1.93 10.90
C4C CLA IB . -10.27 -2.87 10.15
CMC CLA IB . -10.68 -0.61 13.06
CAC CLA IB . -12.40 -1.42 10.52
CBC CLA IB . -13.53 -2.08 11.27
ND CLA IB . -8.59 -4.71 8.73
C1D CLA IB . -9.78 -4.18 8.18
C2D CLA IB . -9.97 -4.68 6.89
C3D CLA IB . -8.87 -5.52 6.59
C4D CLA IB . -8.07 -5.49 7.73
CMD CLA IB . -11.12 -4.36 5.98
CAD CLA IB . -8.25 -6.40 5.61
OBD CLA IB . -8.67 -6.74 4.52
CBD CLA IB . -6.94 -6.85 6.18
CGD CLA IB . -6.89 -8.38 6.21
O1D CLA IB . -6.05 -9.06 5.69
O2D CLA IB . -7.93 -8.87 6.87
CED CLA IB . -8.04 -10.32 6.88
C1 CLA IB . -1.83 -2.87 4.39
C2 CLA IB . -2.77 -1.87 3.80
C3 CLA IB . -2.87 -0.64 4.29
C4 CLA IB . -2.08 -0.13 5.46
C5 CLA IB . -3.84 0.35 3.68
C6 CLA IB . -4.05 1.61 4.52
C7 CLA IB . -4.99 2.63 3.88
C8 CLA IB . -4.46 3.31 2.62
C9 CLA IB . -5.01 2.67 1.35
C10 CLA IB . -4.73 4.81 2.65
C11 CLA IB . -6.21 5.19 2.66
C12 CLA IB . -6.47 6.69 2.55
C13 CLA IB . -6.05 7.52 3.75
C14 CLA IB . -6.41 6.85 5.08
C15 CLA IB . -6.69 8.92 3.66
C16 CLA IB . -6.00 9.87 2.70
C17 CLA IB . -5.02 10.82 3.40
C18 CLA IB . -5.63 12.05 4.01
C19 CLA IB . -4.67 12.77 4.93
C20 CLA IB . -6.13 13.00 2.93
MG CLA JB . -5.81 11.90 -1.92
CHA CLA JB . -5.02 15.18 -1.74
CHB CLA JB . -7.89 12.52 -4.50
CHC CLA JB . -5.93 8.52 -2.53
CHD CLA JB . -3.21 11.22 0.40
NA CLA JB . -6.34 13.51 -2.91
C1A CLA JB . -5.90 14.82 -2.77
C2A CLA JB . -6.50 15.79 -3.75
C3A CLA JB . -7.66 14.99 -4.28
C4A CLA JB . -7.31 13.58 -3.90
CMA CLA JB . -9.02 15.44 -3.75
CAA CLA JB . -5.45 16.13 -4.81
CBA CLA JB . -4.71 14.93 -5.42
CGA CLA JB . -4.05 15.24 -6.73
O1A CLA JB . -4.18 16.27 -7.34
O2A CLA JB . -3.29 14.23 -7.15
NB CLA JB . -6.77 10.80 -3.20
C1B CLA JB . -7.66 11.18 -4.23
C2B CLA JB . -8.22 10.05 -4.84
C3B CLA JB . -7.68 8.91 -4.27
C4B CLA JB . -6.75 9.33 -3.30
CMB CLA JB . -9.24 10.07 -5.94
CAB CLA JB . -7.98 7.51 -4.59
CBB CLA JB . -7.68 6.83 -5.66
NC CLA JB . -4.91 10.31 -1.20
C1C CLA JB . -5.10 8.99 -1.57
C2C CLA JB . -4.30 8.05 -0.75
C3C CLA JB . -3.59 8.80 0.14
C4C CLA JB . -3.86 10.18 -0.16
CMC CLA JB . -4.30 6.56 -0.86
CAC CLA JB . -2.68 8.31 1.23
CBC CLA JB . -1.25 8.17 0.77
ND CLA JB . -4.47 12.87 -0.88
C1D CLA JB . -3.47 12.54 0.07
C2D CLA JB . -2.86 13.70 0.55
C3D CLA JB . -3.45 14.80 -0.12
C4D CLA JB . -4.41 14.25 -0.97
CMD CLA JB . -1.77 13.76 1.58
CAD CLA JB . -3.48 16.25 -0.28
OBD CLA JB . -2.83 17.09 0.30
CBD CLA JB . -4.52 16.56 -1.32
CGD CLA JB . -5.62 17.43 -0.71
O1D CLA JB . -6.73 17.07 -0.48
O2D CLA JB . -5.17 18.66 -0.45
CED CLA JB . -6.13 19.57 0.14
C1 CLA JB . -2.63 14.40 -8.43
C2 CLA JB . -3.22 13.42 -9.39
C3 CLA JB . -2.71 13.23 -10.61
C4 CLA JB . -3.29 12.25 -11.58
C5 CLA JB . -1.52 14.00 -11.10
C8 A1L1F KB . -3.95 -6.67 17.50
C5 A1L1F KB . -3.25 -6.63 20.59
C4 A1L1F KB . -5.31 -6.00 17.46
C6 A1L1F KB . -3.43 -5.42 19.66
C10 A1L1F KB . -7.21 -5.04 18.77
C11 A1L1F KB . -5.88 -5.75 18.86
C2 A1L1F KB . -5.56 -2.86 21.04
C3 A1L1F KB . -2.96 -5.78 18.23
C1 A1L1F KB . -4.85 -4.96 19.65
C12 A1L1F KB . -2.50 -4.30 20.14
C14 A1L1F KB . -9.19 13.27 29.05
C17 A1L1F KB . -11.87 14.98 29.03
C18 A1L1F KB . -7.45 14.30 31.05
C19 A1L1F KB . -6.85 15.53 28.99
C20 A1L1F KB . -10.51 15.58 29.25
C21 A1L1F KB . -10.55 17.02 29.71
C22 A1L1F KB . -9.14 17.59 29.89
C23 A1L1F KB . -8.31 16.62 30.71
C24 A1L1F KB . -7.97 15.30 30.01
C25 A1L1F KB . -9.21 14.75 29.33
C26 A1L1F KB . -9.82 10.15 30.86
C27 A1L1F KB . -9.86 6.06 27.45
C28 A1L1F KB . -6.41 3.83 21.24
C29 A1L1F KB . -9.92 12.33 29.64
C30 A1L1F KB . -9.72 10.91 29.57
C31 A1L1F KB . -9.45 10.34 28.36
C32 A1L1F KB . -9.53 8.94 28.03
C33 A1L1F KB . -9.22 8.42 26.84
C34 A1L1F KB . -9.26 7.01 26.47
C35 A1L1F KB . -8.65 6.61 25.33
C36 A1L1F KB . -8.43 5.27 24.91
C37 A1L1F KB . -7.79 4.90 23.77
C38 A1L1F KB . -7.58 3.52 23.44
C39 A1L1F KB . -6.95 3.00 22.36
C40 A1L1F KB . -6.70 1.57 22.33
C41 A1L1F KB . -6.13 0.83 21.37
C42 A1L1F KB . -5.98 -0.58 21.53
C43 A1L1F KB . -5.25 -1.14 19.19
C44 A1L1F KB . -5.59 -1.50 20.62
C45 A1L1F KB . -9.03 10.56 33.02
C47 A1L1F KB . -7.84 10.95 33.84
C48 A1L1F KB . -8.00 12.28 34.58
C49 A1L1F KB . -8.99 12.22 35.73
C50 A1L1F KB . -9.05 13.49 36.56
C51 A1L1F KB . -9.96 13.39 37.77
C52 A1L1F KB . -9.96 14.63 38.65
C53 A1L1F KB . -10.85 14.50 39.86
C54 A1L1F KB . -3.52 -8.03 15.56
C56 A1L1F KB . -3.03 -7.99 14.16
C57 A1L1F KB . -5.20 -3.90 20.32
O13 A1L1F KB . -8.74 10.53 31.72
O15 A1L1F KB . -9.58 15.44 28.13
O16 A1L1F KB . -9.23 18.85 30.56
O46 A1L1F KB . -10.11 10.29 33.47
O55 A1L1F KB . -3.91 -9.00 16.15
O7 A1L1F KB . -3.48 -6.81 16.12
O9 A1L1F KB . -6.07 -7.04 19.45
C1 XAT LB . -12.70 16.56 15.11
C2 XAT LB . -11.49 17.48 14.84
C3 XAT LB . -10.41 17.44 15.89
C4 XAT LB . -9.78 16.06 15.93
C5 XAT LB . -10.83 14.97 16.03
C6 XAT LB . -12.23 15.25 15.68
C7 XAT LB . -13.11 14.06 15.37
C8 XAT LB . -13.84 13.44 16.29
C9 XAT LB . -14.75 12.32 16.21
C10 XAT LB . -15.43 11.97 17.34
C11 XAT LB . -16.46 11.00 17.48
C12 XAT LB . -17.10 10.87 18.65
C13 XAT LB . -18.18 9.96 18.98
C14 XAT LB . -18.75 10.07 20.21
C15 XAT LB . -19.85 9.36 20.74
C16 XAT LB . -13.49 16.38 13.82
C17 XAT LB . -13.63 17.26 16.12
C18 XAT LB . -10.26 13.57 16.10
C19 XAT LB . -14.97 11.66 14.88
C20 XAT LB . -18.65 8.97 17.95
O3 XAT LB . -9.39 18.41 15.60
O4 XAT LB . -11.81 15.29 17.08
C21 XAT LB . -28.93 5.85 29.51
C22 XAT LB . -29.71 4.88 30.43
C23 XAT LB . -29.87 3.49 29.84
C24 XAT LB . -28.51 2.83 29.75
C25 XAT LB . -27.50 3.71 29.06
C26 XAT LB . -27.73 5.16 28.95
C27 XAT LB . -26.50 6.02 28.75
C28 XAT LB . -26.01 6.39 27.58
C29 XAT LB . -24.85 7.21 27.35
C30 XAT LB . -24.46 7.46 26.06
C31 XAT LB . -23.35 8.24 25.64
C32 XAT LB . -22.95 8.34 24.36
C33 XAT LB . -21.82 9.11 23.88
C34 XAT LB . -21.41 8.95 22.61
C35 XAT LB . -20.30 9.60 21.98
C36 XAT LB . -29.87 6.36 28.41
C37 XAT LB . -28.50 7.07 30.34
C38 XAT LB . -26.12 3.11 28.96
C39 XAT LB . -24.09 7.73 28.54
C40 XAT LB . -21.15 10.03 24.86
O23 XAT LB . -30.73 2.71 30.68
O24 XAT LB . -28.01 4.28 27.82
C1 XAT MB . 2.93 15.46 0.36
C2 XAT MB . 4.11 16.37 -0.03
C3 XAT MB . 4.60 17.29 1.07
C4 XAT MB . 5.18 16.45 2.20
C5 XAT MB . 4.25 15.34 2.61
C6 XAT MB . 3.16 14.90 1.74
C7 XAT MB . 2.62 13.50 1.97
C8 XAT MB . 1.63 13.21 2.80
C9 XAT MB . 1.04 11.92 3.08
C10 XAT MB . 0.05 11.84 4.01
C11 XAT MB . -0.70 10.69 4.38
C12 XAT MB . -1.67 10.74 5.30
C13 XAT MB . -2.51 9.63 5.74
C14 XAT MB . -3.48 9.87 6.65
C15 XAT MB . -4.43 8.95 7.15
C16 XAT MB . 2.78 14.36 -0.68
C17 XAT MB . 1.64 16.29 0.34
C18 XAT MB . 4.81 14.46 3.73
C19 XAT MB . 1.53 10.73 2.29
C20 XAT MB . -2.28 8.29 5.11
O3 XAT MB . 5.62 18.16 0.56
O4 XAT MB . 2.90 15.81 2.84
C21 XAT MB . -15.05 3.31 11.24
C22 XAT MB . -16.01 2.26 11.85
C23 XAT MB . -15.32 1.04 12.40
C24 XAT MB . -14.45 1.42 13.58
C25 XAT MB . -13.54 2.58 13.26
C26 XAT MB . -13.83 3.46 12.11
C27 XAT MB . -13.19 4.82 12.13
C28 XAT MB . -12.05 5.12 11.53
C29 XAT MB . -11.33 6.39 11.45
C30 XAT MB . -10.19 6.43 10.73
C31 XAT MB . -9.34 7.56 10.53
C32 XAT MB . -8.24 7.49 9.76
C33 XAT MB . -7.31 8.57 9.46
C34 XAT MB . -6.34 8.35 8.55
C35 XAT MB . -5.38 9.28 8.07
C36 XAT MB . -15.80 4.64 11.09
C37 XAT MB . -14.65 2.86 9.82
C38 XAT MB . -12.65 3.02 14.40
C39 XAT MB . -11.91 7.57 12.16
C40 XAT MB . -7.52 9.89 10.14
O23 XAT MB . -16.29 0.07 12.82
O24 XAT MB . -12.85 2.39 11.99
C1 XAT NB . -23.68 27.43 28.91
C2 XAT NB . -23.69 28.65 27.96
C3 XAT NB . -22.30 29.23 27.70
C4 XAT NB . -21.45 28.22 26.96
C5 XAT NB . -21.57 26.82 27.52
C6 XAT NB . -22.64 26.46 28.46
C7 XAT NB . -23.03 25.00 28.48
C8 XAT NB . -22.69 24.12 29.41
C9 XAT NB . -23.06 22.72 29.45
C10 XAT NB . -22.59 21.93 30.43
C11 XAT NB . -22.81 20.53 30.62
C12 XAT NB . -22.20 19.80 31.56
C13 XAT NB . -22.37 18.37 31.78
C14 XAT NB . -21.39 17.69 32.42
C15 XAT NB . -21.29 16.27 32.58
C16 XAT NB . -25.08 26.80 28.92
C17 XAT NB . -23.38 27.90 30.33
C18 XAT NB . -20.83 25.77 26.69
C19 XAT NB . -23.94 22.20 28.34
C20 XAT NB . -23.56 17.71 31.17
O3 XAT NB . -22.42 30.42 26.93
O4 XAT NB . -21.29 26.74 28.96
C21 XAT NB . -18.22 4.14 34.68
C22 XAT NB . -17.66 2.70 34.71
C23 XAT NB . -17.67 2.02 33.36
C24 XAT NB . -16.73 2.74 32.40
C25 XAT NB . -16.83 4.25 32.49
C26 XAT NB . -17.55 4.90 33.58
C27 XAT NB . -17.11 6.31 33.89
C28 XAT NB . -17.86 7.40 33.73
C29 XAT NB . -17.48 8.78 33.99
C30 XAT NB . -18.40 9.75 33.77
C31 XAT NB . -18.23 11.16 33.91
C32 XAT NB . -19.19 12.04 33.64
C33 XAT NB . -19.13 13.49 33.73
C34 XAT NB . -20.15 14.23 33.26
C35 XAT NB . -20.23 15.64 33.15
C36 XAT NB . -19.73 4.09 34.48
C37 XAT NB . -17.96 4.80 36.04
C38 XAT NB . -15.77 4.96 31.69
C39 XAT NB . -16.10 9.06 34.50
C40 XAT NB . -17.87 14.10 34.28
O23 XAT NB . -17.24 0.66 33.50
O24 XAT NB . -18.18 4.75 32.28
#